data_7CNT
#
_entry.id   7CNT
#
_cell.length_a   118.885
_cell.length_b   125.916
_cell.length_c   144.129
_cell.angle_alpha   90.000
_cell.angle_beta   90.000
_cell.angle_gamma   90.000
#
_symmetry.space_group_name_H-M   'P 2 21 21'
#
loop_
_entity.id
_entity.type
_entity.pdbx_description
1 polymer '2,5-dihydroxypyridine 5,6-dioxygenase'
2 non-polymer 'FE (II) ION'
3 water water
#
_entity_poly.entity_id   1
_entity_poly.type   'polypeptide(L)'
_entity_poly.pdbx_seq_one_letter_code
;(MSE)PVSNAQLTQ(MSE)FEHVLKLSRVDETQSVAVLKSHYSDPRTVNAA(MSE)EAAQRLKAKVYAVELPAFNHPTA
(MSE)GND(MSE)TAYCGDTALTGNLAAQRALEAADLVVDT(MSE)(MSE)LLHSPEQEQILKTGTRILLAVEPPEVLAR
(MSE)LPTEDDKRRVLAAETLLKQARSLHVRSKAGSDFHAPLGQYPAVTEYGYADEPGRWDHWPSGFLFTWPNEDSAEGT
LVLDVGDIILPFKNYCRERITLEIEKGFITGIHGGFEAEYLRDY(MSE)KYFNDPEVYGISHIGWGLQPRAQWTA(MSE)
GLHDRNDG(MSE)C(MSE)DARAFYGNFLFSTGPNTEVGGKRKTPCHLDIPLRNCDIYLDDKAVVLAGDVVAPEESRARK
LAAALEHHHHHH
;
_entity_poly.pdbx_strand_id   A,B,C,D,E,F
#
loop_
_chem_comp.id
_chem_comp.type
_chem_comp.name
_chem_comp.formula
FE2 non-polymer 'FE (II) ION' 'Fe 2'
#
# COMPACT_ATOMS: atom_id res chain seq x y z
N PRO A 2 7.88 -13.85 15.58
CA PRO A 2 8.25 -13.62 14.17
C PRO A 2 9.48 -12.71 13.97
N VAL A 3 9.84 -12.48 12.71
CA VAL A 3 11.10 -11.82 12.38
C VAL A 3 10.82 -10.40 11.92
N SER A 4 11.50 -9.44 12.56
CA SER A 4 11.41 -8.02 12.25
C SER A 4 12.13 -7.74 10.98
N ASN A 5 11.86 -6.59 10.37
CA ASN A 5 12.64 -6.13 9.24
C ASN A 5 14.12 -6.02 9.54
N ALA A 6 14.40 -5.50 10.73
CA ALA A 6 15.75 -5.29 11.18
C ALA A 6 16.54 -6.60 11.16
N GLN A 7 15.98 -7.57 11.87
CA GLN A 7 16.55 -8.89 11.98
C GLN A 7 16.66 -9.56 10.63
N LEU A 8 15.64 -9.41 9.81
CA LEU A 8 15.69 -10.03 8.50
C LEU A 8 16.82 -9.44 7.70
N THR A 9 17.06 -8.12 7.82
CA THR A 9 18.14 -7.53 7.04
C THR A 9 19.47 -8.10 7.52
N GLN A 10 19.64 -8.14 8.84
CA GLN A 10 20.86 -8.70 9.44
C GLN A 10 21.17 -10.15 9.06
N MSE A 11 20.12 -10.93 8.79
CA MSE A 11 20.26 -12.37 8.44
C MSE A 11 20.77 -12.44 7.04
O MSE A 11 21.57 -13.26 6.73
CB MSE A 11 18.96 -13.15 8.52
CG MSE A 11 18.63 -13.64 9.94
SE MSE A 11 16.69 -14.03 10.19
CE MSE A 11 16.40 -14.84 8.43
N PHE A 12 20.25 -11.61 6.16
CA PHE A 12 20.71 -11.60 4.80
C PHE A 12 22.18 -11.14 4.72
N GLU A 13 22.65 -10.33 5.65
CA GLU A 13 24.06 -9.91 5.67
C GLU A 13 24.93 -11.13 5.96
N HIS A 14 24.54 -11.82 7.01
CA HIS A 14 25.18 -13.04 7.39
C HIS A 14 25.24 -13.94 6.19
N VAL A 15 24.11 -14.22 5.57
CA VAL A 15 24.06 -15.22 4.50
C VAL A 15 24.86 -14.76 3.25
N LEU A 16 24.87 -13.47 2.95
CA LEU A 16 25.51 -12.96 1.73
C LEU A 16 27.02 -12.84 1.94
N LYS A 17 27.42 -12.48 3.15
CA LYS A 17 28.80 -12.59 3.55
C LYS A 17 29.33 -14.03 3.30
N LEU A 18 28.67 -15.05 3.86
CA LEU A 18 29.03 -16.42 3.58
C LEU A 18 28.96 -16.74 2.10
N SER A 19 28.08 -16.09 1.34
CA SER A 19 28.14 -16.25 -0.09
C SER A 19 29.22 -15.42 -0.82
N ARG A 20 30.11 -14.85 -0.01
N ARG A 20 30.16 -14.86 -0.05
CA ARG A 20 31.28 -14.08 -0.45
CA ARG A 20 31.29 -14.10 -0.58
C ARG A 20 30.95 -12.79 -1.24
C ARG A 20 30.94 -12.77 -1.27
N VAL A 21 29.99 -12.05 -0.68
CA VAL A 21 29.53 -10.75 -1.24
C VAL A 21 30.22 -9.61 -0.49
N ASP A 22 30.81 -8.71 -1.24
CA ASP A 22 31.54 -7.59 -0.69
C ASP A 22 31.71 -6.55 -1.81
N GLU A 23 32.51 -5.51 -1.60
CA GLU A 23 32.68 -4.41 -2.60
C GLU A 23 33.03 -4.84 -4.04
N THR A 24 33.62 -6.01 -4.23
CA THR A 24 34.02 -6.40 -5.59
C THR A 24 32.86 -6.99 -6.40
N GLN A 25 31.80 -7.40 -5.69
CA GLN A 25 30.73 -8.19 -6.28
C GLN A 25 29.52 -7.36 -6.67
N SER A 26 28.86 -7.86 -7.70
CA SER A 26 27.54 -7.44 -8.08
C SER A 26 26.48 -8.47 -7.66
N VAL A 27 25.44 -8.00 -6.97
CA VAL A 27 24.25 -8.81 -6.68
C VAL A 27 23.04 -8.34 -7.45
N ALA A 28 22.37 -9.29 -8.12
CA ALA A 28 21.08 -9.06 -8.76
C ALA A 28 20.00 -9.75 -7.89
N VAL A 29 18.93 -9.05 -7.53
CA VAL A 29 17.82 -9.65 -6.79
C VAL A 29 16.72 -9.86 -7.76
N LEU A 30 16.33 -11.12 -7.93
CA LEU A 30 15.32 -11.53 -8.87
C LEU A 30 13.98 -11.70 -8.20
N LYS A 31 12.97 -11.15 -8.83
CA LYS A 31 11.63 -11.17 -8.23
C LYS A 31 10.51 -11.12 -9.21
N SER A 32 9.31 -11.40 -8.71
CA SER A 32 8.07 -11.22 -9.45
C SER A 32 6.98 -10.71 -8.49
N HIS A 33 5.80 -10.42 -9.02
CA HIS A 33 4.73 -9.71 -8.30
C HIS A 33 4.39 -10.42 -6.97
N TYR A 34 4.46 -11.75 -7.01
CA TYR A 34 4.28 -12.62 -5.85
C TYR A 34 5.50 -12.82 -4.94
N SER A 35 6.64 -12.16 -5.17
CA SER A 35 7.80 -12.34 -4.32
C SER A 35 7.54 -11.56 -3.06
N ASP A 36 7.89 -12.12 -1.89
CA ASP A 36 7.77 -11.41 -0.60
C ASP A 36 8.57 -10.12 -0.55
N PRO A 37 7.89 -8.95 -0.50
CA PRO A 37 8.66 -7.69 -0.56
C PRO A 37 9.60 -7.50 0.62
N ARG A 38 9.28 -8.07 1.76
CA ARG A 38 10.15 -7.90 2.90
C ARG A 38 11.47 -8.59 2.63
N THR A 39 11.39 -9.74 2.01
CA THR A 39 12.60 -10.51 1.67
C THR A 39 13.38 -9.80 0.57
N VAL A 40 12.70 -9.33 -0.46
CA VAL A 40 13.31 -8.47 -1.47
C VAL A 40 13.99 -7.25 -0.87
N ASN A 41 13.34 -6.56 0.06
CA ASN A 41 13.93 -5.34 0.58
C ASN A 41 15.17 -5.70 1.36
N ALA A 42 15.01 -6.70 2.21
CA ALA A 42 16.07 -7.09 3.10
C ALA A 42 17.35 -7.50 2.32
N ALA A 43 17.19 -8.27 1.25
CA ALA A 43 18.29 -8.62 0.34
C ALA A 43 18.92 -7.39 -0.35
N MSE A 44 18.11 -6.50 -0.94
CA MSE A 44 18.61 -5.23 -1.51
C MSE A 44 19.40 -4.44 -0.46
O MSE A 44 20.57 -4.02 -0.70
CB MSE A 44 17.44 -4.36 -2.02
CG MSE A 44 16.72 -4.86 -3.28
SE MSE A 44 17.94 -4.90 -4.81
CE MSE A 44 17.53 -3.07 -5.48
N GLU A 45 18.80 -4.25 0.71
CA GLU A 45 19.46 -3.51 1.78
C GLU A 45 20.77 -4.23 2.12
N ALA A 46 20.70 -5.51 2.46
CA ALA A 46 21.90 -6.18 2.99
C ALA A 46 23.08 -6.12 2.03
N ALA A 47 22.84 -6.24 0.73
CA ALA A 47 23.95 -6.18 -0.24
C ALA A 47 24.56 -4.78 -0.35
N GLN A 48 23.75 -3.75 -0.15
CA GLN A 48 24.32 -2.40 -0.03
C GLN A 48 25.15 -2.25 1.24
N ARG A 49 24.62 -2.69 2.37
CA ARG A 49 25.35 -2.57 3.63
C ARG A 49 26.69 -3.22 3.44
N LEU A 50 26.81 -4.17 2.52
CA LEU A 50 28.05 -4.92 2.36
C LEU A 50 28.94 -4.34 1.27
N LYS A 51 28.56 -3.16 0.76
CA LYS A 51 29.31 -2.43 -0.27
C LYS A 51 29.20 -3.02 -1.68
N ALA A 52 28.33 -4.00 -1.88
CA ALA A 52 28.13 -4.56 -3.21
C ALA A 52 27.34 -3.60 -4.02
N LYS A 53 27.42 -3.74 -5.33
CA LYS A 53 26.53 -3.05 -6.23
C LYS A 53 25.33 -3.92 -6.46
N VAL A 54 24.15 -3.31 -6.56
CA VAL A 54 22.92 -4.06 -6.64
C VAL A 54 21.90 -3.45 -7.52
N TYR A 55 21.08 -4.35 -8.07
CA TYR A 55 19.90 -4.03 -8.80
C TYR A 55 18.91 -5.13 -8.63
N ALA A 56 17.68 -4.86 -8.97
CA ALA A 56 16.67 -5.90 -8.92
C ALA A 56 16.23 -6.09 -10.31
N VAL A 57 15.86 -7.33 -10.63
CA VAL A 57 15.23 -7.65 -11.91
C VAL A 57 13.87 -8.25 -11.63
N GLU A 58 12.82 -7.67 -12.21
CA GLU A 58 11.46 -8.16 -12.02
C GLU A 58 10.98 -8.73 -13.31
N LEU A 59 10.58 -9.99 -13.24
CA LEU A 59 10.04 -10.67 -14.37
C LEU A 59 8.55 -10.80 -14.15
N PRO A 60 7.77 -10.71 -15.22
CA PRO A 60 6.38 -11.06 -15.05
C PRO A 60 6.24 -12.54 -14.76
N ALA A 61 5.19 -12.88 -14.03
CA ALA A 61 4.96 -14.25 -13.63
C ALA A 61 4.57 -15.09 -14.86
N PHE A 62 4.98 -16.34 -14.81
CA PHE A 62 4.71 -17.27 -15.86
C PHE A 62 3.85 -18.34 -15.30
N ASN A 63 2.80 -18.68 -16.02
CA ASN A 63 1.83 -19.62 -15.52
C ASN A 63 1.62 -20.76 -16.46
N HIS A 64 1.81 -21.98 -15.99
CA HIS A 64 1.58 -23.17 -16.81
C HIS A 64 0.11 -23.51 -16.70
N PRO A 65 -0.63 -23.44 -17.82
CA PRO A 65 -2.11 -23.45 -17.71
C PRO A 65 -2.68 -24.68 -16.99
N THR A 66 -1.98 -25.81 -17.08
CA THR A 66 -2.44 -27.06 -16.48
C THR A 66 -1.91 -27.29 -15.05
N ALA A 67 -1.05 -26.41 -14.57
CA ALA A 67 -0.54 -26.51 -13.20
C ALA A 67 -1.67 -26.36 -12.19
N MSE A 68 -1.54 -27.07 -11.07
CA MSE A 68 -2.48 -26.98 -9.96
C MSE A 68 -1.84 -26.59 -8.67
O MSE A 68 -0.75 -27.01 -8.36
CB MSE A 68 -3.07 -28.37 -9.78
CG MSE A 68 -3.83 -28.80 -11.01
SE MSE A 68 -5.04 -30.28 -10.55
CE MSE A 68 -3.77 -31.77 -10.54
N GLY A 69 -2.51 -25.75 -7.89
CA GLY A 69 -1.94 -25.29 -6.61
C GLY A 69 -0.89 -24.22 -6.82
N ASN A 70 -0.32 -23.72 -5.71
CA ASN A 70 0.59 -22.56 -5.77
C ASN A 70 2.02 -22.84 -5.37
N ASP A 71 2.37 -24.11 -5.18
CA ASP A 71 3.76 -24.54 -5.06
C ASP A 71 4.29 -24.69 -6.50
N MSE A 72 5.39 -24.03 -6.80
CA MSE A 72 5.93 -24.00 -8.18
C MSE A 72 6.85 -25.14 -8.54
O MSE A 72 7.21 -25.32 -9.71
CB MSE A 72 6.68 -22.70 -8.41
CG MSE A 72 5.75 -21.53 -8.17
SE MSE A 72 6.59 -19.84 -8.74
CE MSE A 72 7.54 -20.37 -10.37
N THR A 73 7.25 -25.93 -7.54
CA THR A 73 7.98 -27.18 -7.78
C THR A 73 7.05 -28.26 -8.35
N ALA A 74 5.74 -28.07 -8.19
CA ALA A 74 4.70 -28.98 -8.71
C ALA A 74 4.62 -29.09 -10.25
N TYR A 75 5.15 -28.07 -10.94
CA TYR A 75 5.21 -28.03 -12.41
C TYR A 75 6.56 -27.42 -12.88
N CYS A 76 7.47 -28.28 -13.34
CA CYS A 76 8.78 -27.88 -13.82
C CYS A 76 8.87 -27.91 -15.34
N GLY A 77 8.18 -26.99 -16.00
CA GLY A 77 8.26 -26.85 -17.47
C GLY A 77 9.13 -25.67 -17.88
N ASP A 78 8.58 -24.81 -18.74
CA ASP A 78 9.16 -23.50 -18.99
C ASP A 78 9.18 -22.65 -17.70
N THR A 79 9.96 -21.58 -17.70
CA THR A 79 9.90 -20.63 -16.59
C THR A 79 9.70 -19.27 -17.20
N ALA A 80 9.72 -18.24 -16.37
CA ALA A 80 9.63 -16.87 -16.86
C ALA A 80 10.87 -16.45 -17.67
N LEU A 81 11.93 -17.27 -17.65
CA LEU A 81 13.16 -17.03 -18.45
C LEU A 81 13.17 -17.71 -19.80
N THR A 82 12.28 -18.66 -19.99
CA THR A 82 12.15 -19.35 -21.28
C THR A 82 11.81 -18.40 -22.42
N GLY A 83 12.75 -18.25 -23.34
CA GLY A 83 12.60 -17.33 -24.47
C GLY A 83 13.04 -15.90 -24.14
N ASN A 84 13.35 -15.62 -22.87
CA ASN A 84 13.72 -14.24 -22.47
C ASN A 84 15.21 -14.11 -22.27
N LEU A 85 15.92 -14.02 -23.39
CA LEU A 85 17.37 -14.00 -23.41
C LEU A 85 17.92 -12.75 -22.74
N ALA A 86 17.25 -11.62 -22.94
CA ALA A 86 17.74 -10.36 -22.40
C ALA A 86 17.71 -10.43 -20.89
N ALA A 87 16.64 -10.95 -20.35
CA ALA A 87 16.54 -11.12 -18.93
C ALA A 87 17.60 -12.08 -18.41
N GLN A 88 17.84 -13.18 -19.15
CA GLN A 88 18.92 -14.10 -18.77
C GLN A 88 20.29 -13.40 -18.75
N ARG A 89 20.55 -12.58 -19.75
CA ARG A 89 21.78 -11.79 -19.73
C ARG A 89 21.78 -10.81 -18.56
N ALA A 90 20.60 -10.31 -18.17
CA ALA A 90 20.54 -9.27 -17.12
C ALA A 90 21.00 -9.93 -15.86
N LEU A 91 20.68 -11.21 -15.74
CA LEU A 91 21.11 -12.02 -14.60
C LEU A 91 22.57 -12.54 -14.73
N GLU A 92 23.04 -12.82 -15.94
CA GLU A 92 24.47 -13.26 -16.11
C GLU A 92 25.46 -12.13 -15.85
N ALA A 93 25.04 -10.89 -16.06
CA ALA A 93 25.86 -9.72 -15.73
C ALA A 93 26.34 -9.67 -14.27
N ALA A 94 25.60 -10.33 -13.39
CA ALA A 94 25.91 -10.27 -11.97
C ALA A 94 26.72 -11.48 -11.50
N ASP A 95 27.45 -11.27 -10.42
CA ASP A 95 28.28 -12.28 -9.78
C ASP A 95 27.45 -13.25 -8.95
N LEU A 96 26.44 -12.72 -8.25
CA LEU A 96 25.53 -13.47 -7.40
C LEU A 96 24.08 -12.98 -7.60
N VAL A 97 23.17 -13.93 -7.84
CA VAL A 97 21.75 -13.66 -7.98
C VAL A 97 21.00 -14.19 -6.77
N VAL A 98 20.15 -13.37 -6.15
CA VAL A 98 19.29 -13.84 -5.09
C VAL A 98 17.93 -14.12 -5.73
N ASP A 99 17.50 -15.36 -5.72
CA ASP A 99 16.28 -15.75 -6.43
C ASP A 99 15.10 -15.80 -5.44
N THR A 100 14.19 -14.82 -5.57
CA THR A 100 13.12 -14.70 -4.63
C THR A 100 11.86 -15.12 -5.30
N MSE A 101 11.96 -15.63 -6.53
CA MSE A 101 10.75 -16.02 -7.26
C MSE A 101 10.78 -17.47 -7.60
O MSE A 101 9.80 -17.98 -8.12
CB MSE A 101 10.55 -15.19 -8.53
CG MSE A 101 11.56 -15.51 -9.64
SE MSE A 101 11.11 -14.45 -11.26
CE MSE A 101 9.83 -15.76 -12.00
N MSE A 102 11.87 -18.16 -7.29
CA MSE A 102 12.01 -19.60 -7.53
C MSE A 102 12.02 -19.94 -8.99
O MSE A 102 11.05 -20.48 -9.54
CB MSE A 102 10.94 -20.41 -6.81
CG MSE A 102 11.45 -21.83 -6.65
SE MSE A 102 10.00 -22.89 -5.87
CE MSE A 102 8.81 -21.53 -5.03
N LEU A 103 13.13 -19.61 -9.62
CA LEU A 103 13.37 -20.02 -10.98
C LEU A 103 13.61 -21.50 -10.94
N LEU A 104 12.78 -22.24 -11.66
CA LEU A 104 12.92 -23.69 -11.77
C LEU A 104 14.16 -24.01 -12.57
N HIS A 105 14.59 -25.26 -12.45
CA HIS A 105 15.80 -25.67 -13.08
C HIS A 105 15.49 -25.85 -14.56
N SER A 106 16.35 -25.30 -15.41
CA SER A 106 16.05 -25.22 -16.85
C SER A 106 17.33 -24.91 -17.64
N PRO A 107 17.32 -25.13 -18.96
CA PRO A 107 18.52 -24.81 -19.78
C PRO A 107 19.04 -23.37 -19.59
N GLU A 108 18.14 -22.48 -19.15
CA GLU A 108 18.46 -21.08 -18.94
C GLU A 108 19.19 -20.90 -17.61
N GLN A 109 18.70 -21.55 -16.58
CA GLN A 109 19.32 -21.39 -15.30
C GLN A 109 20.70 -22.01 -15.26
N GLU A 110 20.83 -23.18 -15.88
CA GLU A 110 22.12 -23.85 -16.05
C GLU A 110 23.07 -22.97 -16.84
N GLN A 111 22.65 -22.42 -17.98
CA GLN A 111 23.51 -21.49 -18.74
C GLN A 111 24.02 -20.35 -17.86
N ILE A 112 23.14 -19.76 -17.07
CA ILE A 112 23.56 -18.67 -16.21
C ILE A 112 24.71 -19.18 -15.38
N LEU A 113 24.53 -20.34 -14.80
CA LEU A 113 25.53 -20.85 -13.90
C LEU A 113 26.88 -21.09 -14.60
N LYS A 114 26.87 -21.37 -15.88
CA LYS A 114 28.12 -21.64 -16.61
C LYS A 114 28.98 -20.40 -16.77
N THR A 115 28.34 -19.22 -16.88
CA THR A 115 29.07 -17.93 -16.95
C THR A 115 29.84 -17.63 -15.66
N GLY A 116 29.65 -18.47 -14.65
CA GLY A 116 30.39 -18.29 -13.42
C GLY A 116 29.52 -17.61 -12.42
N THR A 117 28.35 -17.17 -12.86
CA THR A 117 27.36 -16.62 -11.96
C THR A 117 26.93 -17.70 -10.95
N ARG A 118 26.87 -17.31 -9.69
CA ARG A 118 26.27 -18.16 -8.69
C ARG A 118 24.84 -17.67 -8.19
N ILE A 119 24.07 -18.58 -7.57
CA ILE A 119 22.63 -18.37 -7.32
C ILE A 119 22.24 -18.86 -5.93
N LEU A 120 21.56 -18.00 -5.18
CA LEU A 120 20.97 -18.33 -3.89
C LEU A 120 19.42 -18.18 -3.89
N LEU A 121 18.73 -19.29 -3.65
CA LEU A 121 17.29 -19.29 -3.62
C LEU A 121 16.91 -18.93 -2.21
N ALA A 122 15.94 -18.05 -2.08
CA ALA A 122 15.44 -17.63 -0.76
C ALA A 122 13.97 -17.21 -0.84
N VAL A 123 13.11 -18.15 -0.49
CA VAL A 123 11.66 -18.10 -0.72
C VAL A 123 10.80 -18.58 0.46
N GLU A 124 11.41 -19.31 1.40
CA GLU A 124 10.71 -19.75 2.59
C GLU A 124 10.43 -18.54 3.42
N PRO A 125 9.43 -18.62 4.31
CA PRO A 125 9.11 -17.48 5.15
C PRO A 125 10.22 -17.15 6.15
N PRO A 126 10.41 -15.88 6.42
CA PRO A 126 11.43 -15.39 7.31
C PRO A 126 11.69 -16.22 8.56
N GLU A 127 10.64 -16.72 9.18
CA GLU A 127 10.78 -17.49 10.42
C GLU A 127 11.53 -18.79 10.17
N VAL A 128 11.20 -19.42 9.06
CA VAL A 128 11.88 -20.63 8.62
C VAL A 128 13.32 -20.30 8.28
N LEU A 129 13.52 -19.18 7.58
CA LEU A 129 14.84 -18.78 7.18
C LEU A 129 15.69 -18.59 8.45
N ALA A 130 15.07 -18.09 9.50
CA ALA A 130 15.81 -17.81 10.71
C ALA A 130 16.16 -19.11 11.46
N ARG A 131 15.23 -20.06 11.50
CA ARG A 131 15.42 -21.33 12.24
C ARG A 131 16.55 -22.19 11.64
N MSE A 132 16.76 -22.14 10.32
CA MSE A 132 17.79 -22.94 9.68
C MSE A 132 18.77 -22.00 9.11
O MSE A 132 19.18 -22.16 7.97
CB MSE A 132 17.11 -23.79 8.62
CG MSE A 132 16.33 -24.98 9.23
SE MSE A 132 15.37 -26.05 7.86
CE MSE A 132 13.64 -25.14 7.85
N LEU A 133 19.15 -20.99 9.88
CA LEU A 133 20.14 -20.03 9.43
C LEU A 133 21.44 -20.77 9.06
N PRO A 134 21.98 -20.55 7.86
CA PRO A 134 23.18 -21.27 7.35
C PRO A 134 24.46 -21.15 8.19
N THR A 135 25.23 -22.22 8.35
CA THR A 135 26.52 -22.15 9.09
C THR A 135 27.61 -22.78 8.29
N GLU A 136 28.86 -22.41 8.58
CA GLU A 136 30.03 -22.96 7.87
C GLU A 136 30.13 -24.42 8.25
N ASP A 137 29.77 -24.74 9.49
CA ASP A 137 29.83 -26.10 9.99
C ASP A 137 28.95 -27.02 9.16
N ASP A 138 27.73 -26.55 8.89
CA ASP A 138 26.83 -27.25 8.00
C ASP A 138 27.52 -27.54 6.67
N LYS A 139 28.26 -26.61 6.12
CA LYS A 139 28.94 -26.93 4.85
C LYS A 139 29.94 -28.04 5.08
N ARG A 140 30.66 -27.96 6.18
CA ARG A 140 31.69 -28.93 6.48
C ARG A 140 31.08 -30.34 6.44
N ARG A 141 30.06 -30.52 7.26
CA ARG A 141 29.34 -31.80 7.34
C ARG A 141 28.84 -32.30 6.00
N VAL A 142 28.28 -31.42 5.18
CA VAL A 142 27.73 -31.81 3.88
C VAL A 142 28.81 -32.16 2.89
N LEU A 143 29.99 -31.51 2.93
CA LEU A 143 31.09 -31.88 1.98
C LEU A 143 31.74 -33.19 2.37
N ALA A 144 31.73 -33.47 3.65
CA ALA A 144 32.22 -34.73 4.12
C ALA A 144 31.38 -35.88 3.53
N ALA A 145 30.06 -35.81 3.70
CA ALA A 145 29.14 -36.76 3.05
C ALA A 145 29.34 -36.81 1.53
N GLU A 146 29.63 -35.69 0.87
CA GLU A 146 29.78 -35.70 -0.59
C GLU A 146 30.94 -36.56 -1.00
N THR A 147 32.00 -36.46 -0.21
CA THR A 147 33.21 -37.15 -0.49
C THR A 147 32.78 -38.60 -0.69
N LEU A 148 32.10 -39.10 0.31
CA LEU A 148 31.65 -40.47 0.29
C LEU A 148 30.83 -40.83 -0.93
N LEU A 149 29.86 -39.97 -1.25
CA LEU A 149 28.92 -40.23 -2.33
C LEU A 149 29.52 -40.29 -3.73
N LYS A 150 30.54 -39.46 -3.95
CA LYS A 150 31.22 -39.39 -5.24
C LYS A 150 32.07 -40.65 -5.49
N GLN A 151 32.44 -41.36 -4.42
CA GLN A 151 33.15 -42.64 -4.50
C GLN A 151 32.24 -43.80 -4.78
N ALA A 152 31.01 -43.70 -4.29
CA ALA A 152 30.04 -44.77 -4.38
C ALA A 152 29.73 -45.23 -5.77
N ARG A 153 29.58 -46.55 -5.92
CA ARG A 153 29.12 -47.20 -7.15
C ARG A 153 27.67 -47.64 -7.05
N SER A 154 27.11 -47.67 -5.85
CA SER A 154 25.67 -47.96 -5.75
C SER A 154 25.06 -47.44 -4.46
N LEU A 155 23.76 -47.13 -4.57
CA LEU A 155 22.98 -46.73 -3.44
C LEU A 155 21.90 -47.77 -3.19
N HIS A 156 21.71 -48.14 -1.93
CA HIS A 156 20.73 -49.15 -1.61
C HIS A 156 19.94 -48.63 -0.42
N VAL A 157 18.60 -48.71 -0.50
CA VAL A 157 17.71 -48.35 0.60
C VAL A 157 16.85 -49.52 1.01
N ARG A 158 16.78 -49.74 2.30
CA ARG A 158 15.98 -50.78 2.91
C ARG A 158 15.20 -50.14 4.02
N SER A 159 13.97 -50.60 4.26
CA SER A 159 13.21 -50.30 5.53
C SER A 159 12.38 -51.46 6.06
N LYS A 160 12.16 -51.45 7.38
CA LYS A 160 11.26 -52.43 8.00
C LYS A 160 9.89 -52.46 7.34
N ALA A 161 9.47 -51.32 6.82
CA ALA A 161 8.20 -51.21 6.13
C ALA A 161 8.27 -51.86 4.78
N GLY A 162 9.44 -52.23 4.30
CA GLY A 162 9.52 -52.88 2.99
C GLY A 162 10.27 -52.16 1.89
N SER A 163 10.86 -50.99 2.15
CA SER A 163 11.63 -50.42 1.09
C SER A 163 12.72 -51.42 0.79
N ASP A 164 13.04 -51.65 -0.47
CA ASP A 164 14.18 -52.47 -0.84
C ASP A 164 14.58 -52.04 -2.24
N PHE A 165 15.49 -51.07 -2.32
CA PHE A 165 15.63 -50.28 -3.52
C PHE A 165 17.12 -50.18 -3.87
N HIS A 166 17.43 -50.26 -5.14
CA HIS A 166 18.81 -50.29 -5.55
C HIS A 166 19.01 -49.44 -6.76
N ALA A 167 20.15 -48.75 -6.77
CA ALA A 167 20.43 -47.73 -7.73
C ALA A 167 21.94 -47.75 -7.99
N PRO A 168 22.33 -48.15 -9.19
CA PRO A 168 23.73 -47.95 -9.58
C PRO A 168 24.10 -46.48 -9.71
N LEU A 169 25.26 -46.12 -9.19
CA LEU A 169 25.74 -44.74 -9.32
C LEU A 169 26.93 -44.61 -10.30
N GLY A 170 27.32 -43.37 -10.58
CA GLY A 170 28.53 -43.12 -11.33
C GLY A 170 28.33 -42.33 -12.60
N GLN A 171 27.24 -42.55 -13.31
CA GLN A 171 26.95 -41.80 -14.52
C GLN A 171 26.75 -40.26 -14.26
N TYR A 172 26.35 -39.86 -13.06
CA TYR A 172 25.96 -38.46 -12.76
C TYR A 172 26.64 -37.95 -11.52
N PRO A 173 26.72 -36.60 -11.38
CA PRO A 173 27.49 -36.05 -10.27
C PRO A 173 26.67 -35.96 -8.99
N ALA A 174 27.36 -35.83 -7.85
CA ALA A 174 26.71 -35.53 -6.60
C ALA A 174 26.53 -34.03 -6.46
N VAL A 175 25.46 -33.64 -5.78
CA VAL A 175 25.11 -32.23 -5.62
C VAL A 175 24.88 -32.01 -4.15
N THR A 176 25.35 -30.87 -3.64
CA THR A 176 25.18 -30.51 -2.25
C THR A 176 24.36 -29.25 -2.13
N GLU A 177 23.67 -29.10 -1.02
CA GLU A 177 22.98 -27.86 -0.67
C GLU A 177 23.23 -27.65 0.78
N TYR A 178 24.02 -26.62 1.10
CA TYR A 178 24.30 -26.31 2.50
C TYR A 178 23.85 -24.92 2.91
N GLY A 179 23.15 -24.21 2.04
CA GLY A 179 22.49 -22.96 2.50
C GLY A 179 23.03 -21.62 1.98
N TYR A 180 24.18 -21.67 1.29
CA TYR A 180 24.81 -20.48 0.80
C TYR A 180 25.60 -20.72 -0.45
N ALA A 181 25.70 -19.70 -1.29
CA ALA A 181 26.26 -19.80 -2.61
C ALA A 181 27.62 -19.07 -2.68
N ASP A 182 28.65 -19.69 -2.08
CA ASP A 182 30.00 -19.07 -2.00
C ASP A 182 30.82 -19.23 -3.28
N GLU A 183 30.61 -20.32 -4.01
CA GLU A 183 31.50 -20.63 -5.10
C GLU A 183 30.86 -20.16 -6.37
N PRO A 184 31.65 -19.69 -7.31
CA PRO A 184 31.11 -19.35 -8.61
C PRO A 184 30.55 -20.58 -9.30
N GLY A 185 29.55 -20.40 -10.15
CA GLY A 185 28.88 -21.54 -10.80
C GLY A 185 27.95 -22.41 -9.93
N ARG A 186 27.80 -22.07 -8.64
CA ARG A 186 27.08 -22.90 -7.68
C ARG A 186 25.69 -22.36 -7.38
N TRP A 187 24.72 -23.25 -7.51
CA TRP A 187 23.36 -22.99 -7.05
C TRP A 187 23.27 -23.52 -5.64
N ASP A 188 22.64 -22.75 -4.75
CA ASP A 188 22.19 -23.28 -3.46
C ASP A 188 20.93 -22.56 -3.05
N HIS A 189 20.40 -23.02 -1.90
CA HIS A 189 19.10 -22.66 -1.36
C HIS A 189 19.16 -22.44 0.13
N TRP A 190 18.70 -21.28 0.59
CA TRP A 190 18.62 -21.04 1.98
C TRP A 190 17.14 -21.16 2.32
N PRO A 191 16.75 -22.14 3.16
CA PRO A 191 17.55 -23.09 3.93
C PRO A 191 17.63 -24.44 3.22
N SER A 192 18.65 -25.22 3.56
CA SER A 192 18.87 -26.59 3.07
C SER A 192 19.85 -27.35 4.00
N GLY A 193 20.82 -28.09 3.43
CA GLY A 193 21.57 -29.11 4.23
C GLY A 193 21.27 -30.57 3.92
N PHE A 194 21.49 -30.95 2.67
CA PHE A 194 21.30 -32.33 2.24
C PHE A 194 22.14 -32.51 0.99
N LEU A 195 22.10 -33.69 0.41
CA LEU A 195 22.84 -33.98 -0.82
C LEU A 195 22.23 -35.18 -1.51
N PHE A 196 22.41 -35.21 -2.81
CA PHE A 196 21.80 -36.17 -3.65
C PHE A 196 22.62 -36.34 -4.95
N THR A 197 22.35 -37.47 -5.59
CA THR A 197 22.76 -37.66 -6.96
C THR A 197 21.59 -38.26 -7.70
N TRP A 198 21.85 -38.82 -8.85
CA TRP A 198 20.81 -39.41 -9.66
C TRP A 198 21.33 -40.78 -9.92
N PRO A 199 20.45 -41.74 -10.28
CA PRO A 199 20.90 -43.09 -10.54
C PRO A 199 21.26 -43.22 -12.00
N ASN A 200 22.00 -44.24 -12.37
CA ASN A 200 22.40 -44.32 -13.78
C ASN A 200 21.14 -44.51 -14.57
N GLU A 201 21.12 -44.00 -15.79
CA GLU A 201 19.96 -44.18 -16.69
C GLU A 201 19.41 -45.59 -16.65
N ASP A 202 18.08 -45.66 -16.66
CA ASP A 202 17.33 -46.91 -16.83
C ASP A 202 17.74 -48.08 -15.89
N SER A 203 18.06 -47.79 -14.63
CA SER A 203 18.70 -48.84 -13.81
C SER A 203 18.16 -49.00 -12.39
N ALA A 204 17.66 -47.96 -11.77
CA ALA A 204 17.19 -48.15 -10.42
C ALA A 204 16.08 -49.22 -10.37
N GLU A 205 16.20 -50.17 -9.44
CA GLU A 205 15.26 -51.29 -9.31
C GLU A 205 14.83 -51.51 -7.88
N GLY A 206 13.59 -51.97 -7.73
CA GLY A 206 13.15 -52.54 -6.45
C GLY A 206 11.82 -51.96 -5.98
N THR A 207 11.73 -51.68 -4.70
CA THR A 207 10.52 -51.14 -4.15
C THR A 207 10.84 -50.06 -3.12
N LEU A 208 10.00 -49.04 -3.15
CA LEU A 208 10.06 -47.98 -2.18
C LEU A 208 8.64 -47.90 -1.55
N VAL A 209 8.58 -47.90 -0.23
CA VAL A 209 7.31 -47.96 0.46
C VAL A 209 7.19 -46.68 1.24
N LEU A 210 6.14 -45.92 0.95
CA LEU A 210 5.80 -44.81 1.81
C LEU A 210 5.04 -45.39 2.97
N ASP A 211 5.64 -45.30 4.14
CA ASP A 211 5.00 -45.76 5.35
C ASP A 211 4.07 -44.70 5.84
N VAL A 212 3.34 -45.05 6.86
CA VAL A 212 2.57 -44.11 7.66
C VAL A 212 3.54 -43.10 8.27
N GLY A 213 3.22 -41.82 8.13
CA GLY A 213 4.10 -40.76 8.61
C GLY A 213 5.02 -40.20 7.53
N ASP A 214 5.17 -40.89 6.40
CA ASP A 214 6.00 -40.36 5.32
C ASP A 214 5.25 -39.30 4.48
N ILE A 215 6.01 -38.51 3.74
CA ILE A 215 5.55 -37.28 3.16
C ILE A 215 5.74 -37.32 1.64
N ILE A 216 4.72 -36.83 0.93
CA ILE A 216 4.80 -36.49 -0.48
C ILE A 216 4.69 -34.97 -0.66
N LEU A 217 5.71 -34.43 -1.35
CA LEU A 217 5.71 -33.07 -1.75
C LEU A 217 5.41 -33.07 -3.27
N PRO A 218 4.53 -32.16 -3.74
CA PRO A 218 4.01 -31.02 -3.06
C PRO A 218 2.70 -31.24 -2.38
N PHE A 219 2.22 -32.47 -2.22
CA PHE A 219 0.89 -32.63 -1.57
C PHE A 219 0.95 -32.12 -0.12
N LYS A 220 2.14 -32.15 0.48
CA LYS A 220 2.30 -31.74 1.89
C LYS A 220 1.36 -32.38 2.91
N ASN A 221 1.24 -33.70 2.80
CA ASN A 221 0.52 -34.53 3.76
C ASN A 221 1.43 -35.56 4.35
N TYR A 222 1.08 -35.97 5.56
CA TYR A 222 1.66 -37.18 6.15
C TYR A 222 0.76 -38.34 5.79
N CYS A 223 1.35 -39.40 5.24
CA CYS A 223 0.59 -40.54 4.80
C CYS A 223 -0.05 -41.23 5.98
N ARG A 224 -1.33 -41.55 5.83
CA ARG A 224 -2.05 -42.28 6.84
C ARG A 224 -2.12 -43.75 6.52
N GLU A 225 -1.92 -44.09 5.24
CA GLU A 225 -1.85 -45.49 4.80
C GLU A 225 -0.56 -45.67 3.97
N ARG A 226 -0.09 -46.90 3.88
CA ARG A 226 1.08 -47.23 3.07
C ARG A 226 0.82 -47.01 1.57
N ILE A 227 1.84 -46.55 0.85
CA ILE A 227 1.84 -46.61 -0.58
C ILE A 227 3.08 -47.37 -0.97
N THR A 228 2.95 -48.25 -1.94
CA THR A 228 4.07 -49.10 -2.36
C THR A 228 4.35 -48.75 -3.81
N LEU A 229 5.57 -48.32 -4.06
CA LEU A 229 5.99 -48.00 -5.38
C LEU A 229 6.94 -49.08 -5.88
N GLU A 230 6.56 -49.72 -6.96
CA GLU A 230 7.39 -50.75 -7.59
C GLU A 230 8.20 -50.15 -8.67
N ILE A 231 9.52 -50.39 -8.66
CA ILE A 231 10.39 -49.71 -9.62
C ILE A 231 11.21 -50.70 -10.50
N GLU A 232 11.10 -50.53 -11.82
CA GLU A 232 11.85 -51.32 -12.80
C GLU A 232 12.51 -50.40 -13.80
N LYS A 233 13.80 -50.65 -14.05
CA LYS A 233 14.58 -49.92 -15.03
C LYS A 233 14.38 -48.42 -14.91
N GLY A 234 14.42 -47.98 -13.64
CA GLY A 234 14.45 -46.58 -13.27
C GLY A 234 13.10 -45.90 -13.37
N PHE A 235 12.03 -46.66 -13.61
CA PHE A 235 10.67 -46.14 -13.68
C PHE A 235 9.74 -46.81 -12.66
N ILE A 236 8.84 -46.02 -12.10
CA ILE A 236 7.80 -46.58 -11.29
C ILE A 236 6.86 -47.29 -12.26
N THR A 237 6.55 -48.55 -11.97
CA THR A 237 5.61 -49.30 -12.81
C THR A 237 4.37 -49.68 -12.06
N GLY A 238 4.41 -49.63 -10.74
CA GLY A 238 3.26 -49.93 -9.95
C GLY A 238 3.21 -49.00 -8.77
N ILE A 239 2.00 -48.49 -8.49
CA ILE A 239 1.71 -47.71 -7.29
C ILE A 239 0.52 -48.33 -6.56
N HIS A 240 0.69 -48.84 -5.34
CA HIS A 240 -0.35 -49.62 -4.64
C HIS A 240 -0.54 -49.14 -3.20
N GLY A 241 -1.78 -49.18 -2.75
CA GLY A 241 -2.14 -48.88 -1.38
C GLY A 241 -3.63 -48.56 -1.39
N GLY A 242 -4.06 -47.73 -0.44
CA GLY A 242 -5.47 -47.39 -0.33
C GLY A 242 -5.77 -46.08 -0.99
N PHE A 243 -6.23 -45.12 -0.19
CA PHE A 243 -6.69 -43.84 -0.70
C PHE A 243 -5.55 -42.93 -1.16
N GLU A 244 -4.49 -42.80 -0.36
CA GLU A 244 -3.35 -41.99 -0.78
C GLU A 244 -2.78 -42.45 -2.13
N ALA A 245 -2.76 -43.76 -2.32
CA ALA A 245 -2.22 -44.35 -3.52
C ALA A 245 -3.06 -44.00 -4.72
N GLU A 246 -4.38 -44.07 -4.54
CA GLU A 246 -5.32 -43.67 -5.59
C GLU A 246 -5.22 -42.18 -5.91
N TYR A 247 -5.19 -41.36 -4.88
CA TYR A 247 -4.93 -39.96 -5.10
C TYR A 247 -3.63 -39.77 -5.92
N LEU A 248 -2.52 -40.32 -5.45
CA LEU A 248 -1.24 -40.17 -6.15
C LEU A 248 -1.28 -40.63 -7.60
N ARG A 249 -1.93 -41.77 -7.85
CA ARG A 249 -2.06 -42.29 -9.22
C ARG A 249 -2.84 -41.27 -10.05
N ASP A 250 -3.92 -40.74 -9.51
CA ASP A 250 -4.78 -39.84 -10.26
C ASP A 250 -3.98 -38.63 -10.66
N TYR A 251 -3.25 -38.07 -9.69
CA TYR A 251 -2.36 -36.91 -9.90
C TYR A 251 -1.31 -37.16 -10.99
N MSE A 252 -0.67 -38.32 -10.98
CA MSE A 252 0.31 -38.64 -12.01
C MSE A 252 -0.32 -38.78 -13.39
O MSE A 252 0.16 -38.19 -14.32
CB MSE A 252 1.14 -39.84 -11.53
CG MSE A 252 2.39 -39.30 -10.81
SE MSE A 252 3.24 -40.61 -9.61
CE MSE A 252 5.10 -40.23 -10.17
N LYS A 253 -1.40 -39.56 -13.53
CA LYS A 253 -2.13 -39.71 -14.81
C LYS A 253 -2.50 -38.40 -15.47
N TYR A 254 -3.04 -37.47 -14.69
CA TYR A 254 -3.47 -36.15 -15.19
C TYR A 254 -2.52 -35.45 -16.18
N PHE A 255 -1.21 -35.56 -15.94
CA PHE A 255 -0.19 -34.96 -16.83
C PHE A 255 -0.01 -35.69 -18.16
N ASN A 256 -0.52 -36.92 -18.22
CA ASN A 256 -0.65 -37.70 -19.42
C ASN A 256 0.71 -37.82 -20.09
N ASP A 257 1.63 -38.47 -19.39
CA ASP A 257 3.04 -38.46 -19.78
C ASP A 257 3.82 -39.56 -19.05
N PRO A 258 4.32 -40.57 -19.80
CA PRO A 258 5.05 -41.67 -19.13
C PRO A 258 6.32 -41.21 -18.42
N GLU A 259 6.81 -40.03 -18.78
CA GLU A 259 8.02 -39.49 -18.16
C GLU A 259 7.87 -39.09 -16.68
N VAL A 260 6.63 -38.84 -16.21
CA VAL A 260 6.41 -38.54 -14.74
C VAL A 260 6.86 -39.70 -13.81
N TYR A 261 6.83 -40.93 -14.32
CA TYR A 261 7.12 -42.09 -13.49
C TYR A 261 8.64 -42.38 -13.28
N GLY A 262 9.51 -41.55 -13.84
CA GLY A 262 10.96 -41.71 -13.72
C GLY A 262 11.52 -41.33 -12.37
N ILE A 263 12.46 -42.14 -11.87
CA ILE A 263 13.14 -41.83 -10.64
C ILE A 263 14.29 -40.86 -10.90
N SER A 264 14.28 -39.71 -10.24
CA SER A 264 15.30 -38.74 -10.50
C SER A 264 16.20 -38.66 -9.26
N HIS A 265 16.34 -37.52 -8.62
CA HIS A 265 17.36 -37.49 -7.62
C HIS A 265 17.02 -38.34 -6.40
N ILE A 266 18.11 -38.81 -5.77
CA ILE A 266 18.10 -39.68 -4.62
C ILE A 266 19.20 -39.21 -3.68
N GLY A 267 18.98 -39.36 -2.39
CA GLY A 267 19.94 -38.87 -1.45
C GLY A 267 19.39 -38.87 -0.08
N TRP A 268 20.14 -38.27 0.83
CA TRP A 268 19.74 -38.14 2.21
C TRP A 268 19.96 -36.76 2.86
N GLY A 269 19.25 -36.55 3.97
CA GLY A 269 19.16 -35.26 4.65
C GLY A 269 20.16 -35.16 5.77
N LEU A 270 20.76 -33.98 5.90
CA LEU A 270 21.82 -33.78 6.85
C LEU A 270 21.57 -32.57 7.72
N GLN A 271 20.28 -32.28 8.03
CA GLN A 271 19.94 -31.00 8.67
C GLN A 271 19.17 -31.13 9.94
N PRO A 272 19.85 -31.09 11.07
CA PRO A 272 19.13 -31.37 12.31
C PRO A 272 18.22 -30.22 12.80
N ARG A 273 18.41 -29.00 12.29
CA ARG A 273 17.51 -27.89 12.66
C ARG A 273 16.18 -27.94 11.92
N ALA A 274 16.16 -28.66 10.80
CA ALA A 274 14.92 -29.08 10.16
C ALA A 274 14.32 -30.35 10.82
N GLN A 275 12.99 -30.37 10.86
CA GLN A 275 12.20 -31.28 11.67
C GLN A 275 11.07 -31.92 10.86
N TRP A 276 10.98 -33.24 10.96
CA TRP A 276 9.94 -33.97 10.32
C TRP A 276 8.53 -33.50 10.71
N THR A 277 8.38 -32.96 11.90
CA THR A 277 7.05 -32.49 12.33
C THR A 277 6.72 -31.09 11.85
N ALA A 278 7.71 -30.33 11.42
CA ALA A 278 7.50 -28.94 11.09
C ALA A 278 6.31 -28.76 10.18
N MSE A 279 6.23 -29.54 9.10
CA MSE A 279 5.15 -29.39 8.12
C MSE A 279 3.75 -29.34 8.72
O MSE A 279 2.89 -28.59 8.26
CB MSE A 279 5.12 -30.55 7.17
CG MSE A 279 4.22 -30.27 5.94
SE MSE A 279 4.67 -31.71 4.68
CE MSE A 279 3.71 -33.02 5.79
N GLY A 280 3.48 -30.16 9.73
CA GLY A 280 2.15 -30.18 10.34
C GLY A 280 1.78 -28.92 11.13
N LEU A 281 2.75 -28.01 11.28
CA LEU A 281 2.51 -26.70 11.87
C LEU A 281 2.28 -25.57 10.85
N HIS A 282 2.26 -25.90 9.56
CA HIS A 282 2.24 -24.89 8.50
C HIS A 282 1.05 -25.10 7.58
N ASP A 283 0.74 -24.06 6.80
CA ASP A 283 -0.28 -24.13 5.76
C ASP A 283 0.39 -24.31 4.38
N ARG A 284 -0.31 -24.99 3.49
CA ARG A 284 0.20 -25.32 2.16
C ARG A 284 0.87 -24.18 1.43
N ASN A 285 0.38 -22.96 1.58
CA ASN A 285 0.94 -21.86 0.78
C ASN A 285 1.98 -21.03 1.53
N ASP A 286 2.43 -21.55 2.68
CA ASP A 286 3.46 -20.89 3.46
C ASP A 286 4.81 -21.00 2.78
N GLY A 287 5.12 -22.17 2.25
CA GLY A 287 6.39 -22.40 1.58
C GLY A 287 6.41 -23.68 0.77
N MSE A 288 7.60 -24.15 0.42
CA MSE A 288 7.77 -25.50 -0.17
C MSE A 288 8.14 -26.63 0.79
O MSE A 288 8.26 -27.79 0.39
CB MSE A 288 8.79 -25.47 -1.32
CG MSE A 288 9.84 -24.38 -1.24
SE MSE A 288 11.03 -24.55 -2.81
CE MSE A 288 11.94 -26.19 -2.19
N CYS A 289 8.26 -26.32 2.08
CA CYS A 289 8.59 -27.32 3.11
C CYS A 289 9.94 -27.94 2.92
N MSE A 290 10.96 -27.12 3.16
CA MSE A 290 12.32 -27.57 3.12
C MSE A 290 12.66 -28.39 4.35
O MSE A 290 13.61 -29.17 4.30
CB MSE A 290 13.24 -26.34 3.04
CG MSE A 290 13.05 -25.67 1.69
SE MSE A 290 13.52 -26.83 0.18
CE MSE A 290 15.15 -27.49 1.01
N ASP A 291 11.89 -28.23 5.42
CA ASP A 291 12.05 -29.05 6.62
C ASP A 291 11.92 -30.52 6.24
N ALA A 292 10.94 -30.79 5.41
CA ALA A 292 10.65 -32.12 5.00
C ALA A 292 11.73 -32.67 4.03
N ARG A 293 12.30 -31.81 3.21
CA ARG A 293 13.34 -32.25 2.29
C ARG A 293 14.69 -32.50 2.94
N ALA A 294 14.98 -31.83 4.05
CA ALA A 294 16.38 -31.81 4.51
C ALA A 294 16.58 -32.50 5.84
N PHE A 295 15.53 -32.92 6.52
CA PHE A 295 15.73 -33.36 7.89
C PHE A 295 16.75 -34.51 7.96
N TYR A 296 17.52 -34.45 9.02
CA TYR A 296 18.64 -35.31 9.35
C TYR A 296 18.24 -36.76 9.33
N GLY A 297 18.91 -37.51 8.46
CA GLY A 297 18.63 -38.95 8.32
C GLY A 297 17.50 -39.40 7.40
N ASN A 298 16.75 -38.48 6.80
CA ASN A 298 15.77 -38.93 5.79
C ASN A 298 16.45 -39.57 4.56
N PHE A 299 15.73 -40.40 3.85
CA PHE A 299 16.10 -40.71 2.46
C PHE A 299 15.06 -39.95 1.62
N LEU A 300 15.51 -39.17 0.64
CA LEU A 300 14.67 -38.30 -0.15
C LEU A 300 14.80 -38.75 -1.54
N PHE A 301 13.70 -38.95 -2.21
CA PHE A 301 13.85 -39.25 -3.60
C PHE A 301 12.81 -38.48 -4.34
N SER A 302 12.97 -38.42 -5.65
CA SER A 302 12.17 -37.53 -6.45
C SER A 302 11.80 -38.24 -7.68
N THR A 303 10.85 -37.67 -8.42
CA THR A 303 10.35 -38.25 -9.67
C THR A 303 10.21 -37.18 -10.72
N GLY A 304 10.07 -37.58 -11.98
CA GLY A 304 9.83 -36.63 -13.05
C GLY A 304 11.10 -36.21 -13.80
N PRO A 305 11.34 -34.89 -13.94
CA PRO A 305 12.40 -34.38 -14.82
C PRO A 305 13.82 -34.55 -14.30
N ASN A 306 14.67 -35.05 -15.19
CA ASN A 306 16.09 -35.21 -14.92
C ASN A 306 16.93 -34.32 -15.85
N THR A 307 16.25 -33.47 -16.63
CA THR A 307 16.87 -32.66 -17.68
C THR A 307 18.02 -31.80 -17.16
N GLU A 308 17.93 -31.41 -15.90
CA GLU A 308 18.96 -30.61 -15.23
C GLU A 308 20.36 -31.17 -15.42
N VAL A 309 20.46 -32.49 -15.46
CA VAL A 309 21.74 -33.19 -15.68
C VAL A 309 21.89 -33.74 -17.10
N GLY A 310 21.08 -33.25 -18.04
CA GLY A 310 21.13 -33.74 -19.42
C GLY A 310 20.46 -35.08 -19.56
N GLY A 311 19.59 -35.38 -18.59
CA GLY A 311 18.77 -36.57 -18.66
C GLY A 311 17.68 -36.41 -19.70
N LYS A 312 17.08 -37.54 -20.10
CA LYS A 312 16.08 -37.57 -21.18
C LYS A 312 14.77 -36.81 -20.92
N ARG A 313 14.33 -36.72 -19.67
CA ARG A 313 12.96 -36.33 -19.35
C ARG A 313 12.81 -34.87 -18.90
N LYS A 314 12.02 -34.08 -19.64
CA LYS A 314 11.76 -32.65 -19.32
C LYS A 314 10.30 -32.41 -18.89
N THR A 315 9.63 -33.47 -18.45
CA THR A 315 8.24 -33.41 -17.96
C THR A 315 8.07 -32.48 -16.75
N PRO A 316 6.91 -31.82 -16.63
CA PRO A 316 6.64 -30.91 -15.51
C PRO A 316 6.23 -31.55 -14.15
N CYS A 317 5.60 -32.73 -14.17
CA CYS A 317 5.18 -33.40 -12.94
C CYS A 317 6.40 -33.82 -12.11
N HIS A 318 6.55 -33.16 -10.96
CA HIS A 318 7.68 -33.33 -10.09
C HIS A 318 7.18 -33.60 -8.66
N LEU A 319 7.62 -34.71 -8.08
CA LEU A 319 7.35 -35.07 -6.69
C LEU A 319 8.63 -35.19 -5.90
N ASP A 320 8.56 -34.84 -4.62
CA ASP A 320 9.69 -35.03 -3.73
C ASP A 320 9.17 -35.81 -2.54
N ILE A 321 9.86 -36.90 -2.18
CA ILE A 321 9.34 -37.83 -1.18
C ILE A 321 10.39 -38.24 -0.10
N PRO A 322 10.32 -37.63 1.09
CA PRO A 322 11.13 -38.10 2.21
C PRO A 322 10.58 -39.34 2.96
N LEU A 323 11.46 -40.30 3.22
CA LEU A 323 11.09 -41.48 4.03
C LEU A 323 11.91 -41.41 5.30
N ARG A 324 11.29 -41.82 6.40
CA ARG A 324 11.94 -41.93 7.68
C ARG A 324 12.31 -43.36 7.94
N ASN A 325 13.12 -43.57 8.97
CA ASN A 325 13.50 -44.89 9.45
C ASN A 325 14.25 -45.81 8.47
N CYS A 326 14.92 -45.24 7.47
CA CYS A 326 15.52 -46.08 6.48
C CYS A 326 16.99 -46.42 6.80
N ASP A 327 17.41 -47.53 6.26
CA ASP A 327 18.82 -47.84 6.13
C ASP A 327 19.20 -47.46 4.74
N ILE A 328 20.20 -46.62 4.61
CA ILE A 328 20.74 -46.27 3.32
C ILE A 328 22.23 -46.68 3.27
N TYR A 329 22.62 -47.33 2.17
CA TYR A 329 23.91 -47.89 2.02
C TYR A 329 24.50 -47.35 0.75
N LEU A 330 25.77 -46.98 0.82
CA LEU A 330 26.55 -46.74 -0.37
C LEU A 330 27.45 -47.89 -0.50
N ASP A 331 27.41 -48.53 -1.66
CA ASP A 331 28.06 -49.83 -1.85
C ASP A 331 27.53 -50.74 -0.77
N ASP A 332 28.37 -51.19 0.16
CA ASP A 332 27.88 -52.06 1.22
C ASP A 332 28.02 -51.45 2.61
N LYS A 333 28.34 -50.16 2.68
CA LYS A 333 28.52 -49.53 4.00
C LYS A 333 27.39 -48.54 4.32
N ALA A 334 26.98 -48.52 5.57
CA ALA A 334 25.84 -47.71 5.92
C ALA A 334 26.25 -46.27 6.10
N VAL A 335 25.56 -45.35 5.41
CA VAL A 335 25.63 -43.92 5.78
C VAL A 335 24.52 -43.54 6.76
N VAL A 336 23.36 -44.20 6.64
CA VAL A 336 22.25 -44.08 7.59
C VAL A 336 21.67 -45.44 8.06
N LEU A 337 21.27 -45.54 9.32
CA LEU A 337 20.57 -46.69 9.85
C LEU A 337 19.36 -46.27 10.68
N ALA A 338 18.20 -46.83 10.35
CA ALA A 338 16.98 -46.54 11.04
C ALA A 338 16.80 -45.03 11.18
N GLY A 339 17.15 -44.31 10.12
CA GLY A 339 16.87 -42.89 10.03
C GLY A 339 17.81 -42.01 10.82
N ASP A 340 18.89 -42.59 11.35
CA ASP A 340 19.92 -41.83 11.99
C ASP A 340 21.23 -41.91 11.19
N VAL A 341 21.89 -40.77 11.03
CA VAL A 341 23.08 -40.69 10.19
C VAL A 341 24.24 -41.28 10.98
N VAL A 342 24.91 -42.27 10.41
CA VAL A 342 26.07 -42.94 11.07
C VAL A 342 27.44 -42.75 10.39
N ALA A 343 27.49 -42.48 9.07
CA ALA A 343 28.75 -42.19 8.36
C ALA A 343 28.59 -41.14 7.27
N PRO A 344 29.68 -40.42 6.92
CA PRO A 344 30.94 -40.43 7.69
C PRO A 344 30.77 -39.69 9.00
N GLU A 345 31.53 -40.12 9.99
CA GLU A 345 31.51 -39.52 11.31
C GLU A 345 31.58 -37.98 11.29
N GLU A 346 32.32 -37.40 10.34
CA GLU A 346 32.44 -35.92 10.30
C GLU A 346 31.17 -35.19 9.78
N SER A 347 30.24 -35.97 9.21
CA SER A 347 28.97 -35.39 8.84
C SER A 347 27.93 -35.41 9.98
N ARG A 348 28.16 -36.14 11.06
CA ARG A 348 27.12 -36.32 12.08
C ARG A 348 27.01 -35.04 12.89
N ALA A 349 25.87 -34.85 13.54
CA ALA A 349 25.55 -33.58 14.21
C ALA A 349 26.51 -33.32 15.40
N PRO B 2 -8.14 13.87 -15.41
CA PRO B 2 -6.87 13.13 -15.28
C PRO B 2 -6.86 11.78 -16.00
N VAL B 3 -5.70 11.13 -16.10
CA VAL B 3 -5.58 9.93 -16.96
C VAL B 3 -5.79 8.67 -16.13
N SER B 4 -6.68 7.77 -16.58
CA SER B 4 -6.88 6.46 -15.91
C SER B 4 -5.75 5.48 -16.23
N ASN B 5 -5.75 4.36 -15.50
CA ASN B 5 -4.78 3.27 -15.74
C ASN B 5 -4.97 2.69 -17.12
N ALA B 6 -6.24 2.56 -17.55
CA ALA B 6 -6.58 2.02 -18.86
C ALA B 6 -5.99 2.89 -19.93
N GLN B 7 -6.35 4.16 -19.92
CA GLN B 7 -5.79 5.11 -20.86
C GLN B 7 -4.27 5.16 -20.84
N LEU B 8 -3.65 5.15 -19.66
CA LEU B 8 -2.25 5.30 -19.55
C LEU B 8 -1.54 4.14 -20.26
N THR B 9 -2.05 2.92 -20.06
CA THR B 9 -1.54 1.71 -20.73
C THR B 9 -1.72 1.79 -22.21
N GLN B 10 -2.86 2.30 -22.66
CA GLN B 10 -3.07 2.44 -24.11
C GLN B 10 -2.09 3.45 -24.75
N MSE B 11 -1.65 4.42 -23.96
CA MSE B 11 -0.73 5.46 -24.45
C MSE B 11 0.59 4.78 -24.56
O MSE B 11 1.25 4.95 -25.55
CB MSE B 11 -0.61 6.68 -23.57
CG MSE B 11 -1.79 7.63 -23.77
SE MSE B 11 -2.14 8.84 -22.22
CE MSE B 11 -0.51 8.79 -21.16
N PHE B 12 0.99 3.99 -23.60
CA PHE B 12 2.24 3.31 -23.74
C PHE B 12 2.23 2.36 -24.90
N GLU B 13 1.14 1.69 -25.21
CA GLU B 13 1.11 0.84 -26.41
C GLU B 13 1.34 1.67 -27.67
N HIS B 14 0.59 2.74 -27.78
CA HIS B 14 0.76 3.63 -28.90
C HIS B 14 2.25 4.03 -29.05
N VAL B 15 2.88 4.45 -27.95
CA VAL B 15 4.23 5.01 -28.03
C VAL B 15 5.30 3.94 -28.26
N LEU B 16 5.08 2.77 -27.69
CA LEU B 16 5.99 1.69 -27.81
C LEU B 16 6.00 1.10 -29.22
N LYS B 17 4.84 1.07 -29.84
CA LYS B 17 4.65 0.71 -31.23
C LYS B 17 5.39 1.71 -32.13
N LEU B 18 5.14 2.99 -31.97
CA LEU B 18 5.92 3.95 -32.67
C LEU B 18 7.40 3.71 -32.48
N SER B 19 7.80 3.32 -31.26
CA SER B 19 9.19 2.99 -30.97
C SER B 19 9.61 1.57 -31.44
N ARG B 20 8.81 0.96 -32.32
CA ARG B 20 9.15 -0.31 -33.07
C ARG B 20 9.27 -1.52 -32.15
N VAL B 21 8.45 -1.51 -31.11
CA VAL B 21 8.41 -2.63 -30.17
C VAL B 21 7.40 -3.62 -30.68
N ASP B 22 7.81 -4.88 -30.69
CA ASP B 22 6.96 -5.96 -31.15
C ASP B 22 7.56 -7.26 -30.65
N GLU B 23 7.05 -8.39 -31.12
CA GLU B 23 7.48 -9.73 -30.63
C GLU B 23 8.96 -10.07 -30.79
N THR B 24 9.67 -9.34 -31.65
CA THR B 24 11.11 -9.60 -31.80
C THR B 24 11.92 -8.83 -30.76
N GLN B 25 11.28 -7.91 -30.04
CA GLN B 25 12.02 -6.98 -29.21
C GLN B 25 11.99 -7.36 -27.77
N SER B 26 13.01 -6.88 -27.06
CA SER B 26 13.06 -6.94 -25.62
C SER B 26 13.01 -5.54 -25.04
N VAL B 27 12.21 -5.40 -23.96
CA VAL B 27 12.05 -4.16 -23.20
C VAL B 27 12.48 -4.29 -21.76
N ALA B 28 13.39 -3.41 -21.37
CA ALA B 28 13.74 -3.26 -19.96
C ALA B 28 13.07 -2.00 -19.49
N VAL B 29 12.35 -2.09 -18.38
CA VAL B 29 11.75 -0.89 -17.78
C VAL B 29 12.62 -0.57 -16.64
N LEU B 30 13.25 0.59 -16.71
CA LEU B 30 14.17 0.97 -15.71
C LEU B 30 13.47 1.87 -14.70
N LYS B 31 13.79 1.67 -13.42
CA LYS B 31 13.08 2.37 -12.30
C LYS B 31 13.79 2.44 -10.98
N SER B 32 13.28 3.26 -10.09
CA SER B 32 13.81 3.42 -8.76
C SER B 32 12.64 3.70 -7.80
N HIS B 33 12.93 3.91 -6.53
CA HIS B 33 11.91 3.99 -5.47
C HIS B 33 10.94 5.18 -5.74
N TYR B 34 11.46 6.24 -6.31
CA TYR B 34 10.70 7.45 -6.66
C TYR B 34 10.01 7.49 -8.03
N SER B 35 10.06 6.40 -8.78
CA SER B 35 9.40 6.32 -10.09
C SER B 35 7.89 6.23 -9.86
N ASP B 36 7.11 6.85 -10.74
CA ASP B 36 5.67 6.70 -10.65
C ASP B 36 5.27 5.26 -10.90
N PRO B 37 4.78 4.55 -9.87
CA PRO B 37 4.46 3.14 -10.13
C PRO B 37 3.42 2.94 -11.21
N ARG B 38 2.46 3.86 -11.35
CA ARG B 38 1.46 3.74 -12.39
C ARG B 38 2.09 3.75 -13.79
N THR B 39 3.17 4.48 -13.96
CA THR B 39 3.78 4.65 -15.30
C THR B 39 4.58 3.43 -15.59
N VAL B 40 5.24 2.95 -14.57
CA VAL B 40 5.91 1.70 -14.63
C VAL B 40 5.01 0.59 -15.03
N ASN B 41 3.94 0.41 -14.28
CA ASN B 41 3.02 -0.66 -14.61
C ASN B 41 2.51 -0.52 -16.01
N ALA B 42 2.14 0.69 -16.43
CA ALA B 42 1.64 0.85 -17.78
C ALA B 42 2.70 0.43 -18.89
N ALA B 43 3.94 0.78 -18.66
CA ALA B 43 4.99 0.46 -19.60
C ALA B 43 5.14 -1.05 -19.64
N MSE B 44 5.20 -1.69 -18.46
CA MSE B 44 5.32 -3.18 -18.34
C MSE B 44 4.24 -3.89 -19.11
O MSE B 44 4.54 -4.76 -19.95
CB MSE B 44 5.17 -3.71 -16.92
CG MSE B 44 6.28 -3.34 -15.95
SE MSE B 44 7.87 -4.26 -16.59
CE MSE B 44 7.68 -5.87 -15.45
N GLU B 45 2.99 -3.50 -18.84
CA GLU B 45 1.82 -4.16 -19.41
C GLU B 45 1.70 -3.89 -20.94
N ALA B 46 2.00 -2.67 -21.40
CA ALA B 46 1.88 -2.36 -22.81
C ALA B 46 2.92 -3.13 -23.60
N ALA B 47 4.10 -3.31 -23.02
CA ALA B 47 5.18 -4.06 -23.65
C ALA B 47 4.78 -5.50 -23.83
N GLN B 48 4.12 -6.06 -22.82
CA GLN B 48 3.54 -7.44 -22.95
C GLN B 48 2.34 -7.54 -23.90
N ARG B 49 1.46 -6.55 -23.92
CA ARG B 49 0.38 -6.55 -24.91
C ARG B 49 0.95 -6.55 -26.31
N LEU B 50 2.14 -6.00 -26.50
CA LEU B 50 2.72 -5.89 -27.83
C LEU B 50 3.57 -7.12 -28.17
N LYS B 51 3.68 -8.05 -27.21
CA LYS B 51 4.28 -9.37 -27.38
C LYS B 51 5.77 -9.33 -27.17
N ALA B 52 6.28 -8.22 -26.65
CA ALA B 52 7.67 -8.13 -26.31
C ALA B 52 7.98 -8.96 -25.09
N LYS B 53 9.23 -9.36 -24.93
CA LYS B 53 9.73 -9.95 -23.70
C LYS B 53 10.20 -8.81 -22.79
N VAL B 54 9.83 -8.87 -21.51
CA VAL B 54 10.01 -7.73 -20.63
C VAL B 54 10.57 -8.08 -19.28
N TYR B 55 11.31 -7.13 -18.75
CA TYR B 55 11.70 -7.16 -17.39
C TYR B 55 11.89 -5.74 -16.96
N ALA B 56 11.89 -5.56 -15.66
CA ALA B 56 12.17 -4.27 -15.09
C ALA B 56 13.50 -4.37 -14.41
N VAL B 57 14.26 -3.28 -14.46
CA VAL B 57 15.43 -3.17 -13.65
C VAL B 57 15.22 -2.07 -12.63
N GLU B 58 15.64 -2.33 -11.40
CA GLU B 58 15.51 -1.36 -10.32
C GLU B 58 16.85 -1.06 -9.75
N LEU B 59 17.19 0.23 -9.79
CA LEU B 59 18.39 0.68 -9.20
C LEU B 59 18.09 1.39 -7.92
N PRO B 60 18.96 1.28 -6.94
CA PRO B 60 18.83 2.16 -5.81
C PRO B 60 19.20 3.60 -6.17
N ALA B 61 18.50 4.54 -5.57
CA ALA B 61 18.64 5.92 -5.94
C ALA B 61 20.03 6.40 -5.57
N PHE B 62 20.49 7.35 -6.38
CA PHE B 62 21.75 8.02 -6.16
C PHE B 62 21.51 9.44 -5.74
N ASN B 63 22.11 9.85 -4.64
CA ASN B 63 22.04 11.22 -4.18
C ASN B 63 23.40 11.89 -4.36
N HIS B 64 23.40 13.07 -4.94
CA HIS B 64 24.58 13.91 -4.92
C HIS B 64 24.49 14.77 -3.63
N PRO B 65 25.44 14.59 -2.71
CA PRO B 65 25.17 15.17 -1.40
C PRO B 65 24.98 16.70 -1.43
N THR B 66 25.58 17.39 -2.41
CA THR B 66 25.47 18.85 -2.54
C THR B 66 24.26 19.37 -3.40
N ALA B 67 23.59 18.48 -4.12
CA ALA B 67 22.44 18.87 -4.94
C ALA B 67 21.30 19.43 -4.10
N MSE B 68 20.56 20.37 -4.68
CA MSE B 68 19.35 20.95 -4.06
C MSE B 68 18.09 20.78 -4.89
O MSE B 68 18.13 20.67 -6.12
CB MSE B 68 19.52 22.43 -3.78
CG MSE B 68 20.91 22.76 -3.25
SE MSE B 68 20.95 24.66 -2.85
CE MSE B 68 21.73 25.44 -4.47
N GLY B 69 16.95 20.80 -4.20
CA GLY B 69 15.65 20.56 -4.86
C GLY B 69 15.49 19.12 -5.32
N ASN B 70 14.37 18.82 -5.98
CA ASN B 70 14.08 17.44 -6.43
C ASN B 70 14.01 17.23 -7.95
N ASP B 71 14.39 18.25 -8.72
CA ASP B 71 14.57 18.12 -10.17
C ASP B 71 15.97 17.55 -10.39
N MSE B 72 16.09 16.45 -11.12
CA MSE B 72 17.40 15.78 -11.32
C MSE B 72 18.20 16.28 -12.50
O MSE B 72 19.40 15.98 -12.60
CB MSE B 72 17.27 14.26 -11.48
CG MSE B 72 16.66 13.66 -10.22
SE MSE B 72 16.52 11.70 -10.41
CE MSE B 72 18.28 11.23 -11.15
N THR B 73 17.57 17.05 -13.38
CA THR B 73 18.30 17.89 -14.35
C THR B 73 19.16 18.99 -13.70
N ALA B 74 19.00 19.20 -12.39
CA ALA B 74 19.73 20.23 -11.63
C ALA B 74 21.18 19.88 -11.32
N TYR B 75 21.46 18.58 -11.18
CA TYR B 75 22.82 18.08 -10.92
C TYR B 75 23.14 16.92 -11.90
N CYS B 76 23.92 17.21 -12.95
CA CYS B 76 24.32 16.20 -13.94
C CYS B 76 25.70 15.64 -13.62
N GLY B 77 25.78 14.80 -12.59
CA GLY B 77 27.07 14.24 -12.14
C GLY B 77 27.13 12.76 -12.39
N ASP B 78 27.71 12.02 -11.45
CA ASP B 78 27.55 10.58 -11.45
C ASP B 78 26.05 10.25 -11.50
N THR B 79 25.73 9.01 -11.82
CA THR B 79 24.36 8.52 -11.68
C THR B 79 24.40 7.21 -10.93
N ALA B 80 23.23 6.58 -10.78
CA ALA B 80 23.11 5.26 -10.13
C ALA B 80 23.77 4.15 -10.92
N LEU B 81 24.14 4.44 -12.17
CA LEU B 81 24.89 3.54 -13.05
C LEU B 81 26.39 3.65 -12.93
N THR B 82 26.88 4.75 -12.37
CA THR B 82 28.32 4.97 -12.16
C THR B 82 28.95 3.87 -11.29
N GLY B 83 29.89 3.14 -11.89
CA GLY B 83 30.52 2.00 -11.24
C GLY B 83 29.65 0.76 -11.15
N ASN B 84 28.39 0.79 -11.60
CA ASN B 84 27.52 -0.41 -11.52
C ASN B 84 27.45 -1.03 -12.86
N LEU B 85 28.52 -1.73 -13.20
CA LEU B 85 28.72 -2.18 -14.57
C LEU B 85 27.69 -3.22 -14.95
N ALA B 86 27.40 -4.11 -14.00
CA ALA B 86 26.44 -5.17 -14.21
C ALA B 86 25.03 -4.64 -14.55
N ALA B 87 24.65 -3.53 -13.91
CA ALA B 87 23.35 -2.91 -14.14
C ALA B 87 23.40 -2.38 -15.54
N GLN B 88 24.54 -1.81 -15.88
CA GLN B 88 24.69 -1.31 -17.23
C GLN B 88 24.48 -2.41 -18.25
N ARG B 89 25.11 -3.54 -17.98
CA ARG B 89 24.98 -4.69 -18.89
C ARG B 89 23.54 -5.20 -18.93
N ALA B 90 22.84 -5.19 -17.79
CA ALA B 90 21.42 -5.60 -17.74
C ALA B 90 20.55 -4.70 -18.63
N LEU B 91 20.87 -3.42 -18.70
CA LEU B 91 20.16 -2.56 -19.62
C LEU B 91 20.64 -2.77 -21.08
N GLU B 92 21.93 -3.05 -21.28
CA GLU B 92 22.44 -3.31 -22.65
C GLU B 92 21.82 -4.52 -23.33
N ALA B 93 21.49 -5.53 -22.54
CA ALA B 93 20.78 -6.72 -23.01
C ALA B 93 19.46 -6.45 -23.78
N ALA B 94 18.81 -5.32 -23.50
CA ALA B 94 17.49 -5.03 -24.05
C ALA B 94 17.58 -4.28 -25.36
N ASP B 95 16.54 -4.39 -26.16
CA ASP B 95 16.45 -3.64 -27.35
C ASP B 95 15.99 -2.25 -27.05
N LEU B 96 15.06 -2.10 -26.11
CA LEU B 96 14.54 -0.78 -25.71
C LEU B 96 14.46 -0.68 -24.20
N VAL B 97 15.07 0.36 -23.64
CA VAL B 97 14.94 0.66 -22.24
C VAL B 97 13.89 1.74 -22.10
N VAL B 98 12.85 1.48 -21.35
CA VAL B 98 11.95 2.58 -20.95
C VAL B 98 12.46 3.18 -19.64
N ASP B 99 12.98 4.42 -19.68
CA ASP B 99 13.63 4.98 -18.53
C ASP B 99 12.60 5.85 -17.72
N THR B 100 12.23 5.38 -16.52
CA THR B 100 11.28 6.11 -15.65
C THR B 100 11.95 6.68 -14.41
N MSE B 101 13.27 6.74 -14.42
CA MSE B 101 14.03 7.29 -13.31
C MSE B 101 14.90 8.45 -13.69
O MSE B 101 15.50 9.05 -12.80
CB MSE B 101 14.86 6.22 -12.61
CG MSE B 101 16.03 5.68 -13.39
SE MSE B 101 16.96 4.43 -12.16
CE MSE B 101 18.02 5.76 -11.15
N MSE B 102 14.96 8.78 -14.98
N MSE B 102 14.98 8.80 -14.97
CA MSE B 102 15.70 9.96 -15.44
CA MSE B 102 15.70 10.00 -15.41
C MSE B 102 17.17 9.74 -15.26
C MSE B 102 17.20 9.79 -15.29
O MSE B 102 17.78 10.24 -14.31
O MSE B 102 17.84 10.38 -14.43
CB MSE B 102 15.24 11.23 -14.73
CB MSE B 102 15.29 11.21 -14.56
CG MSE B 102 16.41 12.19 -14.69
CG MSE B 102 14.96 12.46 -15.35
SE MSE B 102 16.55 12.98 -16.47
SE MSE B 102 14.15 13.78 -14.11
CE MSE B 102 15.30 14.42 -16.10
CE MSE B 102 13.30 12.58 -12.77
N LEU B 103 17.74 8.96 -16.16
CA LEU B 103 19.16 8.66 -16.13
C LEU B 103 19.82 9.78 -16.85
N LEU B 104 20.69 10.48 -16.13
CA LEU B 104 21.36 11.63 -16.69
C LEU B 104 22.30 11.16 -17.79
N HIS B 105 22.57 12.06 -18.73
CA HIS B 105 23.47 11.72 -19.81
C HIS B 105 24.83 11.53 -19.18
N SER B 106 25.45 10.39 -19.45
CA SER B 106 26.71 9.99 -18.81
C SER B 106 27.47 9.03 -19.71
N PRO B 107 28.76 8.82 -19.43
CA PRO B 107 29.55 7.91 -20.28
C PRO B 107 28.93 6.51 -20.34
N GLU B 108 28.23 6.16 -19.27
CA GLU B 108 27.60 4.84 -19.10
C GLU B 108 26.33 4.70 -19.98
N GLN B 109 25.51 5.72 -20.04
CA GLN B 109 24.34 5.70 -20.92
C GLN B 109 24.74 5.70 -22.38
N GLU B 110 25.73 6.53 -22.71
CA GLU B 110 26.24 6.68 -24.08
C GLU B 110 26.74 5.33 -24.56
N GLN B 111 27.40 4.61 -23.68
CA GLN B 111 27.86 3.25 -23.99
C GLN B 111 26.71 2.29 -24.32
N ILE B 112 25.62 2.45 -23.58
CA ILE B 112 24.47 1.59 -23.74
C ILE B 112 23.93 1.77 -25.11
N LEU B 113 23.78 3.03 -25.49
CA LEU B 113 23.30 3.38 -26.78
C LEU B 113 24.24 2.87 -27.89
N LYS B 114 25.51 2.76 -27.56
CA LYS B 114 26.50 2.28 -28.51
C LYS B 114 26.32 0.81 -28.79
N THR B 115 25.73 0.04 -27.86
CA THR B 115 25.44 -1.37 -28.14
C THR B 115 24.26 -1.61 -29.08
N GLY B 116 23.58 -0.54 -29.50
CA GLY B 116 22.41 -0.70 -30.33
C GLY B 116 21.12 -0.47 -29.56
N THR B 117 21.17 -0.56 -28.23
CA THR B 117 19.99 -0.29 -27.40
C THR B 117 19.46 1.11 -27.63
N ARG B 118 18.16 1.23 -27.78
CA ARG B 118 17.51 2.53 -27.76
C ARG B 118 16.85 2.82 -26.36
N ILE B 119 16.65 4.09 -26.04
CA ILE B 119 16.17 4.50 -24.72
C ILE B 119 15.08 5.53 -24.88
N LEU B 120 13.94 5.29 -24.24
CA LEU B 120 12.83 6.25 -24.19
C LEU B 120 12.63 6.73 -22.75
N LEU B 121 12.96 7.99 -22.50
CA LEU B 121 12.72 8.60 -21.20
C LEU B 121 11.22 8.88 -21.10
N ALA B 122 10.63 8.57 -19.94
CA ALA B 122 9.19 8.83 -19.63
C ALA B 122 8.98 9.09 -18.12
N VAL B 123 8.92 10.37 -17.73
CA VAL B 123 8.92 10.77 -16.34
C VAL B 123 7.97 11.92 -16.00
N GLU B 124 7.44 12.61 -17.01
CA GLU B 124 6.50 13.62 -16.83
C GLU B 124 5.22 12.99 -16.33
N PRO B 125 4.34 13.78 -15.67
CA PRO B 125 3.08 13.22 -15.18
C PRO B 125 2.17 12.77 -16.31
N PRO B 126 1.36 11.76 -16.08
CA PRO B 126 0.45 11.19 -17.09
C PRO B 126 -0.33 12.16 -17.96
N GLU B 127 -0.87 13.21 -17.36
CA GLU B 127 -1.57 14.25 -18.10
C GLU B 127 -0.65 15.01 -19.09
N VAL B 128 0.57 15.32 -18.69
CA VAL B 128 1.54 15.93 -19.58
C VAL B 128 1.84 14.95 -20.72
N LEU B 129 2.03 13.67 -20.40
CA LEU B 129 2.23 12.64 -21.39
C LEU B 129 1.11 12.59 -22.40
N ALA B 130 -0.12 12.79 -21.92
CA ALA B 130 -1.27 12.73 -22.83
C ALA B 130 -1.43 13.96 -23.69
N ARG B 131 -1.17 15.11 -23.10
CA ARG B 131 -1.23 16.36 -23.85
C ARG B 131 -0.23 16.37 -25.01
N MSE B 132 0.99 15.85 -24.79
CA MSE B 132 2.04 15.81 -25.85
C MSE B 132 2.29 14.39 -26.31
O MSE B 132 3.44 13.94 -26.42
CB MSE B 132 3.28 16.49 -25.25
CG MSE B 132 3.02 17.99 -25.25
SE MSE B 132 4.52 18.88 -24.39
CE MSE B 132 3.88 18.79 -22.54
N LEU B 133 1.22 13.65 -26.51
CA LEU B 133 1.33 12.29 -27.01
C LEU B 133 2.04 12.28 -28.42
N PRO B 134 3.07 11.46 -28.58
CA PRO B 134 3.91 11.61 -29.78
C PRO B 134 3.22 11.24 -31.05
N THR B 135 3.55 11.93 -32.14
CA THR B 135 3.05 11.58 -33.47
C THR B 135 4.18 11.42 -34.45
N GLU B 136 3.93 10.65 -35.51
CA GLU B 136 4.87 10.50 -36.63
C GLU B 136 5.06 11.84 -37.35
N ASP B 137 4.00 12.65 -37.38
CA ASP B 137 4.04 13.96 -38.01
C ASP B 137 4.97 14.92 -37.26
N ASP B 138 5.12 14.73 -35.94
CA ASP B 138 6.00 15.58 -35.19
C ASP B 138 7.38 15.19 -35.65
N LYS B 139 7.61 13.90 -35.81
CA LYS B 139 8.91 13.44 -36.24
C LYS B 139 9.30 14.07 -37.58
N ARG B 140 8.37 14.08 -38.52
CA ARG B 140 8.67 14.62 -39.85
C ARG B 140 9.10 16.10 -39.74
N ARG B 141 8.42 16.88 -38.92
CA ARG B 141 8.67 18.31 -38.83
C ARG B 141 9.97 18.56 -38.14
N VAL B 142 10.30 17.70 -37.21
CA VAL B 142 11.48 17.90 -36.50
C VAL B 142 12.65 17.48 -37.39
N LEU B 143 12.49 16.42 -38.20
CA LEU B 143 13.58 16.00 -39.16
C LEU B 143 13.81 17.00 -40.26
N ALA B 144 12.77 17.66 -40.71
CA ALA B 144 12.91 18.67 -41.73
C ALA B 144 13.74 19.83 -41.20
N ALA B 145 13.54 20.22 -39.95
CA ALA B 145 14.36 21.25 -39.33
C ALA B 145 15.79 20.80 -39.18
N GLU B 146 15.99 19.61 -38.73
CA GLU B 146 17.30 19.06 -38.54
C GLU B 146 18.16 19.16 -39.82
N THR B 147 17.60 18.81 -40.96
CA THR B 147 18.26 18.99 -42.26
C THR B 147 18.94 20.37 -42.36
N LEU B 148 18.19 21.40 -42.05
CA LEU B 148 18.71 22.77 -42.14
C LEU B 148 19.77 23.02 -41.07
N LEU B 149 19.62 22.37 -39.94
CA LEU B 149 20.56 22.62 -38.90
C LEU B 149 21.91 21.99 -39.28
N LYS B 150 21.86 20.80 -39.85
CA LYS B 150 23.08 20.06 -40.24
C LYS B 150 23.83 20.75 -41.37
N GLN B 151 23.08 21.51 -42.21
CA GLN B 151 23.64 22.41 -43.26
C GLN B 151 24.23 23.73 -42.77
N ALA B 152 24.01 24.09 -41.51
CA ALA B 152 24.42 25.43 -41.07
C ALA B 152 25.88 25.50 -40.63
N ARG B 153 26.51 26.65 -40.86
CA ARG B 153 27.86 26.96 -40.38
C ARG B 153 27.78 27.85 -39.15
N SER B 154 26.62 28.46 -38.89
CA SER B 154 26.47 29.27 -37.70
C SER B 154 25.02 29.44 -37.20
N LEU B 155 24.89 29.83 -35.95
CA LEU B 155 23.56 30.18 -35.43
C LEU B 155 23.61 31.51 -34.78
N HIS B 156 22.62 32.35 -35.09
CA HIS B 156 22.50 33.70 -34.55
C HIS B 156 21.07 33.95 -33.91
N VAL B 157 21.05 34.54 -32.73
CA VAL B 157 19.82 34.96 -32.05
C VAL B 157 19.81 36.47 -31.79
N ARG B 158 18.76 37.09 -32.28
CA ARG B 158 18.42 38.44 -31.88
C ARG B 158 17.04 38.55 -31.18
N SER B 159 16.90 39.56 -30.34
CA SER B 159 15.58 39.97 -29.81
C SER B 159 15.49 41.46 -29.51
N LYS B 160 14.29 41.99 -29.60
CA LYS B 160 14.02 43.36 -29.23
C LYS B 160 14.58 43.68 -27.87
N ALA B 161 14.62 42.72 -26.96
CA ALA B 161 15.13 42.94 -25.62
C ALA B 161 16.61 43.07 -25.54
N GLY B 162 17.33 42.75 -26.62
CA GLY B 162 18.76 42.90 -26.65
C GLY B 162 19.59 41.66 -26.86
N SER B 163 18.95 40.51 -27.02
CA SER B 163 19.70 39.33 -27.41
C SER B 163 20.42 39.62 -28.74
N ASP B 164 21.72 39.30 -28.79
CA ASP B 164 22.59 39.44 -30.02
C ASP B 164 23.74 38.45 -29.87
N PHE B 165 23.53 37.23 -30.33
CA PHE B 165 24.31 36.08 -29.88
C PHE B 165 24.76 35.31 -31.12
N HIS B 166 26.02 34.90 -31.15
CA HIS B 166 26.51 34.26 -32.32
C HIS B 166 27.23 33.01 -31.91
N ALA B 167 26.93 31.95 -32.62
CA ALA B 167 27.47 30.65 -32.32
C ALA B 167 27.94 29.92 -33.61
N PRO B 168 29.26 29.82 -33.79
CA PRO B 168 29.76 29.00 -34.91
C PRO B 168 29.41 27.58 -34.70
N LEU B 169 28.90 26.94 -35.74
CA LEU B 169 28.53 25.52 -35.74
C LEU B 169 29.44 24.70 -36.66
N GLY B 170 29.31 23.38 -36.56
CA GLY B 170 30.08 22.44 -37.41
C GLY B 170 30.88 21.37 -36.69
N GLN B 171 31.46 21.74 -35.57
CA GLN B 171 32.21 20.81 -34.76
C GLN B 171 31.33 19.64 -34.25
N TYR B 172 30.08 19.93 -33.89
CA TYR B 172 29.27 18.98 -33.14
C TYR B 172 28.06 18.59 -33.92
N PRO B 173 27.50 17.41 -33.64
CA PRO B 173 26.32 17.00 -34.39
C PRO B 173 25.02 17.63 -33.89
N ALA B 174 23.99 17.55 -34.75
CA ALA B 174 22.65 17.97 -34.41
C ALA B 174 21.88 16.81 -33.73
N VAL B 175 21.07 17.15 -32.73
CA VAL B 175 20.25 16.18 -32.02
C VAL B 175 18.81 16.61 -32.02
N THR B 176 17.94 15.64 -32.31
CA THR B 176 16.50 15.82 -32.39
C THR B 176 15.80 15.04 -31.29
N GLU B 177 14.58 15.45 -30.99
CA GLU B 177 13.75 14.82 -29.94
C GLU B 177 12.39 15.01 -30.43
N TYR B 178 11.79 13.92 -30.89
CA TYR B 178 10.40 13.97 -31.36
C TYR B 178 9.50 13.05 -30.58
N GLY B 179 9.99 12.46 -29.50
CA GLY B 179 9.13 11.78 -28.53
C GLY B 179 9.02 10.26 -28.51
N TYR B 180 9.75 9.60 -29.39
CA TYR B 180 9.80 8.14 -29.42
C TYR B 180 11.12 7.53 -29.98
N ALA B 181 11.44 6.36 -29.48
CA ALA B 181 12.71 5.76 -29.74
C ALA B 181 12.59 4.62 -30.72
N ASP B 182 12.38 4.94 -31.98
CA ASP B 182 12.24 3.93 -33.07
C ASP B 182 13.59 3.41 -33.65
N GLU B 183 14.63 4.20 -33.56
CA GLU B 183 15.90 3.89 -34.21
C GLU B 183 16.93 3.33 -33.24
N PRO B 184 17.65 2.30 -33.65
CA PRO B 184 18.67 1.77 -32.75
C PRO B 184 19.77 2.79 -32.39
N GLY B 185 20.30 2.67 -31.19
CA GLY B 185 21.24 3.63 -30.67
C GLY B 185 20.70 5.03 -30.43
N ARG B 186 19.38 5.20 -30.51
CA ARG B 186 18.76 6.50 -30.40
C ARG B 186 18.07 6.67 -29.00
N TRP B 187 18.34 7.82 -28.38
CA TRP B 187 17.75 8.22 -27.12
C TRP B 187 16.68 9.25 -27.47
N ASP B 188 15.50 9.15 -26.87
CA ASP B 188 14.48 10.21 -26.97
C ASP B 188 13.61 10.32 -25.71
N HIS B 189 12.70 11.28 -25.71
CA HIS B 189 11.94 11.59 -24.52
C HIS B 189 10.49 11.85 -24.85
N TRP B 190 9.61 11.03 -24.32
CA TRP B 190 8.20 11.33 -24.36
C TRP B 190 7.87 12.17 -23.09
N PRO B 191 7.52 13.46 -23.24
CA PRO B 191 7.27 14.29 -24.44
C PRO B 191 8.43 15.22 -24.83
N SER B 192 8.45 15.64 -26.09
CA SER B 192 9.44 16.62 -26.55
C SER B 192 8.94 17.16 -27.90
N GLY B 193 9.84 17.27 -28.89
CA GLY B 193 9.50 18.05 -30.10
C GLY B 193 10.36 19.28 -30.32
N PHE B 194 11.68 19.08 -30.29
CA PHE B 194 12.63 20.15 -30.52
C PHE B 194 13.95 19.53 -31.00
N LEU B 195 14.92 20.39 -31.25
CA LEU B 195 16.24 20.00 -31.71
C LEU B 195 17.25 21.02 -31.26
N PHE B 196 18.49 20.55 -31.18
CA PHE B 196 19.60 21.40 -30.76
C PHE B 196 20.94 20.88 -31.27
N THR B 197 21.97 21.69 -31.14
CA THR B 197 23.35 21.27 -31.33
C THR B 197 24.13 22.02 -30.28
N TRP B 198 25.46 22.01 -30.39
CA TRP B 198 26.32 22.77 -29.51
C TRP B 198 27.12 23.69 -30.36
N PRO B 199 27.57 24.80 -29.80
CA PRO B 199 28.44 25.67 -30.59
C PRO B 199 29.88 25.13 -30.65
N ASN B 200 30.69 25.54 -31.62
CA ASN B 200 32.10 25.07 -31.64
C ASN B 200 32.78 25.47 -30.29
N GLU B 201 33.71 24.66 -29.84
CA GLU B 201 34.52 25.03 -28.66
C GLU B 201 35.00 26.49 -28.63
N ASP B 202 34.83 27.11 -27.46
CA ASP B 202 35.46 28.37 -27.18
C ASP B 202 35.10 29.48 -28.17
N SER B 203 33.96 29.34 -28.83
CA SER B 203 33.63 30.27 -29.88
C SER B 203 32.38 31.16 -29.67
N ALA B 204 31.39 30.72 -28.88
CA ALA B 204 30.11 31.49 -28.84
C ALA B 204 30.29 32.92 -28.30
N GLU B 205 29.66 33.90 -28.93
CA GLU B 205 29.90 35.33 -28.52
C GLU B 205 28.65 36.15 -28.49
N GLY B 206 28.64 37.13 -27.58
CA GLY B 206 27.66 38.22 -27.66
C GLY B 206 26.83 38.24 -26.38
N THR B 207 25.55 38.46 -26.51
CA THR B 207 24.74 38.65 -25.32
C THR B 207 23.42 37.92 -25.49
N LEU B 208 22.91 37.41 -24.38
CA LEU B 208 21.60 36.79 -24.36
C LEU B 208 20.84 37.42 -23.21
N VAL B 209 19.61 37.82 -23.46
CA VAL B 209 18.87 38.66 -22.52
C VAL B 209 17.65 37.84 -22.17
N LEU B 210 17.56 37.52 -20.89
CA LEU B 210 16.33 36.94 -20.38
C LEU B 210 15.37 38.09 -20.14
N ASP B 211 14.38 38.22 -20.96
CA ASP B 211 13.41 39.27 -20.79
C ASP B 211 12.40 38.87 -19.71
N VAL B 212 11.51 39.80 -19.40
CA VAL B 212 10.33 39.51 -18.58
C VAL B 212 9.50 38.41 -19.23
N GLY B 213 9.29 37.34 -18.51
CA GLY B 213 8.46 36.28 -18.98
C GLY B 213 9.28 35.08 -19.37
N ASP B 214 10.56 35.26 -19.56
CA ASP B 214 11.44 34.16 -19.89
C ASP B 214 11.73 33.33 -18.63
N ILE B 215 12.12 32.09 -18.90
CA ILE B 215 12.17 31.03 -17.91
C ILE B 215 13.60 30.55 -17.68
N ILE B 216 13.99 30.44 -16.40
CA ILE B 216 15.13 29.59 -15.99
C ILE B 216 14.70 28.23 -15.39
N LEU B 217 15.16 27.13 -16.00
CA LEU B 217 15.03 25.81 -15.43
C LEU B 217 16.37 25.40 -14.78
N PRO B 218 16.31 24.78 -13.60
CA PRO B 218 15.20 24.25 -12.84
C PRO B 218 14.54 25.16 -11.82
N PHE B 219 14.79 26.46 -11.82
CA PHE B 219 14.12 27.34 -10.87
C PHE B 219 12.62 27.37 -11.14
N LYS B 220 12.21 27.26 -12.40
CA LYS B 220 10.80 27.29 -12.81
C LYS B 220 10.09 28.59 -12.49
N ASN B 221 10.70 29.69 -12.87
CA ASN B 221 10.08 30.97 -12.65
C ASN B 221 10.02 31.61 -13.94
N TYR B 222 9.01 32.47 -14.10
CA TYR B 222 8.95 33.47 -15.15
C TYR B 222 9.62 34.69 -14.54
N CYS B 223 10.64 35.19 -15.23
CA CYS B 223 11.50 36.26 -14.72
C CYS B 223 10.63 37.48 -14.66
N ARG B 224 10.74 38.24 -13.58
CA ARG B 224 9.95 39.48 -13.49
C ARG B 224 10.78 40.69 -13.85
N GLU B 225 12.10 40.52 -13.82
CA GLU B 225 13.09 41.53 -14.18
C GLU B 225 14.09 40.89 -15.17
N ARG B 226 14.61 41.70 -16.09
CA ARG B 226 15.57 41.23 -17.09
C ARG B 226 16.83 40.74 -16.43
N ILE B 227 17.47 39.77 -17.07
CA ILE B 227 18.82 39.35 -16.73
C ILE B 227 19.59 39.37 -18.04
N THR B 228 20.77 39.95 -18.01
CA THR B 228 21.62 40.00 -19.20
C THR B 228 22.82 39.08 -19.01
N LEU B 229 23.03 38.19 -19.97
CA LEU B 229 24.19 37.33 -19.93
C LEU B 229 25.14 37.79 -20.99
N GLU B 230 26.36 38.04 -20.58
CA GLU B 230 27.42 38.41 -21.51
C GLU B 230 28.29 37.23 -21.73
N ILE B 231 28.52 36.92 -22.98
CA ILE B 231 29.23 35.70 -23.31
C ILE B 231 30.46 35.98 -24.17
N GLU B 232 31.58 35.41 -23.76
CA GLU B 232 32.87 35.48 -24.52
C GLU B 232 33.50 34.12 -24.62
N LYS B 233 33.82 33.73 -25.85
CA LYS B 233 34.52 32.50 -26.11
C LYS B 233 33.91 31.27 -25.45
N GLY B 234 32.59 31.16 -25.60
CA GLY B 234 31.87 29.99 -25.08
C GLY B 234 31.36 30.07 -23.65
N PHE B 235 31.63 31.17 -22.97
CA PHE B 235 31.45 31.25 -21.53
C PHE B 235 30.67 32.49 -21.14
N ILE B 236 29.74 32.34 -20.21
CA ILE B 236 29.14 33.45 -19.54
C ILE B 236 30.21 34.15 -18.71
N THR B 237 30.47 35.43 -18.96
CA THR B 237 31.42 36.15 -18.12
C THR B 237 30.75 37.19 -17.30
N GLY B 238 29.52 37.57 -17.65
CA GLY B 238 28.75 38.54 -16.89
C GLY B 238 27.26 38.20 -16.81
N ILE B 239 26.71 38.42 -15.61
CA ILE B 239 25.32 38.26 -15.31
C ILE B 239 24.88 39.52 -14.56
N HIS B 240 23.93 40.28 -15.14
CA HIS B 240 23.43 41.58 -14.65
C HIS B 240 21.93 41.67 -14.73
N GLY B 241 21.36 42.21 -13.67
CA GLY B 241 19.98 42.68 -13.64
C GLY B 241 19.60 42.92 -12.16
N GLY B 242 18.37 42.59 -11.82
CA GLY B 242 17.94 42.79 -10.46
C GLY B 242 18.07 41.55 -9.58
N PHE B 243 16.92 41.09 -9.11
CA PHE B 243 16.94 40.12 -8.06
C PHE B 243 17.13 38.73 -8.70
N GLU B 244 16.45 38.50 -9.81
CA GLU B 244 16.66 37.25 -10.54
C GLU B 244 18.17 37.09 -10.83
N ALA B 245 18.83 38.18 -11.21
CA ALA B 245 20.26 38.08 -11.56
C ALA B 245 21.11 37.74 -10.35
N GLU B 246 20.88 38.40 -9.21
CA GLU B 246 21.62 38.06 -7.99
C GLU B 246 21.44 36.59 -7.59
N TYR B 247 20.20 36.14 -7.56
CA TYR B 247 19.83 34.77 -7.25
C TYR B 247 20.55 33.79 -8.17
N LEU B 248 20.41 33.99 -9.47
CA LEU B 248 21.15 33.19 -10.44
C LEU B 248 22.65 33.14 -10.16
N ARG B 249 23.30 34.30 -10.03
CA ARG B 249 24.73 34.39 -9.68
C ARG B 249 25.06 33.55 -8.43
N ASP B 250 24.19 33.62 -7.41
CA ASP B 250 24.47 32.96 -6.12
C ASP B 250 24.47 31.47 -6.36
N TYR B 251 23.44 31.00 -7.06
CA TYR B 251 23.27 29.62 -7.42
C TYR B 251 24.42 29.04 -8.20
N MSE B 252 24.90 29.74 -9.21
CA MSE B 252 26.03 29.22 -10.03
C MSE B 252 27.34 29.17 -9.23
O MSE B 252 28.09 28.22 -9.37
CB MSE B 252 26.17 30.04 -11.32
CG MSE B 252 25.11 29.51 -12.29
SE MSE B 252 24.78 30.79 -13.77
CE MSE B 252 25.45 29.63 -15.22
N LYS B 253 27.56 30.18 -8.40
CA LYS B 253 28.77 30.28 -7.57
C LYS B 253 28.89 29.17 -6.53
N TYR B 254 27.78 28.85 -5.88
CA TYR B 254 27.70 27.73 -4.92
C TYR B 254 28.46 26.50 -5.36
N PHE B 255 28.32 26.16 -6.64
CA PHE B 255 28.98 24.98 -7.20
C PHE B 255 30.49 25.17 -7.31
N ASN B 256 30.96 26.40 -7.12
CA ASN B 256 32.38 26.65 -7.07
C ASN B 256 33.13 25.93 -8.20
N ASP B 257 32.65 26.11 -9.42
CA ASP B 257 33.26 25.53 -10.58
C ASP B 257 33.20 26.54 -11.74
N PRO B 258 34.37 26.90 -12.32
CA PRO B 258 34.41 27.76 -13.52
C PRO B 258 33.64 27.17 -14.71
N GLU B 259 33.46 25.86 -14.69
CA GLU B 259 32.77 25.14 -15.77
C GLU B 259 31.25 25.42 -15.94
N VAL B 260 30.57 25.83 -14.87
CA VAL B 260 29.09 26.01 -14.94
C VAL B 260 28.74 27.10 -15.96
N TYR B 261 29.68 28.01 -16.14
CA TYR B 261 29.46 29.17 -16.97
C TYR B 261 29.57 28.91 -18.51
N GLY B 262 29.73 27.65 -18.88
CA GLY B 262 29.92 27.31 -20.28
C GLY B 262 28.63 27.17 -21.03
N ILE B 263 28.50 27.76 -22.22
CA ILE B 263 27.32 27.53 -23.06
C ILE B 263 27.37 26.16 -23.64
N SER B 264 26.27 25.43 -23.53
CA SER B 264 26.21 24.07 -24.04
C SER B 264 25.16 24.06 -25.14
N HIS B 265 24.06 23.36 -25.03
CA HIS B 265 23.30 23.21 -26.24
C HIS B 265 22.48 24.42 -26.54
N ILE B 266 22.14 24.53 -27.82
CA ILE B 266 21.46 25.68 -28.37
C ILE B 266 20.53 25.11 -29.45
N GLY B 267 19.37 25.70 -29.58
CA GLY B 267 18.36 25.22 -30.53
C GLY B 267 17.02 25.86 -30.33
N TRP B 268 16.03 25.38 -31.05
CA TRP B 268 14.70 25.90 -30.99
C TRP B 268 13.59 24.87 -30.82
N GLY B 269 12.41 25.35 -30.38
CA GLY B 269 11.30 24.47 -30.08
C GLY B 269 10.36 24.32 -31.22
N LEU B 270 9.85 23.11 -31.42
CA LEU B 270 8.90 22.85 -32.50
C LEU B 270 7.64 22.14 -32.05
N GLN B 271 7.23 22.26 -30.78
CA GLN B 271 6.08 21.55 -30.26
C GLN B 271 4.92 22.48 -29.96
N PRO B 272 3.97 22.58 -30.88
CA PRO B 272 2.87 23.53 -30.60
C PRO B 272 1.94 23.10 -29.43
N ARG B 273 1.90 21.80 -29.11
CA ARG B 273 1.16 21.30 -27.97
C ARG B 273 1.78 21.60 -26.63
N ALA B 274 3.02 22.01 -26.66
CA ALA B 274 3.66 22.54 -25.50
C ALA B 274 3.40 24.04 -25.50
N GLN B 275 3.49 24.63 -24.33
CA GLN B 275 2.94 25.94 -24.07
C GLN B 275 3.73 26.67 -22.98
N TRP B 276 4.18 27.85 -23.34
CA TRP B 276 4.90 28.73 -22.47
C TRP B 276 4.12 28.98 -21.17
N THR B 277 2.80 29.04 -21.23
CA THR B 277 1.99 29.30 -20.00
C THR B 277 1.84 28.09 -19.12
N ALA B 278 2.10 26.91 -19.63
CA ALA B 278 1.83 25.70 -18.85
C ALA B 278 2.53 25.64 -17.48
N MSE B 279 3.79 26.06 -17.43
CA MSE B 279 4.54 25.97 -16.21
C MSE B 279 3.88 26.63 -14.99
O MSE B 279 3.99 26.12 -13.89
CB MSE B 279 5.88 26.65 -16.41
CG MSE B 279 6.85 26.21 -15.32
SE MSE B 279 8.59 27.01 -15.70
CE MSE B 279 8.09 28.88 -15.25
N GLY B 280 3.26 27.78 -15.18
CA GLY B 280 2.58 28.50 -14.12
C GLY B 280 1.30 27.83 -13.63
N LEU B 281 0.96 26.70 -14.23
CA LEU B 281 -0.13 25.86 -13.80
C LEU B 281 0.32 24.58 -13.04
N HIS B 282 1.60 24.55 -12.65
CA HIS B 282 2.23 23.36 -12.07
C HIS B 282 3.05 23.72 -10.86
N ASP B 283 3.19 22.75 -9.94
CA ASP B 283 4.14 22.86 -8.84
C ASP B 283 5.54 22.31 -9.26
N ARG B 284 6.59 22.80 -8.63
CA ARG B 284 7.97 22.49 -9.01
C ARG B 284 8.32 21.03 -9.02
N ASN B 285 7.73 20.28 -8.09
CA ASN B 285 7.98 18.84 -8.01
C ASN B 285 7.15 18.01 -8.98
N ASP B 286 6.23 18.64 -9.71
CA ASP B 286 5.37 17.92 -10.67
C ASP B 286 6.12 17.28 -11.85
N GLY B 287 7.14 17.95 -12.34
CA GLY B 287 7.89 17.43 -13.48
C GLY B 287 9.16 18.22 -13.71
N MSE B 288 9.78 17.98 -14.86
CA MSE B 288 10.89 18.85 -15.26
C MSE B 288 10.48 20.01 -16.15
O MSE B 288 11.30 20.86 -16.52
CB MSE B 288 11.95 17.97 -15.88
CG MSE B 288 11.49 16.96 -16.92
SE MSE B 288 13.11 15.95 -17.45
CE MSE B 288 13.79 17.18 -18.86
N CYS B 289 9.19 20.09 -16.50
CA CYS B 289 8.65 21.13 -17.38
C CYS B 289 9.20 21.06 -18.82
N MSE B 290 8.74 20.03 -19.55
CA MSE B 290 9.04 19.91 -20.97
C MSE B 290 8.31 20.99 -21.78
O MSE B 290 8.79 21.38 -22.85
CB MSE B 290 8.79 18.47 -21.43
CG MSE B 290 9.74 17.52 -20.74
SE MSE B 290 11.64 17.96 -21.06
CE MSE B 290 11.39 18.13 -23.02
N ASP B 291 7.16 21.49 -21.30
CA ASP B 291 6.48 22.55 -22.01
C ASP B 291 7.45 23.70 -22.24
N ALA B 292 8.16 24.06 -21.17
CA ALA B 292 9.01 25.18 -21.19
C ALA B 292 10.19 24.97 -22.17
N ARG B 293 10.66 23.75 -22.30
CA ARG B 293 11.77 23.42 -23.21
C ARG B 293 11.42 23.34 -24.67
N ALA B 294 10.22 22.88 -24.98
CA ALA B 294 9.93 22.50 -26.34
C ALA B 294 8.97 23.40 -27.06
N PHE B 295 8.43 24.44 -26.41
CA PHE B 295 7.33 25.17 -27.05
C PHE B 295 7.77 25.79 -28.34
N TYR B 296 6.81 25.82 -29.26
CA TYR B 296 6.95 26.24 -30.61
C TYR B 296 7.55 27.63 -30.70
N GLY B 297 8.68 27.74 -31.40
CA GLY B 297 9.33 29.03 -31.58
C GLY B 297 10.23 29.51 -30.45
N ASN B 298 10.39 28.74 -29.38
CA ASN B 298 11.32 29.24 -28.37
C ASN B 298 12.76 29.12 -28.91
N PHE B 299 13.68 29.85 -28.32
CA PHE B 299 15.09 29.55 -28.45
C PHE B 299 15.53 29.04 -27.09
N LEU B 300 16.17 27.89 -27.10
CA LEU B 300 16.57 27.22 -25.94
C LEU B 300 18.08 27.09 -25.87
N PHE B 301 18.66 27.58 -24.79
CA PHE B 301 20.06 27.34 -24.62
C PHE B 301 20.25 26.84 -23.23
N SER B 302 21.42 26.28 -23.03
CA SER B 302 21.73 25.57 -21.80
C SER B 302 23.14 25.91 -21.37
N THR B 303 23.41 25.74 -20.09
CA THR B 303 24.72 25.94 -19.56
C THR B 303 25.21 24.68 -18.94
N GLY B 304 26.52 24.66 -18.73
CA GLY B 304 27.21 23.63 -17.95
C GLY B 304 27.90 22.51 -18.72
N PRO B 305 27.51 21.24 -18.45
CA PRO B 305 28.26 20.09 -18.97
C PRO B 305 28.03 19.81 -20.44
N ASN B 306 29.09 19.36 -21.12
CA ASN B 306 29.06 19.01 -22.55
C ASN B 306 29.83 17.71 -22.87
N THR B 307 30.10 16.92 -21.84
CA THR B 307 30.73 15.61 -21.99
C THR B 307 29.83 14.66 -22.77
N GLU B 308 28.53 14.95 -22.81
CA GLU B 308 27.59 14.25 -23.70
C GLU B 308 28.20 13.96 -25.07
N VAL B 309 28.85 14.98 -25.64
CA VAL B 309 29.43 14.90 -26.99
C VAL B 309 30.96 15.17 -27.04
N GLY B 310 31.66 14.71 -26.01
CA GLY B 310 33.11 14.85 -25.92
C GLY B 310 33.62 16.25 -25.56
N GLY B 311 32.71 17.11 -25.12
CA GLY B 311 33.11 18.43 -24.64
C GLY B 311 33.89 18.30 -23.34
N LYS B 312 34.67 19.34 -23.02
CA LYS B 312 35.56 19.32 -21.85
C LYS B 312 34.88 19.28 -20.48
N ARG B 313 33.64 19.77 -20.41
CA ARG B 313 33.03 20.07 -19.11
C ARG B 313 32.15 18.96 -18.57
N LYS B 314 32.48 18.51 -17.35
CA LYS B 314 31.81 17.38 -16.65
C LYS B 314 31.00 17.82 -15.41
N THR B 315 30.88 19.14 -15.20
CA THR B 315 30.25 19.73 -14.01
C THR B 315 28.74 19.39 -13.82
N PRO B 316 28.26 19.39 -12.58
CA PRO B 316 26.84 19.16 -12.27
C PRO B 316 25.83 20.30 -12.57
N CYS B 317 26.21 21.55 -12.33
CA CYS B 317 25.31 22.69 -12.49
C CYS B 317 24.87 22.86 -13.94
N HIS B 318 23.59 22.70 -14.18
CA HIS B 318 23.05 22.69 -15.52
C HIS B 318 21.76 23.48 -15.54
N LEU B 319 21.70 24.50 -16.39
CA LEU B 319 20.51 25.29 -16.57
C LEU B 319 20.05 25.16 -18.00
N ASP B 320 18.74 25.13 -18.18
CA ASP B 320 18.06 25.28 -19.46
C ASP B 320 17.23 26.54 -19.41
N ILE B 321 17.36 27.37 -20.44
CA ILE B 321 16.70 28.68 -20.44
C ILE B 321 15.98 28.93 -21.78
N PRO B 322 14.65 28.83 -21.78
CA PRO B 322 13.97 29.17 -23.01
C PRO B 322 13.65 30.66 -23.14
N LEU B 323 13.80 31.20 -24.33
CA LEU B 323 13.58 32.63 -24.56
C LEU B 323 12.49 32.77 -25.60
N ARG B 324 11.59 33.72 -25.36
CA ARG B 324 10.44 34.00 -26.23
C ARG B 324 10.77 35.15 -27.16
N ASN B 325 10.02 35.27 -28.26
CA ASN B 325 10.08 36.43 -29.14
C ASN B 325 11.38 36.60 -29.89
N CYS B 326 12.09 35.51 -30.13
CA CYS B 326 13.41 35.62 -30.68
C CYS B 326 13.39 35.48 -32.21
N ASP B 327 14.41 36.06 -32.83
CA ASP B 327 14.79 35.85 -34.23
C ASP B 327 15.94 34.92 -34.17
N ILE B 328 15.78 33.78 -34.78
CA ILE B 328 16.83 32.80 -34.79
C ILE B 328 17.21 32.58 -36.26
N TYR B 329 18.52 32.61 -36.52
CA TYR B 329 19.06 32.53 -37.85
C TYR B 329 20.07 31.40 -37.97
N LEU B 330 20.02 30.68 -39.09
CA LEU B 330 21.06 29.75 -39.46
C LEU B 330 21.80 30.40 -40.61
N ASP B 331 23.06 30.70 -40.38
CA ASP B 331 23.79 31.59 -41.30
C ASP B 331 23.02 32.90 -41.45
N ASP B 332 22.50 33.18 -42.65
CA ASP B 332 21.79 34.44 -42.93
C ASP B 332 20.29 34.23 -43.02
N LYS B 333 19.86 33.01 -42.82
CA LYS B 333 18.50 32.66 -43.10
C LYS B 333 17.73 32.43 -41.77
N ALA B 334 16.56 33.04 -41.71
CA ALA B 334 15.70 32.97 -40.53
C ALA B 334 15.01 31.62 -40.44
N VAL B 335 15.13 30.93 -39.34
CA VAL B 335 14.26 29.81 -39.11
C VAL B 335 13.11 30.14 -38.16
N VAL B 336 13.31 31.14 -37.30
CA VAL B 336 12.25 31.67 -36.42
C VAL B 336 12.41 33.20 -36.44
N LEU B 337 11.28 33.86 -36.48
CA LEU B 337 11.20 35.32 -36.34
C LEU B 337 10.14 35.70 -35.27
N ALA B 338 10.56 36.54 -34.35
CA ALA B 338 9.71 37.04 -33.30
C ALA B 338 8.95 35.89 -32.70
N GLY B 339 9.66 34.82 -32.36
CA GLY B 339 9.03 33.63 -31.77
C GLY B 339 8.16 32.73 -32.65
N ASP B 340 7.90 33.11 -33.91
CA ASP B 340 7.19 32.19 -34.82
C ASP B 340 8.17 31.45 -35.75
N VAL B 341 7.92 30.14 -35.95
CA VAL B 341 8.71 29.30 -36.84
C VAL B 341 8.41 29.62 -38.30
N VAL B 342 9.41 30.07 -39.06
CA VAL B 342 9.17 30.46 -40.48
C VAL B 342 9.84 29.55 -41.52
N ALA B 343 10.83 28.76 -41.10
CA ALA B 343 11.49 27.84 -42.03
C ALA B 343 12.16 26.71 -41.25
N PRO B 344 12.22 25.53 -41.85
CA PRO B 344 11.60 25.27 -43.13
C PRO B 344 10.09 25.19 -43.02
N GLU B 345 9.45 25.38 -44.17
CA GLU B 345 8.00 25.26 -44.33
C GLU B 345 7.44 23.92 -43.79
N GLU B 346 8.11 22.81 -44.10
CA GLU B 346 7.64 21.47 -43.65
C GLU B 346 7.79 21.26 -42.14
N SER B 347 8.54 22.11 -41.45
CA SER B 347 8.66 21.99 -40.03
C SER B 347 7.51 22.70 -39.29
N ARG B 348 6.72 23.50 -40.01
CA ARG B 348 5.72 24.38 -39.41
C ARG B 348 4.44 23.62 -38.99
N ALA B 349 3.71 24.15 -37.99
CA ALA B 349 2.40 23.61 -37.53
C ALA B 349 1.45 23.16 -38.68
N PRO C 2 2.36 -18.82 -11.59
CA PRO C 2 1.32 -17.83 -11.30
C PRO C 2 1.02 -16.92 -12.44
N VAL C 3 -0.10 -16.22 -12.29
CA VAL C 3 -0.72 -15.40 -13.32
C VAL C 3 -0.26 -13.96 -13.13
N SER C 4 0.26 -13.37 -14.20
CA SER C 4 0.67 -11.97 -14.16
C SER C 4 -0.53 -11.07 -14.37
N ASN C 5 -0.38 -9.79 -14.00
CA ASN C 5 -1.45 -8.82 -14.21
C ASN C 5 -1.80 -8.76 -15.67
N ALA C 6 -0.82 -8.91 -16.55
CA ALA C 6 -1.14 -8.68 -17.97
C ALA C 6 -1.94 -9.82 -18.48
N GLN C 7 -1.57 -11.02 -18.04
CA GLN C 7 -2.30 -12.20 -18.46
C GLN C 7 -3.74 -12.22 -17.84
N LEU C 8 -3.92 -11.67 -16.66
CA LEU C 8 -5.21 -11.65 -16.03
C LEU C 8 -6.19 -10.69 -16.72
N THR C 9 -5.72 -9.50 -17.08
CA THR C 9 -6.55 -8.62 -17.90
C THR C 9 -6.91 -9.31 -19.22
N GLN C 10 -5.95 -9.95 -19.87
CA GLN C 10 -6.26 -10.66 -21.12
C GLN C 10 -7.34 -11.74 -20.86
N MSE C 11 -7.23 -12.48 -19.77
CA MSE C 11 -8.23 -13.51 -19.53
C MSE C 11 -9.59 -12.88 -19.37
O MSE C 11 -10.56 -13.41 -19.88
CB MSE C 11 -7.91 -14.37 -18.33
CG MSE C 11 -6.85 -15.37 -18.69
SE MSE C 11 -5.95 -15.86 -17.02
CE MSE C 11 -7.29 -15.83 -15.58
N PHE C 12 -9.67 -11.76 -18.66
CA PHE C 12 -10.94 -11.12 -18.46
C PHE C 12 -11.43 -10.61 -19.78
N GLU C 13 -10.53 -10.17 -20.66
CA GLU C 13 -11.00 -9.63 -21.94
C GLU C 13 -11.68 -10.75 -22.66
N HIS C 14 -11.07 -11.91 -22.58
CA HIS C 14 -11.63 -13.08 -23.26
C HIS C 14 -13.02 -13.43 -22.67
N VAL C 15 -13.13 -13.50 -21.37
CA VAL C 15 -14.39 -13.94 -20.78
C VAL C 15 -15.49 -12.92 -20.95
N LEU C 16 -15.13 -11.65 -20.90
CA LEU C 16 -16.11 -10.61 -21.05
C LEU C 16 -16.55 -10.58 -22.46
N LYS C 17 -15.64 -10.87 -23.39
CA LYS C 17 -16.04 -10.99 -24.83
C LYS C 17 -17.01 -12.17 -25.06
N LEU C 18 -16.69 -13.34 -24.54
CA LEU C 18 -17.70 -14.40 -24.52
C LEU C 18 -19.01 -13.96 -23.83
N SER C 19 -18.96 -13.08 -22.82
CA SER C 19 -20.20 -12.59 -22.10
C SER C 19 -20.87 -11.43 -22.84
N ARG C 20 -20.44 -11.14 -24.07
CA ARG C 20 -21.04 -10.13 -24.96
C ARG C 20 -20.89 -8.71 -24.50
N VAL C 21 -19.80 -8.44 -23.82
CA VAL C 21 -19.45 -7.06 -23.49
C VAL C 21 -18.84 -6.40 -24.75
N ASP C 22 -19.27 -5.18 -25.03
CA ASP C 22 -18.71 -4.34 -26.08
C ASP C 22 -19.10 -2.86 -25.82
N GLU C 23 -18.88 -2.00 -26.80
CA GLU C 23 -19.09 -0.57 -26.60
C GLU C 23 -20.56 -0.20 -26.29
N THR C 24 -21.50 -1.08 -26.58
CA THR C 24 -22.90 -0.76 -26.20
C THR C 24 -23.23 -1.07 -24.74
N GLN C 25 -22.38 -1.88 -24.12
CA GLN C 25 -22.67 -2.42 -22.84
C GLN C 25 -22.02 -1.67 -21.69
N SER C 26 -22.69 -1.77 -20.55
CA SER C 26 -22.25 -1.23 -19.27
C SER C 26 -21.95 -2.38 -18.33
N VAL C 27 -20.81 -2.27 -17.66
CA VAL C 27 -20.32 -3.30 -16.73
C VAL C 27 -20.09 -2.67 -15.38
N ALA C 28 -20.51 -3.34 -14.35
CA ALA C 28 -20.34 -2.82 -13.03
C ALA C 28 -19.52 -3.84 -12.35
N VAL C 29 -18.48 -3.48 -11.64
CA VAL C 29 -17.75 -4.51 -10.93
C VAL C 29 -18.11 -4.36 -9.49
N LEU C 30 -18.68 -5.40 -8.93
CA LEU C 30 -19.08 -5.42 -7.54
C LEU C 30 -17.96 -5.96 -6.68
N LYS C 31 -17.64 -5.22 -5.63
CA LYS C 31 -16.59 -5.60 -4.69
C LYS C 31 -16.92 -5.12 -3.27
N SER C 32 -16.21 -5.70 -2.31
CA SER C 32 -16.21 -5.23 -0.91
C SER C 32 -14.76 -5.33 -0.45
N HIS C 33 -14.48 -5.25 0.86
CA HIS C 33 -13.10 -5.00 1.37
C HIS C 33 -12.19 -6.22 1.26
N TYR C 34 -12.82 -7.37 1.18
CA TYR C 34 -12.13 -8.62 1.02
C TYR C 34 -11.99 -9.08 -0.46
N SER C 35 -12.34 -8.22 -1.42
CA SER C 35 -12.25 -8.57 -2.81
C SER C 35 -10.78 -8.55 -3.24
N ASP C 36 -10.40 -9.49 -4.08
CA ASP C 36 -9.03 -9.49 -4.62
C ASP C 36 -8.78 -8.24 -5.46
N PRO C 37 -7.90 -7.33 -4.98
CA PRO C 37 -7.76 -6.12 -5.79
C PRO C 37 -7.21 -6.34 -7.23
N ARG C 38 -6.54 -7.46 -7.48
CA ARG C 38 -5.94 -7.69 -8.80
C ARG C 38 -7.06 -8.05 -9.76
N THR C 39 -8.00 -8.82 -9.26
CA THR C 39 -9.10 -9.26 -10.10
C THR C 39 -9.99 -8.09 -10.43
N VAL C 40 -10.28 -7.24 -9.44
CA VAL C 40 -11.07 -6.05 -9.68
C VAL C 40 -10.38 -5.15 -10.70
N ASN C 41 -9.15 -4.78 -10.42
CA ASN C 41 -8.38 -4.01 -11.38
C ASN C 41 -8.47 -4.66 -12.78
N ALA C 42 -8.28 -5.97 -12.88
CA ALA C 42 -8.29 -6.59 -14.21
C ALA C 42 -9.64 -6.54 -14.88
N ALA C 43 -10.69 -6.70 -14.08
CA ALA C 43 -12.03 -6.63 -14.66
C ALA C 43 -12.27 -5.25 -15.22
N MSE C 44 -11.94 -4.24 -14.42
CA MSE C 44 -12.12 -2.82 -14.76
C MSE C 44 -11.34 -2.48 -16.03
O MSE C 44 -11.88 -1.81 -16.90
CB MSE C 44 -11.56 -1.87 -13.71
CG MSE C 44 -12.22 -1.86 -12.33
SE MSE C 44 -14.02 -1.02 -12.42
CE MSE C 44 -13.62 0.92 -12.37
N GLU C 45 -10.05 -2.87 -16.10
CA GLU C 45 -9.19 -2.59 -17.29
C GLU C 45 -9.75 -3.24 -18.51
N ALA C 46 -10.17 -4.50 -18.36
CA ALA C 46 -10.59 -5.31 -19.48
C ALA C 46 -11.82 -4.78 -20.11
N ALA C 47 -12.77 -4.40 -19.26
CA ALA C 47 -14.05 -3.90 -19.76
C ALA C 47 -13.81 -2.64 -20.58
N GLN C 48 -12.94 -1.77 -20.06
CA GLN C 48 -12.57 -0.52 -20.73
C GLN C 48 -11.81 -0.72 -22.03
N ARG C 49 -11.04 -1.81 -22.10
CA ARG C 49 -10.37 -2.16 -23.35
C ARG C 49 -11.43 -2.52 -24.38
N LEU C 50 -12.54 -3.11 -23.95
CA LEU C 50 -13.58 -3.53 -24.88
C LEU C 50 -14.54 -2.39 -25.20
N LYS C 51 -14.17 -1.21 -24.74
CA LYS C 51 -14.88 0.05 -24.96
C LYS C 51 -16.18 0.14 -24.16
N ALA C 52 -16.44 -0.79 -23.25
CA ALA C 52 -17.66 -0.76 -22.44
C ALA C 52 -17.62 0.43 -21.51
N LYS C 53 -18.77 0.91 -21.06
CA LYS C 53 -18.79 1.87 -19.93
C LYS C 53 -18.73 1.13 -18.62
N VAL C 54 -17.81 1.49 -17.73
CA VAL C 54 -17.62 0.71 -16.52
C VAL C 54 -17.67 1.54 -15.26
N TYR C 55 -17.90 0.86 -14.15
CA TYR C 55 -17.78 1.45 -12.85
C TYR C 55 -17.72 0.34 -11.85
N ALA C 56 -17.20 0.65 -10.69
CA ALA C 56 -17.14 -0.32 -9.64
C ALA C 56 -18.17 0.06 -8.54
N VAL C 57 -18.77 -0.93 -7.86
CA VAL C 57 -19.65 -0.69 -6.73
C VAL C 57 -19.07 -1.39 -5.50
N GLU C 58 -18.78 -0.63 -4.48
CA GLU C 58 -18.26 -1.20 -3.27
C GLU C 58 -19.35 -1.17 -2.18
N LEU C 59 -19.71 -2.35 -1.72
CA LEU C 59 -20.57 -2.48 -0.56
C LEU C 59 -19.81 -2.86 0.69
N PRO C 60 -20.31 -2.37 1.86
CA PRO C 60 -19.85 -2.87 3.14
C PRO C 60 -20.21 -4.34 3.33
N ALA C 61 -19.22 -5.14 3.75
CA ALA C 61 -19.43 -6.54 4.04
C ALA C 61 -20.62 -6.77 5.00
N PHE C 62 -21.23 -7.95 4.82
CA PHE C 62 -22.34 -8.42 5.62
C PHE C 62 -21.87 -9.67 6.33
N ASN C 63 -22.02 -9.69 7.66
CA ASN C 63 -21.63 -10.85 8.45
C ASN C 63 -22.80 -11.58 9.06
N HIS C 64 -22.84 -12.90 8.91
CA HIS C 64 -23.83 -13.70 9.65
C HIS C 64 -23.20 -14.06 10.98
N PRO C 65 -23.78 -13.60 12.12
CA PRO C 65 -23.02 -13.62 13.40
C PRO C 65 -22.70 -15.03 13.85
N THR C 66 -23.61 -15.93 13.53
CA THR C 66 -23.46 -17.35 13.79
C THR C 66 -22.63 -18.12 12.71
N ALA C 67 -22.26 -17.47 11.61
CA ALA C 67 -21.45 -18.15 10.57
C ALA C 67 -20.03 -18.53 11.08
N MSE C 68 -19.61 -19.76 10.78
CA MSE C 68 -18.24 -20.20 11.05
C MSE C 68 -17.48 -20.35 9.76
O MSE C 68 -18.10 -20.49 8.70
CB MSE C 68 -18.23 -21.56 11.72
CG MSE C 68 -19.24 -21.67 12.84
SE MSE C 68 -18.77 -23.28 13.87
CE MSE C 68 -20.24 -24.48 13.33
N GLY C 69 -16.14 -20.34 9.85
CA GLY C 69 -15.22 -20.32 8.69
C GLY C 69 -15.24 -19.06 7.83
N ASN C 70 -14.46 -19.05 6.74
CA ASN C 70 -14.42 -17.89 5.81
C ASN C 70 -15.06 -18.11 4.44
N ASP C 71 -15.50 -19.34 4.14
CA ASP C 71 -16.28 -19.64 2.92
C ASP C 71 -17.70 -19.15 3.14
N MSE C 72 -18.23 -18.43 2.16
CA MSE C 72 -19.55 -17.82 2.37
C MSE C 72 -20.72 -18.65 1.86
O MSE C 72 -21.87 -18.37 2.21
CB MSE C 72 -19.56 -16.43 1.77
CG MSE C 72 -18.45 -15.59 2.41
SE MSE C 72 -18.45 -13.84 1.52
CE MSE C 72 -20.35 -13.31 1.79
N THR C 73 -20.44 -19.68 1.04
CA THR C 73 -21.46 -20.66 0.66
C THR C 73 -21.93 -21.48 1.85
N ALA C 74 -21.25 -21.37 2.98
CA ALA C 74 -21.50 -22.19 4.17
C ALA C 74 -22.70 -21.73 5.00
N TYR C 75 -23.05 -20.45 4.86
CA TYR C 75 -24.18 -19.84 5.58
C TYR C 75 -25.00 -18.99 4.59
N CYS C 76 -26.16 -19.52 4.20
CA CYS C 76 -27.05 -18.88 3.21
C CYS C 76 -28.21 -18.15 3.88
N GLY C 77 -28.08 -16.83 3.99
CA GLY C 77 -29.16 -15.98 4.52
C GLY C 77 -29.21 -14.60 3.87
N ASP C 78 -29.30 -13.57 4.69
CA ASP C 78 -29.19 -12.20 4.22
C ASP C 78 -27.85 -11.97 3.50
N THR C 79 -27.78 -10.91 2.69
CA THR C 79 -26.54 -10.52 2.03
C THR C 79 -26.36 -9.02 2.24
N ALA C 80 -25.28 -8.49 1.70
CA ALA C 80 -25.03 -7.06 1.71
C ALA C 80 -26.15 -6.30 1.04
N LEU C 81 -26.85 -6.92 0.07
CA LEU C 81 -27.96 -6.24 -0.61
C LEU C 81 -29.25 -6.19 0.24
N THR C 82 -29.39 -7.07 1.21
CA THR C 82 -30.57 -7.05 2.02
C THR C 82 -30.70 -5.69 2.64
N GLY C 83 -31.85 -5.05 2.48
CA GLY C 83 -32.08 -3.73 3.04
C GLY C 83 -31.42 -2.57 2.30
N ASN C 84 -30.65 -2.83 1.23
CA ASN C 84 -29.94 -1.74 0.52
C ASN C 84 -30.41 -1.62 -0.92
N LEU C 85 -31.61 -1.06 -1.03
CA LEU C 85 -32.29 -0.98 -2.28
C LEU C 85 -31.52 -0.12 -3.27
N ALA C 86 -30.98 1.00 -2.79
CA ALA C 86 -30.17 1.88 -3.64
C ALA C 86 -28.97 1.18 -4.32
N ALA C 87 -28.27 0.38 -3.55
CA ALA C 87 -27.13 -0.33 -4.10
C ALA C 87 -27.61 -1.36 -5.11
N GLN C 88 -28.78 -1.94 -4.87
CA GLN C 88 -29.32 -2.92 -5.81
C GLN C 88 -29.62 -2.23 -7.13
N ARG C 89 -30.20 -1.06 -7.01
CA ARG C 89 -30.54 -0.31 -8.20
C ARG C 89 -29.32 0.07 -8.95
N ALA C 90 -28.24 0.29 -8.24
CA ALA C 90 -27.05 0.79 -8.86
C ALA C 90 -26.42 -0.32 -9.65
N LEU C 91 -26.71 -1.58 -9.28
CA LEU C 91 -26.33 -2.80 -10.00
C LEU C 91 -27.18 -3.13 -11.25
N GLU C 92 -28.50 -2.96 -11.08
CA GLU C 92 -29.56 -3.00 -12.12
C GLU C 92 -29.31 -2.12 -13.29
N ALA C 93 -28.62 -1.01 -13.07
CA ALA C 93 -28.35 -0.11 -14.16
C ALA C 93 -27.37 -0.78 -15.12
N ALA C 94 -26.62 -1.75 -14.66
CA ALA C 94 -25.64 -2.34 -15.57
C ALA C 94 -26.22 -3.46 -16.39
N ASP C 95 -25.62 -3.64 -17.57
CA ASP C 95 -25.92 -4.77 -18.40
C ASP C 95 -25.36 -6.02 -17.82
N LEU C 96 -24.14 -5.93 -17.30
CA LEU C 96 -23.41 -7.06 -16.77
C LEU C 96 -22.78 -6.65 -15.45
N VAL C 97 -22.87 -7.52 -14.45
CA VAL C 97 -22.19 -7.29 -13.17
C VAL C 97 -21.17 -8.34 -12.99
N VAL C 98 -19.94 -7.93 -12.68
CA VAL C 98 -18.85 -8.86 -12.37
C VAL C 98 -18.77 -8.90 -10.89
N ASP C 99 -19.20 -10.00 -10.33
CA ASP C 99 -19.27 -10.14 -8.90
C ASP C 99 -17.98 -10.74 -8.29
N THR C 100 -17.23 -9.92 -7.54
CA THR C 100 -16.00 -10.37 -6.87
C THR C 100 -16.15 -10.38 -5.36
N MSE C 101 -17.39 -10.44 -4.87
CA MSE C 101 -17.67 -10.39 -3.42
C MSE C 101 -18.52 -11.55 -2.99
O MSE C 101 -18.72 -11.70 -1.81
CB MSE C 101 -18.26 -9.07 -2.86
CG MSE C 101 -19.72 -8.80 -3.24
SE MSE C 101 -20.39 -7.17 -2.31
CE MSE C 101 -20.53 -8.03 -0.54
N MSE C 102 -19.01 -12.36 -3.93
CA MSE C 102 -19.75 -13.59 -3.59
C MSE C 102 -21.09 -13.23 -3.00
O MSE C 102 -21.36 -13.44 -1.83
CB MSE C 102 -18.85 -14.45 -2.69
CG MSE C 102 -19.49 -15.67 -2.06
SE MSE C 102 -20.33 -16.83 -3.40
CE MSE C 102 -18.85 -18.10 -3.29
N LEU C 103 -21.93 -12.59 -3.79
CA LEU C 103 -23.33 -12.42 -3.44
C LEU C 103 -24.10 -13.69 -3.55
N LEU C 104 -24.62 -14.13 -2.42
CA LEU C 104 -25.42 -15.34 -2.34
C LEU C 104 -26.73 -15.13 -3.07
N HIS C 105 -27.37 -16.23 -3.41
CA HIS C 105 -28.64 -16.15 -4.10
C HIS C 105 -29.66 -15.60 -3.10
N SER C 106 -30.46 -14.62 -3.53
CA SER C 106 -31.39 -13.93 -2.66
C SER C 106 -32.48 -13.29 -3.49
N PRO C 107 -33.58 -12.84 -2.87
CA PRO C 107 -34.64 -12.14 -3.62
C PRO C 107 -34.16 -10.87 -4.36
N GLU C 108 -33.19 -10.17 -3.76
CA GLU C 108 -32.63 -8.94 -4.32
C GLU C 108 -31.80 -9.23 -5.60
N GLN C 109 -31.06 -10.33 -5.55
CA GLN C 109 -30.29 -10.71 -6.70
C GLN C 109 -31.24 -11.17 -7.77
N GLU C 110 -32.34 -11.81 -7.37
CA GLU C 110 -33.22 -12.40 -8.38
C GLU C 110 -33.84 -11.25 -9.10
N GLN C 111 -34.10 -10.18 -8.35
CA GLN C 111 -34.65 -8.96 -8.95
C GLN C 111 -33.66 -8.24 -9.91
N ILE C 112 -32.38 -8.27 -9.59
CA ILE C 112 -31.37 -7.75 -10.54
C ILE C 112 -31.50 -8.53 -11.87
N LEU C 113 -31.55 -9.85 -11.79
CA LEU C 113 -31.65 -10.73 -12.95
C LEU C 113 -32.90 -10.51 -13.80
N LYS C 114 -34.02 -10.19 -13.14
CA LYS C 114 -35.28 -9.94 -13.80
C LYS C 114 -35.32 -8.61 -14.58
N THR C 115 -34.42 -7.72 -14.30
CA THR C 115 -34.35 -6.51 -15.11
C THR C 115 -33.59 -6.70 -16.41
N GLY C 116 -33.05 -7.89 -16.68
CA GLY C 116 -32.28 -8.09 -17.86
C GLY C 116 -30.83 -8.16 -17.50
N THR C 117 -30.46 -7.58 -16.37
CA THR C 117 -29.05 -7.60 -15.96
C THR C 117 -28.49 -8.98 -15.86
N ARG C 118 -27.29 -9.16 -16.35
CA ARG C 118 -26.63 -10.48 -16.21
C ARG C 118 -25.42 -10.47 -15.23
N ILE C 119 -25.20 -11.57 -14.53
CA ILE C 119 -24.20 -11.56 -13.49
C ILE C 119 -23.16 -12.66 -13.65
N LEU C 120 -21.88 -12.30 -13.50
CA LEU C 120 -20.77 -13.28 -13.64
C LEU C 120 -19.96 -13.25 -12.39
N LEU C 121 -19.87 -14.39 -11.74
CA LEU C 121 -19.14 -14.46 -10.52
C LEU C 121 -17.74 -14.81 -10.85
N ALA C 122 -16.83 -14.20 -10.11
CA ALA C 122 -15.40 -14.43 -10.32
C ALA C 122 -14.66 -14.04 -9.04
N VAL C 123 -14.48 -15.06 -8.19
CA VAL C 123 -13.85 -14.99 -6.88
C VAL C 123 -12.70 -16.03 -6.65
N GLU C 124 -12.67 -17.12 -7.40
CA GLU C 124 -11.53 -18.05 -7.32
C GLU C 124 -10.16 -17.38 -7.65
N PRO C 125 -9.05 -17.88 -7.10
CA PRO C 125 -7.75 -17.28 -7.43
C PRO C 125 -7.36 -17.31 -8.94
N PRO C 126 -6.61 -16.31 -9.42
CA PRO C 126 -6.27 -16.20 -10.84
C PRO C 126 -5.80 -17.50 -11.45
N GLU C 127 -5.13 -18.33 -10.67
CA GLU C 127 -4.55 -19.55 -11.21
C GLU C 127 -5.61 -20.58 -11.57
N VAL C 128 -6.69 -20.63 -10.77
CA VAL C 128 -7.81 -21.58 -11.03
C VAL C 128 -8.63 -21.08 -12.18
N LEU C 129 -8.66 -19.76 -12.31
CA LEU C 129 -9.42 -19.11 -13.34
C LEU C 129 -8.70 -19.35 -14.64
N ALA C 130 -7.37 -19.42 -14.61
CA ALA C 130 -6.64 -19.59 -15.85
C ALA C 130 -6.87 -21.04 -16.29
N ARG C 131 -6.72 -21.95 -15.35
CA ARG C 131 -6.79 -23.38 -15.68
C ARG C 131 -8.14 -23.76 -16.22
N MSE C 132 -9.21 -23.16 -15.69
CA MSE C 132 -10.57 -23.42 -16.23
C MSE C 132 -11.19 -22.27 -16.97
O MSE C 132 -12.41 -22.00 -16.85
CB MSE C 132 -11.51 -23.83 -15.11
CG MSE C 132 -11.17 -25.23 -14.70
SE MSE C 132 -12.22 -25.65 -13.10
CE MSE C 132 -11.05 -25.01 -11.70
N LEU C 133 -10.37 -21.61 -17.77
CA LEU C 133 -10.83 -20.53 -18.64
C LEU C 133 -11.99 -20.96 -19.54
N PRO C 134 -13.08 -20.22 -19.56
CA PRO C 134 -14.26 -20.65 -20.29
C PRO C 134 -14.07 -20.74 -21.79
N THR C 135 -14.68 -21.74 -22.42
CA THR C 135 -14.84 -21.77 -23.85
C THR C 135 -16.27 -21.99 -24.29
N GLU C 136 -16.51 -21.60 -25.55
CA GLU C 136 -17.78 -21.89 -26.25
C GLU C 136 -18.07 -23.36 -26.21
N ASP C 137 -17.08 -24.18 -26.52
CA ASP C 137 -17.25 -25.64 -26.50
C ASP C 137 -17.80 -26.18 -25.15
N ASP C 138 -17.32 -25.68 -24.02
CA ASP C 138 -17.92 -26.03 -22.76
C ASP C 138 -19.41 -25.65 -22.71
N LYS C 139 -19.79 -24.53 -23.28
CA LYS C 139 -21.16 -24.15 -23.26
C LYS C 139 -21.98 -25.15 -24.09
N ARG C 140 -21.53 -25.44 -25.30
CA ARG C 140 -22.20 -26.45 -26.14
C ARG C 140 -22.41 -27.75 -25.38
N ARG C 141 -21.39 -28.22 -24.68
CA ARG C 141 -21.50 -29.55 -24.08
C ARG C 141 -22.51 -29.48 -22.96
N VAL C 142 -22.56 -28.33 -22.27
CA VAL C 142 -23.40 -28.22 -21.11
C VAL C 142 -24.81 -28.13 -21.55
N LEU C 143 -25.06 -27.32 -22.57
CA LEU C 143 -26.43 -27.20 -23.09
C LEU C 143 -26.99 -28.50 -23.68
N ALA C 144 -26.15 -29.30 -24.32
CA ALA C 144 -26.64 -30.57 -24.85
C ALA C 144 -27.13 -31.46 -23.67
N ALA C 145 -26.46 -31.41 -22.53
CA ALA C 145 -26.89 -32.17 -21.32
C ALA C 145 -28.15 -31.56 -20.70
N GLU C 146 -28.26 -30.23 -20.74
CA GLU C 146 -29.45 -29.53 -20.26
C GLU C 146 -30.70 -30.00 -21.06
N THR C 147 -30.57 -30.16 -22.38
CA THR C 147 -31.64 -30.65 -23.25
C THR C 147 -32.15 -31.99 -22.72
N LEU C 148 -31.22 -32.90 -22.48
CA LEU C 148 -31.60 -34.19 -21.94
C LEU C 148 -32.27 -34.11 -20.56
N LEU C 149 -31.79 -33.20 -19.73
CA LEU C 149 -32.22 -33.16 -18.35
C LEU C 149 -33.61 -32.57 -18.22
N LYS C 150 -33.96 -31.63 -19.10
CA LYS C 150 -35.29 -31.02 -19.08
C LYS C 150 -36.42 -31.99 -19.48
N GLN C 151 -36.11 -33.02 -20.29
CA GLN C 151 -37.07 -34.10 -20.66
C GLN C 151 -37.26 -35.14 -19.56
N ALA C 152 -36.25 -35.33 -18.72
CA ALA C 152 -36.26 -36.31 -17.64
C ALA C 152 -37.42 -36.23 -16.63
N ARG C 153 -37.93 -37.41 -16.31
CA ARG C 153 -38.99 -37.59 -15.33
C ARG C 153 -38.38 -38.07 -14.03
N SER C 154 -37.25 -38.77 -14.10
CA SER C 154 -36.57 -39.19 -12.91
C SER C 154 -35.03 -39.20 -13.04
N LEU C 155 -34.38 -39.16 -11.89
CA LEU C 155 -32.95 -39.30 -11.80
C LEU C 155 -32.67 -40.42 -10.82
N HIS C 156 -31.73 -41.28 -11.17
CA HIS C 156 -31.34 -42.37 -10.29
C HIS C 156 -29.81 -42.45 -10.13
N VAL C 157 -29.33 -42.60 -8.89
CA VAL C 157 -27.89 -42.75 -8.68
C VAL C 157 -27.52 -44.09 -8.03
N ARG C 158 -26.61 -44.84 -8.68
CA ARG C 158 -26.02 -46.03 -8.04
C ARG C 158 -24.53 -45.94 -7.91
N SER C 159 -23.98 -46.65 -6.95
CA SER C 159 -22.55 -46.79 -6.85
C SER C 159 -22.26 -48.09 -6.17
N LYS C 160 -21.07 -48.61 -6.44
CA LYS C 160 -20.61 -49.85 -5.83
C LYS C 160 -20.46 -49.69 -4.32
N ALA C 161 -20.17 -48.47 -3.87
CA ALA C 161 -19.99 -48.21 -2.44
C ALA C 161 -21.33 -48.28 -1.67
N GLY C 162 -22.43 -48.33 -2.40
CA GLY C 162 -23.75 -48.52 -1.83
C GLY C 162 -24.75 -47.42 -2.13
N SER C 163 -24.40 -46.43 -2.97
CA SER C 163 -25.35 -45.37 -3.29
C SER C 163 -26.53 -45.99 -4.03
N ASP C 164 -27.75 -45.57 -3.68
CA ASP C 164 -28.97 -46.07 -4.33
C ASP C 164 -30.07 -45.08 -4.08
N PHE C 165 -30.13 -44.08 -4.97
CA PHE C 165 -30.86 -42.84 -4.72
C PHE C 165 -31.71 -42.58 -5.94
N HIS C 166 -32.98 -42.24 -5.69
CA HIS C 166 -33.98 -41.96 -6.72
C HIS C 166 -34.71 -40.64 -6.46
N ALA C 167 -34.81 -39.83 -7.50
CA ALA C 167 -35.48 -38.56 -7.40
C ALA C 167 -36.35 -38.30 -8.62
N PRO C 168 -37.67 -38.23 -8.41
CA PRO C 168 -38.56 -37.76 -9.47
C PRO C 168 -38.21 -36.31 -9.79
N LEU C 169 -38.31 -35.96 -11.07
CA LEU C 169 -38.10 -34.58 -11.53
C LEU C 169 -39.35 -34.08 -12.25
N GLY C 170 -39.28 -32.86 -12.76
CA GLY C 170 -40.40 -32.30 -13.49
C GLY C 170 -40.91 -31.05 -12.82
N GLN C 171 -40.96 -31.07 -11.50
CA GLN C 171 -41.54 -29.94 -10.78
C GLN C 171 -40.70 -28.67 -10.96
N TYR C 172 -39.38 -28.81 -11.11
CA TYR C 172 -38.44 -27.69 -11.09
C TYR C 172 -37.53 -27.63 -12.32
N PRO C 173 -37.02 -26.43 -12.64
CA PRO C 173 -36.18 -26.28 -13.85
C PRO C 173 -34.73 -26.81 -13.76
N ALA C 174 -34.06 -26.80 -14.89
CA ALA C 174 -32.68 -27.21 -14.99
C ALA C 174 -31.91 -25.93 -15.04
N VAL C 175 -30.80 -25.92 -14.29
CA VAL C 175 -29.87 -24.79 -14.28
C VAL C 175 -28.52 -25.26 -14.82
N THR C 176 -27.91 -24.42 -15.65
CA THR C 176 -26.63 -24.70 -16.25
C THR C 176 -25.56 -23.67 -15.80
N GLU C 177 -24.32 -24.10 -15.75
CA GLU C 177 -23.22 -23.22 -15.48
C GLU C 177 -22.05 -23.66 -16.35
N TYR C 178 -21.72 -22.82 -17.33
CA TYR C 178 -20.65 -23.11 -18.26
C TYR C 178 -19.62 -21.97 -18.31
N GLY C 179 -19.78 -20.98 -17.44
CA GLY C 179 -18.69 -20.14 -16.99
C GLY C 179 -18.64 -18.76 -17.59
N TYR C 180 -19.67 -18.43 -18.34
CA TYR C 180 -19.82 -17.07 -18.77
C TYR C 180 -21.27 -16.62 -18.88
N ALA C 181 -21.47 -15.33 -19.02
CA ALA C 181 -22.74 -14.67 -18.82
C ALA C 181 -23.10 -13.84 -20.04
N ASP C 182 -23.62 -14.55 -21.04
CA ASP C 182 -23.76 -14.01 -22.34
C ASP C 182 -25.22 -13.60 -22.57
N GLU C 183 -26.14 -14.40 -22.08
CA GLU C 183 -27.58 -14.12 -22.23
C GLU C 183 -28.15 -13.20 -21.14
N PRO C 184 -29.05 -12.28 -21.50
CA PRO C 184 -29.61 -11.39 -20.48
C PRO C 184 -30.37 -12.17 -19.39
N GLY C 185 -30.27 -11.72 -18.15
CA GLY C 185 -30.94 -12.35 -16.99
C GLY C 185 -30.30 -13.64 -16.49
N ARG C 186 -29.14 -13.97 -17.04
CA ARG C 186 -28.43 -15.18 -16.64
C ARG C 186 -27.35 -14.83 -15.63
N TRP C 187 -27.24 -15.68 -14.60
CA TRP C 187 -26.16 -15.71 -13.65
C TRP C 187 -25.26 -16.87 -14.03
N ASP C 188 -23.96 -16.71 -13.93
CA ASP C 188 -23.02 -17.79 -14.18
C ASP C 188 -21.73 -17.51 -13.40
N HIS C 189 -20.82 -18.47 -13.43
CA HIS C 189 -19.73 -18.46 -12.53
C HIS C 189 -18.51 -18.94 -13.28
N TRP C 190 -17.53 -18.04 -13.38
CA TRP C 190 -16.21 -18.37 -13.88
C TRP C 190 -15.32 -18.75 -12.70
N PRO C 191 -14.91 -20.03 -12.62
CA PRO C 191 -15.11 -21.19 -13.51
C PRO C 191 -16.18 -22.10 -13.08
N SER C 192 -16.74 -22.86 -14.01
CA SER C 192 -17.70 -23.94 -13.66
C SER C 192 -17.72 -24.91 -14.80
N GLY C 193 -18.90 -25.38 -15.22
CA GLY C 193 -18.98 -26.42 -16.23
C GLY C 193 -19.70 -27.64 -15.74
N PHE C 194 -20.96 -27.44 -15.34
CA PHE C 194 -21.82 -28.43 -14.72
C PHE C 194 -23.30 -27.97 -14.73
N LEU C 195 -24.20 -28.87 -14.39
CA LEU C 195 -25.62 -28.55 -14.41
C LEU C 195 -26.34 -29.34 -13.37
N PHE C 196 -27.50 -28.81 -12.99
CA PHE C 196 -28.31 -29.46 -11.99
C PHE C 196 -29.76 -29.06 -12.09
N THR C 197 -30.57 -29.78 -11.34
CA THR C 197 -31.95 -29.42 -11.08
C THR C 197 -32.23 -29.78 -9.60
N TRP C 198 -33.51 -29.76 -9.24
CA TRP C 198 -33.97 -30.14 -7.91
C TRP C 198 -35.03 -31.24 -8.03
N PRO C 199 -35.09 -32.14 -7.05
CA PRO C 199 -36.06 -33.20 -7.11
C PRO C 199 -37.42 -32.64 -6.75
N ASN C 200 -38.47 -33.29 -7.25
CA ASN C 200 -39.83 -32.91 -6.90
C ASN C 200 -39.93 -32.89 -5.38
N GLU C 201 -40.81 -32.02 -4.85
CA GLU C 201 -40.96 -31.83 -3.40
C GLU C 201 -41.20 -33.16 -2.65
N ASP C 202 -40.57 -33.27 -1.47
CA ASP C 202 -40.88 -34.32 -0.51
C ASP C 202 -40.80 -35.73 -1.09
N SER C 203 -40.02 -35.95 -2.14
CA SER C 203 -40.10 -37.20 -2.90
C SER C 203 -38.80 -38.00 -3.05
N ALA C 204 -37.65 -37.37 -2.84
CA ALA C 204 -36.37 -38.07 -3.06
C ALA C 204 -36.20 -39.20 -2.06
N GLU C 205 -35.78 -40.37 -2.54
CA GLU C 205 -35.73 -41.59 -1.72
C GLU C 205 -34.43 -42.37 -1.85
N GLY C 206 -33.95 -42.91 -0.74
CA GLY C 206 -32.93 -43.92 -0.80
C GLY C 206 -31.69 -43.66 0.07
N THR C 207 -30.53 -44.03 -0.47
CA THR C 207 -29.28 -43.88 0.23
C THR C 207 -28.21 -43.28 -0.69
N LEU C 208 -27.44 -42.36 -0.13
CA LEU C 208 -26.26 -41.81 -0.78
C LEU C 208 -25.10 -42.10 0.14
N VAL C 209 -24.05 -42.70 -0.41
CA VAL C 209 -22.90 -43.09 0.39
C VAL C 209 -21.72 -42.25 -0.02
N LEU C 210 -21.13 -41.53 0.93
CA LEU C 210 -19.86 -40.86 0.71
C LEU C 210 -18.80 -41.91 0.87
N ASP C 211 -18.13 -42.27 -0.22
CA ASP C 211 -17.06 -43.25 -0.17
C ASP C 211 -15.78 -42.56 0.27
N VAL C 212 -14.78 -43.33 0.66
CA VAL C 212 -13.45 -42.80 0.93
C VAL C 212 -13.02 -42.01 -0.31
N GLY C 213 -12.67 -40.75 -0.09
CA GLY C 213 -12.19 -39.90 -1.17
C GLY C 213 -13.24 -38.90 -1.60
N ASP C 214 -14.50 -39.15 -1.28
CA ASP C 214 -15.52 -38.19 -1.61
C ASP C 214 -15.38 -36.98 -0.73
N ILE C 215 -16.04 -35.89 -1.14
CA ILE C 215 -15.81 -34.58 -0.57
C ILE C 215 -17.06 -33.99 0.07
N ILE C 216 -16.89 -33.25 1.16
CA ILE C 216 -17.96 -32.36 1.63
C ILE C 216 -17.47 -30.95 1.61
N LEU C 217 -18.25 -30.08 0.99
CA LEU C 217 -17.97 -28.66 1.03
C LEU C 217 -18.99 -28.09 1.99
N PRO C 218 -18.62 -27.05 2.76
CA PRO C 218 -17.37 -26.32 2.88
C PRO C 218 -16.28 -26.95 3.74
N PHE C 219 -16.45 -28.18 4.24
CA PHE C 219 -15.42 -28.76 5.07
C PHE C 219 -14.14 -28.85 4.32
N LYS C 220 -14.25 -29.24 3.06
CA LYS C 220 -13.10 -29.41 2.17
C LYS C 220 -12.13 -30.48 2.62
N ASN C 221 -12.69 -31.62 3.00
CA ASN C 221 -11.90 -32.82 3.25
C ASN C 221 -12.21 -33.90 2.26
N TYR C 222 -11.21 -34.75 2.03
CA TYR C 222 -11.43 -36.02 1.38
C TYR C 222 -11.85 -36.95 2.50
N CYS C 223 -13.06 -37.52 2.40
CA CYS C 223 -13.55 -38.49 3.38
C CYS C 223 -12.55 -39.63 3.48
N ARG C 224 -12.14 -39.96 4.71
CA ARG C 224 -11.24 -41.12 5.00
C ARG C 224 -12.00 -42.36 5.54
N GLU C 225 -13.23 -42.13 6.01
CA GLU C 225 -14.17 -43.22 6.30
C GLU C 225 -15.46 -42.88 5.58
N ARG C 226 -16.18 -43.93 5.15
CA ARG C 226 -17.56 -43.82 4.63
C ARG C 226 -18.56 -43.09 5.55
N ILE C 227 -19.47 -42.33 4.93
CA ILE C 227 -20.64 -41.79 5.63
C ILE C 227 -21.80 -42.25 4.79
N THR C 228 -22.81 -42.78 5.44
CA THR C 228 -24.00 -43.23 4.75
C THR C 228 -25.16 -42.32 5.07
N LEU C 229 -25.78 -41.81 4.03
CA LEU C 229 -26.90 -40.92 4.18
C LEU C 229 -28.18 -41.63 3.80
N GLU C 230 -29.06 -41.80 4.78
CA GLU C 230 -30.38 -42.40 4.54
C GLU C 230 -31.34 -41.27 4.31
N ILE C 231 -32.11 -41.38 3.24
CA ILE C 231 -32.97 -40.28 2.80
C ILE C 231 -34.37 -40.84 2.60
N GLU C 232 -35.37 -40.08 3.06
CA GLU C 232 -36.80 -40.44 2.96
C GLU C 232 -37.61 -39.18 2.74
N LYS C 233 -38.53 -39.21 1.78
CA LYS C 233 -39.32 -38.05 1.40
C LYS C 233 -38.49 -36.77 1.38
N GLY C 234 -37.37 -36.81 0.65
CA GLY C 234 -36.52 -35.64 0.37
C GLY C 234 -35.71 -35.09 1.54
N PHE C 235 -35.72 -35.79 2.66
CA PHE C 235 -34.95 -35.41 3.83
C PHE C 235 -34.00 -36.51 4.28
N ILE C 236 -32.83 -36.10 4.73
CA ILE C 236 -31.84 -37.00 5.27
C ILE C 236 -32.40 -37.31 6.63
N THR C 237 -32.62 -38.58 6.88
CA THR C 237 -33.11 -38.98 8.20
C THR C 237 -32.12 -39.85 8.96
N GLY C 238 -31.05 -40.26 8.30
CA GLY C 238 -29.93 -40.90 8.98
C GLY C 238 -28.55 -40.53 8.41
N ILE C 239 -27.60 -40.39 9.33
CA ILE C 239 -26.22 -40.13 9.01
C ILE C 239 -25.38 -41.07 9.83
N HIS C 240 -24.76 -42.06 9.18
CA HIS C 240 -24.02 -43.13 9.89
C HIS C 240 -22.57 -43.25 9.42
N GLY C 241 -21.73 -43.80 10.28
CA GLY C 241 -20.33 -44.04 9.94
C GLY C 241 -19.39 -43.66 11.06
N GLY C 242 -18.19 -43.19 10.73
CA GLY C 242 -17.20 -42.87 11.76
C GLY C 242 -17.17 -41.41 12.24
N PHE C 243 -15.96 -40.93 12.46
CA PHE C 243 -15.73 -39.58 12.89
C PHE C 243 -16.32 -38.52 11.95
N GLU C 244 -16.02 -38.62 10.66
CA GLU C 244 -16.70 -37.79 9.64
C GLU C 244 -18.20 -37.77 9.83
N ALA C 245 -18.80 -38.93 10.11
CA ALA C 245 -20.23 -39.01 10.41
C ALA C 245 -20.64 -38.15 11.58
N GLU C 246 -19.85 -38.21 12.64
CA GLU C 246 -20.21 -37.50 13.86
C GLU C 246 -19.92 -36.02 13.71
N TYR C 247 -18.81 -35.70 13.04
CA TYR C 247 -18.51 -34.33 12.80
C TYR C 247 -19.65 -33.72 11.97
N LEU C 248 -20.13 -34.43 10.94
CA LEU C 248 -21.22 -33.91 10.08
C LEU C 248 -22.52 -33.77 10.88
N ARG C 249 -22.83 -34.78 11.66
CA ARG C 249 -24.03 -34.72 12.49
C ARG C 249 -24.00 -33.51 13.40
N ASP C 250 -22.87 -33.34 14.11
CA ASP C 250 -22.62 -32.21 15.03
C ASP C 250 -22.76 -30.85 14.31
N TYR C 251 -22.22 -30.76 13.11
CA TYR C 251 -22.22 -29.50 12.37
C TYR C 251 -23.64 -29.08 12.00
N MSE C 252 -24.39 -30.00 11.43
CA MSE C 252 -25.81 -29.76 11.08
C MSE C 252 -26.73 -29.47 12.27
O MSE C 252 -27.73 -28.78 12.10
CB MSE C 252 -26.33 -30.98 10.30
CG MSE C 252 -25.86 -30.96 8.82
SE MSE C 252 -26.21 -32.64 7.84
CE MSE C 252 -27.45 -31.90 6.50
N LYS C 253 -26.42 -30.00 13.44
CA LYS C 253 -27.21 -29.80 14.66
C LYS C 253 -27.18 -28.37 15.18
N TYR C 254 -26.00 -27.77 15.10
CA TYR C 254 -25.76 -26.40 15.58
C TYR C 254 -26.75 -25.36 15.04
N PHE C 255 -27.22 -25.57 13.82
CA PHE C 255 -28.16 -24.65 13.20
C PHE C 255 -29.56 -24.73 13.81
N ASN C 256 -29.84 -25.82 14.53
CA ASN C 256 -31.11 -25.98 15.25
C ASN C 256 -32.30 -25.76 14.31
N ASP C 257 -32.28 -26.51 13.21
CA ASP C 257 -33.20 -26.32 12.11
C ASP C 257 -33.40 -27.67 11.42
N PRO C 258 -34.65 -28.19 11.39
CA PRO C 258 -35.01 -29.43 10.67
C PRO C 258 -34.74 -29.39 9.15
N GLU C 259 -34.70 -28.18 8.63
CA GLU C 259 -34.56 -27.96 7.21
C GLU C 259 -33.16 -28.26 6.66
N VAL C 260 -32.13 -28.22 7.50
CA VAL C 260 -30.73 -28.38 7.02
C VAL C 260 -30.63 -29.74 6.34
N TYR C 261 -31.50 -30.67 6.74
CA TYR C 261 -31.48 -32.02 6.22
C TYR C 261 -32.25 -32.28 4.95
N GLY C 262 -32.83 -31.27 4.32
CA GLY C 262 -33.45 -31.47 3.04
C GLY C 262 -32.46 -31.54 1.89
N ILE C 263 -32.79 -32.32 0.88
CA ILE C 263 -31.99 -32.44 -0.32
C ILE C 263 -32.41 -31.33 -1.28
N SER C 264 -31.48 -30.44 -1.64
CA SER C 264 -31.76 -29.36 -2.59
C SER C 264 -31.24 -29.84 -3.94
N HIS C 265 -30.21 -29.25 -4.52
CA HIS C 265 -29.91 -29.58 -5.91
C HIS C 265 -29.19 -30.92 -6.11
N ILE C 266 -29.40 -31.48 -7.29
CA ILE C 266 -28.81 -32.74 -7.74
C ILE C 266 -28.40 -32.58 -9.21
N GLY C 267 -27.23 -33.10 -9.59
CA GLY C 267 -26.77 -32.90 -10.98
C GLY C 267 -25.43 -33.54 -11.20
N TRP C 268 -24.80 -33.23 -12.35
CA TRP C 268 -23.50 -33.76 -12.63
C TRP C 268 -22.60 -32.72 -13.31
N GLY C 269 -21.31 -33.02 -13.24
CA GLY C 269 -20.31 -32.15 -13.75
C GLY C 269 -19.79 -32.51 -15.11
N LEU C 270 -19.40 -31.47 -15.83
CA LEU C 270 -18.97 -31.61 -17.20
C LEU C 270 -17.69 -30.87 -17.48
N GLN C 271 -16.83 -30.74 -16.48
CA GLN C 271 -15.65 -29.92 -16.60
C GLN C 271 -14.39 -30.79 -16.50
N PRO C 272 -13.94 -31.31 -17.65
CA PRO C 272 -12.71 -32.13 -17.62
C PRO C 272 -11.47 -31.37 -17.14
N ARG C 273 -11.47 -30.04 -17.27
CA ARG C 273 -10.32 -29.30 -16.83
C ARG C 273 -10.29 -29.10 -15.30
N ALA C 274 -11.41 -29.44 -14.65
CA ALA C 274 -11.48 -29.55 -13.19
C ALA C 274 -11.04 -30.94 -12.77
N GLN C 275 -10.37 -31.01 -11.64
CA GLN C 275 -9.69 -32.21 -11.17
C GLN C 275 -10.02 -32.48 -9.70
N TRP C 276 -10.44 -33.71 -9.43
CA TRP C 276 -10.78 -34.16 -8.11
C TRP C 276 -9.62 -34.02 -7.09
N THR C 277 -8.39 -34.18 -7.57
CA THR C 277 -7.21 -33.97 -6.74
C THR C 277 -6.88 -32.50 -6.48
N ALA C 278 -7.49 -31.57 -7.19
CA ALA C 278 -7.03 -30.21 -7.03
C ALA C 278 -7.10 -29.71 -5.58
N MSE C 279 -8.08 -30.22 -4.84
CA MSE C 279 -8.45 -29.61 -3.57
C MSE C 279 -7.39 -29.82 -2.55
O MSE C 279 -7.13 -28.94 -1.70
CB MSE C 279 -9.79 -30.16 -3.06
CG MSE C 279 -10.26 -29.47 -1.79
SE MSE C 279 -11.91 -30.31 -1.15
CE MSE C 279 -11.18 -31.91 -0.29
N GLY C 280 -6.72 -30.96 -2.61
CA GLY C 280 -5.69 -31.24 -1.63
C GLY C 280 -4.42 -30.46 -1.93
N LEU C 281 -4.43 -29.59 -2.94
CA LEU C 281 -3.29 -28.72 -3.23
C LEU C 281 -3.58 -27.27 -2.84
N HIS C 282 -4.74 -27.04 -2.24
CA HIS C 282 -5.07 -25.70 -1.83
C HIS C 282 -5.25 -25.64 -0.35
N ASP C 283 -5.34 -24.41 0.18
CA ASP C 283 -5.70 -24.15 1.60
C ASP C 283 -7.17 -23.80 1.62
N ARG C 284 -7.82 -24.00 2.75
CA ARG C 284 -9.25 -23.64 2.93
C ARG C 284 -9.57 -22.18 2.57
N ASN C 285 -8.67 -21.26 2.89
CA ASN C 285 -8.82 -19.82 2.57
C ASN C 285 -8.92 -19.51 1.08
N ASP C 286 -8.21 -20.27 0.26
CA ASP C 286 -7.96 -19.89 -1.13
C ASP C 286 -9.23 -19.67 -1.94
N GLY C 287 -10.24 -20.51 -1.72
CA GLY C 287 -11.45 -20.47 -2.53
C GLY C 287 -12.56 -21.35 -2.03
N MSE C 288 -13.62 -21.44 -2.82
CA MSE C 288 -14.77 -22.30 -2.52
C MSE C 288 -14.68 -23.66 -3.19
O MSE C 288 -15.55 -24.51 -2.99
CB MSE C 288 -16.08 -21.62 -2.89
CG MSE C 288 -16.06 -21.05 -4.31
SE MSE C 288 -17.77 -20.11 -4.59
CE MSE C 288 -18.98 -21.65 -4.88
N CYS C 289 -13.63 -23.88 -3.97
CA CYS C 289 -13.35 -25.17 -4.62
C CYS C 289 -14.32 -25.64 -5.70
N MSE C 290 -14.32 -24.91 -6.81
CA MSE C 290 -15.03 -25.33 -8.00
C MSE C 290 -14.50 -26.55 -8.64
O MSE C 290 -15.24 -27.19 -9.36
CB MSE C 290 -15.02 -24.23 -9.06
CG MSE C 290 -15.70 -22.95 -8.51
SE MSE C 290 -17.56 -23.31 -7.83
CE MSE C 290 -18.33 -23.91 -9.53
N ASP C 291 -13.23 -26.91 -8.42
CA ASP C 291 -12.73 -28.17 -9.03
C ASP C 291 -13.60 -29.31 -8.53
N ALA C 292 -13.90 -29.29 -7.23
CA ALA C 292 -14.69 -30.35 -6.61
C ALA C 292 -16.13 -30.41 -7.12
N ARG C 293 -16.73 -29.27 -7.40
CA ARG C 293 -18.12 -29.29 -7.90
C ARG C 293 -18.29 -29.64 -9.37
N ALA C 294 -17.37 -29.21 -10.22
CA ALA C 294 -17.56 -29.42 -11.65
C ALA C 294 -16.82 -30.58 -12.26
N PHE C 295 -16.04 -31.35 -11.51
CA PHE C 295 -15.15 -32.30 -12.24
C PHE C 295 -15.97 -33.32 -12.98
N TYR C 296 -15.46 -33.67 -14.15
CA TYR C 296 -16.16 -34.44 -15.13
C TYR C 296 -16.64 -35.78 -14.53
N GLY C 297 -17.93 -36.03 -14.68
CA GLY C 297 -18.52 -37.29 -14.22
C GLY C 297 -18.91 -37.38 -12.76
N ASN C 298 -18.70 -36.35 -11.96
CA ASN C 298 -19.17 -36.41 -10.55
C ASN C 298 -20.69 -36.34 -10.46
N PHE C 299 -21.22 -36.84 -9.38
CA PHE C 299 -22.59 -36.58 -9.05
C PHE C 299 -22.47 -35.61 -7.89
N LEU C 300 -23.08 -34.45 -8.02
CA LEU C 300 -23.04 -33.46 -6.97
C LEU C 300 -24.40 -33.34 -6.38
N PHE C 301 -24.45 -33.43 -5.06
CA PHE C 301 -25.70 -33.08 -4.40
C PHE C 301 -25.61 -32.12 -3.21
N SER C 302 -26.74 -31.53 -2.90
CA SER C 302 -26.74 -30.47 -1.92
C SER C 302 -27.89 -30.53 -0.91
N THR C 303 -27.60 -30.06 0.28
CA THR C 303 -28.57 -30.02 1.34
C THR C 303 -28.94 -28.60 1.65
N GLY C 304 -29.94 -28.45 2.53
CA GLY C 304 -30.37 -27.14 3.01
C GLY C 304 -31.33 -26.36 2.11
N PRO C 305 -31.11 -25.02 1.95
CA PRO C 305 -32.12 -24.17 1.33
C PRO C 305 -32.47 -24.49 -0.14
N ASN C 306 -33.69 -24.13 -0.51
CA ASN C 306 -34.19 -24.25 -1.89
C ASN C 306 -35.17 -23.11 -2.25
N THR C 307 -35.04 -21.96 -1.56
CA THR C 307 -35.84 -20.75 -1.81
C THR C 307 -35.41 -20.03 -3.11
N GLU C 308 -34.18 -20.29 -3.56
CA GLU C 308 -33.76 -20.01 -4.95
C GLU C 308 -34.92 -20.23 -5.95
N VAL C 309 -35.48 -21.44 -5.95
CA VAL C 309 -36.50 -21.88 -6.93
C VAL C 309 -37.93 -21.87 -6.39
N GLY C 310 -38.18 -21.19 -5.27
CA GLY C 310 -39.52 -21.10 -4.70
C GLY C 310 -39.83 -22.20 -3.70
N GLY C 311 -38.80 -22.90 -3.24
CA GLY C 311 -38.96 -23.92 -2.21
C GLY C 311 -39.33 -23.40 -0.82
N LYS C 312 -39.58 -24.35 0.09
CA LYS C 312 -40.07 -24.05 1.43
C LYS C 312 -38.97 -23.55 2.37
N ARG C 313 -37.74 -24.00 2.11
CA ARG C 313 -36.63 -23.92 3.06
C ARG C 313 -35.66 -22.74 2.82
N LYS C 314 -35.53 -21.90 3.85
CA LYS C 314 -34.73 -20.69 3.81
C LYS C 314 -33.56 -20.79 4.78
N THR C 315 -33.29 -22.01 5.25
CA THR C 315 -32.22 -22.23 6.27
C THR C 315 -30.78 -21.89 5.79
N PRO C 316 -29.93 -21.37 6.70
CA PRO C 316 -28.55 -21.03 6.29
C PRO C 316 -27.59 -22.22 6.09
N CYS C 317 -27.89 -23.37 6.66
CA CYS C 317 -26.97 -24.51 6.55
C CYS C 317 -26.95 -25.05 5.13
N HIS C 318 -25.76 -25.20 4.56
CA HIS C 318 -25.70 -25.59 3.17
C HIS C 318 -24.46 -26.37 2.85
N LEU C 319 -24.66 -27.59 2.39
CA LEU C 319 -23.56 -28.44 2.01
C LEU C 319 -23.64 -28.69 0.53
N ASP C 320 -22.47 -28.92 -0.07
CA ASP C 320 -22.33 -29.39 -1.43
C ASP C 320 -21.42 -30.60 -1.33
N ILE C 321 -21.91 -31.70 -1.86
CA ILE C 321 -21.25 -32.96 -1.71
C ILE C 321 -21.14 -33.66 -3.10
N PRO C 322 -19.94 -33.61 -3.75
CA PRO C 322 -19.76 -34.40 -4.95
C PRO C 322 -19.23 -35.82 -4.68
N LEU C 323 -19.72 -36.79 -5.46
CA LEU C 323 -19.39 -38.21 -5.32
C LEU C 323 -18.79 -38.74 -6.58
N ARG C 324 -17.70 -39.47 -6.43
CA ARG C 324 -17.00 -40.12 -7.52
C ARG C 324 -17.62 -41.47 -7.79
N ASN C 325 -17.37 -41.99 -9.00
CA ASN C 325 -17.58 -43.41 -9.33
C ASN C 325 -19.05 -43.87 -9.39
N CYS C 326 -19.93 -42.92 -9.69
CA CYS C 326 -21.34 -43.16 -9.70
C CYS C 326 -21.82 -43.50 -11.12
N ASP C 327 -22.95 -44.20 -11.19
CA ASP C 327 -23.76 -44.35 -12.38
C ASP C 327 -24.93 -43.41 -12.18
N ILE C 328 -25.29 -42.63 -13.18
CA ILE C 328 -26.36 -41.67 -13.02
C ILE C 328 -27.29 -41.92 -14.17
N TYR C 329 -28.54 -42.18 -13.84
CA TYR C 329 -29.55 -42.49 -14.84
C TYR C 329 -30.56 -41.39 -14.87
N LEU C 330 -30.95 -41.03 -16.09
CA LEU C 330 -32.07 -40.16 -16.33
C LEU C 330 -33.12 -41.07 -16.95
N ASP C 331 -34.27 -41.18 -16.31
CA ASP C 331 -35.23 -42.20 -16.70
C ASP C 331 -34.46 -43.53 -16.75
N ASP C 332 -34.60 -44.27 -17.85
CA ASP C 332 -33.91 -45.55 -17.97
C ASP C 332 -32.52 -45.39 -18.62
N LYS C 333 -32.22 -44.18 -19.10
CA LYS C 333 -30.99 -43.91 -19.84
C LYS C 333 -29.84 -43.33 -18.95
N ALA C 334 -28.69 -44.00 -18.96
CA ALA C 334 -27.50 -43.53 -18.24
C ALA C 334 -26.78 -42.37 -18.94
N VAL C 335 -26.55 -41.30 -18.19
CA VAL C 335 -25.70 -40.19 -18.62
C VAL C 335 -24.25 -40.30 -18.12
N VAL C 336 -24.05 -40.95 -16.98
CA VAL C 336 -22.72 -41.16 -16.40
C VAL C 336 -22.63 -42.61 -15.93
N LEU C 337 -21.49 -43.25 -16.19
CA LEU C 337 -21.24 -44.62 -15.73
C LEU C 337 -19.87 -44.75 -15.13
N ALA C 338 -19.81 -45.27 -13.92
CA ALA C 338 -18.55 -45.33 -13.17
C ALA C 338 -17.78 -44.00 -13.26
N GLY C 339 -18.47 -42.87 -13.10
CA GLY C 339 -17.77 -41.59 -13.06
C GLY C 339 -17.25 -41.13 -14.41
N ASP C 340 -17.69 -41.79 -15.49
CA ASP C 340 -17.42 -41.35 -16.86
C ASP C 340 -18.72 -40.97 -17.56
N VAL C 341 -18.67 -39.85 -18.28
CA VAL C 341 -19.82 -39.28 -18.93
C VAL C 341 -20.00 -40.08 -20.20
N VAL C 342 -21.20 -40.60 -20.43
CA VAL C 342 -21.49 -41.47 -21.58
C VAL C 342 -22.59 -40.92 -22.47
N ALA C 343 -23.47 -40.09 -21.94
CA ALA C 343 -24.53 -39.45 -22.74
C ALA C 343 -24.89 -38.05 -22.23
N PRO C 344 -25.32 -37.15 -23.12
CA PRO C 344 -25.33 -37.28 -24.57
C PRO C 344 -23.93 -37.35 -25.11
N GLU C 345 -23.79 -37.89 -26.32
CA GLU C 345 -22.49 -38.03 -26.98
C GLU C 345 -21.83 -36.64 -27.21
N GLU C 346 -22.65 -35.63 -27.51
CA GLU C 346 -22.18 -34.25 -27.74
C GLU C 346 -21.70 -33.54 -26.45
N SER C 347 -22.15 -34.01 -25.29
CA SER C 347 -21.70 -33.43 -24.02
C SER C 347 -20.33 -33.99 -23.59
N ARG C 348 -19.86 -35.08 -24.20
CA ARG C 348 -18.60 -35.73 -23.76
C ARG C 348 -17.31 -34.97 -24.15
N ALA C 349 -16.20 -35.26 -23.49
CA ALA C 349 -14.90 -34.63 -23.83
C ALA C 349 -14.59 -34.78 -25.34
N PRO D 2 18.09 11.41 -5.61
CA PRO D 2 17.29 11.26 -4.38
C PRO D 2 17.93 10.27 -3.44
N VAL D 3 17.31 10.00 -2.28
CA VAL D 3 17.99 9.22 -1.26
C VAL D 3 17.34 7.88 -1.17
N SER D 4 18.13 6.81 -1.28
CA SER D 4 17.61 5.43 -1.21
C SER D 4 17.28 5.05 0.22
N ASN D 5 16.56 3.94 0.41
CA ASN D 5 16.23 3.47 1.75
C ASN D 5 17.45 3.12 2.56
N ALA D 6 18.44 2.57 1.88
CA ALA D 6 19.64 2.08 2.55
C ALA D 6 20.45 3.25 3.02
N GLN D 7 20.62 4.26 2.16
CA GLN D 7 21.34 5.46 2.56
C GLN D 7 20.64 6.18 3.73
N LEU D 8 19.33 6.17 3.72
CA LEU D 8 18.56 6.84 4.72
C LEU D 8 18.71 6.17 6.10
N THR D 9 18.73 4.84 6.16
CA THR D 9 19.04 4.16 7.44
C THR D 9 20.48 4.45 7.92
N GLN D 10 21.47 4.40 7.02
CA GLN D 10 22.83 4.80 7.41
C GLN D 10 22.87 6.27 7.94
N MSE D 11 22.07 7.15 7.39
CA MSE D 11 22.18 8.50 7.87
C MSE D 11 21.65 8.52 9.25
O MSE D 11 22.21 9.17 10.10
CB MSE D 11 21.46 9.48 7.00
CG MSE D 11 22.29 9.78 5.76
SE MSE D 11 21.03 10.43 4.37
CE MSE D 11 19.53 11.22 5.40
N PHE D 12 20.55 7.81 9.51
CA PHE D 12 20.00 7.79 10.82
C PHE D 12 20.98 7.11 11.76
N GLU D 13 21.72 6.10 11.27
CA GLU D 13 22.71 5.44 12.12
C GLU D 13 23.72 6.49 12.59
N HIS D 14 24.15 7.33 11.67
CA HIS D 14 25.19 8.29 11.97
C HIS D 14 24.65 9.34 12.94
N VAL D 15 23.50 9.91 12.64
CA VAL D 15 22.99 10.93 13.52
C VAL D 15 22.63 10.36 14.90
N LEU D 16 22.02 9.19 14.96
CA LEU D 16 21.69 8.59 16.26
C LEU D 16 22.96 8.31 17.07
N LYS D 17 24.03 7.89 16.40
CA LYS D 17 25.32 7.68 17.07
C LYS D 17 25.86 9.01 17.60
N LEU D 18 25.97 10.05 16.77
CA LEU D 18 26.20 11.40 17.37
C LEU D 18 25.27 11.68 18.56
N SER D 19 24.01 11.27 18.49
CA SER D 19 23.08 11.50 19.63
C SER D 19 23.25 10.58 20.84
N ARG D 20 24.30 9.78 20.82
CA ARG D 20 24.70 8.87 21.93
C ARG D 20 23.76 7.72 22.13
N VAL D 21 23.19 7.25 21.03
CA VAL D 21 22.29 6.11 21.09
C VAL D 21 23.18 4.88 21.07
N ASP D 22 22.90 3.94 21.99
CA ASP D 22 23.62 2.64 22.00
C ASP D 22 22.80 1.67 22.82
N GLU D 23 23.37 0.51 23.13
CA GLU D 23 22.60 -0.60 23.76
C GLU D 23 22.04 -0.31 25.16
N THR D 24 22.50 0.75 25.78
CA THR D 24 21.94 1.19 27.06
C THR D 24 20.70 2.07 26.85
N GLN D 25 20.49 2.52 25.63
CA GLN D 25 19.55 3.56 25.37
C GLN D 25 18.24 3.05 24.78
N SER D 26 17.20 3.81 25.04
CA SER D 26 15.89 3.52 24.51
C SER D 26 15.49 4.65 23.57
N VAL D 27 14.90 4.28 22.43
CA VAL D 27 14.51 5.21 21.40
C VAL D 27 13.01 5.10 21.16
N ALA D 28 12.32 6.23 21.11
CA ALA D 28 10.92 6.20 20.86
C ALA D 28 10.78 7.01 19.61
N VAL D 29 10.05 6.50 18.64
CA VAL D 29 9.92 7.23 17.40
C VAL D 29 8.53 7.74 17.44
N LEU D 30 8.37 9.07 17.41
CA LEU D 30 7.05 9.61 17.56
C LEU D 30 6.58 9.96 16.17
N LYS D 31 5.37 9.50 15.85
CA LYS D 31 4.76 9.70 14.54
C LYS D 31 3.27 9.89 14.61
N SER D 32 2.72 10.38 13.51
CA SER D 32 1.29 10.43 13.31
C SER D 32 1.01 10.12 11.84
N HIS D 33 -0.26 10.29 11.42
CA HIS D 33 -0.74 9.77 10.13
C HIS D 33 0.03 10.40 8.99
N TYR D 34 0.36 11.65 9.17
CA TYR D 34 1.07 12.39 8.15
C TYR D 34 2.63 12.26 8.19
N SER D 35 3.15 11.42 9.08
CA SER D 35 4.63 11.29 9.20
C SER D 35 5.11 10.56 7.98
N ASP D 36 6.26 10.96 7.47
CA ASP D 36 6.96 10.24 6.37
C ASP D 36 7.31 8.80 6.71
N PRO D 37 6.55 7.81 6.19
CA PRO D 37 6.87 6.40 6.57
C PRO D 37 8.32 5.92 6.26
N ARG D 38 9.00 6.50 5.29
CA ARG D 38 10.35 6.09 5.01
C ARG D 38 11.27 6.55 6.14
N THR D 39 11.09 7.78 6.60
CA THR D 39 11.88 8.32 7.70
C THR D 39 11.59 7.55 9.01
N VAL D 40 10.33 7.22 9.26
CA VAL D 40 10.01 6.49 10.46
C VAL D 40 10.71 5.15 10.44
N ASN D 41 10.50 4.42 9.35
N ASN D 41 10.54 4.41 9.37
CA ASN D 41 11.15 3.12 9.11
CA ASN D 41 11.14 3.09 9.34
C ASN D 41 12.62 3.21 9.38
C ASN D 41 12.67 3.16 9.38
N ALA D 42 13.27 4.17 8.73
CA ALA D 42 14.72 4.31 8.82
C ALA D 42 15.16 4.65 10.24
N ALA D 43 14.37 5.44 10.96
CA ALA D 43 14.73 5.70 12.33
C ALA D 43 14.59 4.42 13.19
N MSE D 44 13.55 3.60 12.97
CA MSE D 44 13.37 2.31 13.69
C MSE D 44 14.49 1.32 13.42
O MSE D 44 15.04 0.73 14.33
CB MSE D 44 12.12 1.54 13.29
CG MSE D 44 10.78 2.25 13.52
SE MSE D 44 10.45 2.29 15.45
CE MSE D 44 9.59 0.52 15.70
N GLU D 45 14.85 1.11 12.15
CA GLU D 45 15.93 0.17 11.78
C GLU D 45 17.24 0.64 12.31
N ALA D 46 17.55 1.92 12.11
CA ALA D 46 18.86 2.43 12.52
C ALA D 46 19.09 2.28 14.01
N ALA D 47 18.02 2.44 14.76
CA ALA D 47 18.10 2.47 16.20
C ALA D 47 18.39 1.06 16.68
N GLN D 48 17.61 0.11 16.16
CA GLN D 48 17.88 -1.34 16.32
C GLN D 48 19.26 -1.83 15.87
N ARG D 49 19.76 -1.32 14.74
CA ARG D 49 21.14 -1.58 14.35
C ARG D 49 22.12 -1.17 15.46
N LEU D 50 21.82 -0.09 16.16
CA LEU D 50 22.73 0.41 17.19
C LEU D 50 22.54 -0.29 18.49
N LYS D 51 21.65 -1.29 18.49
CA LYS D 51 21.34 -2.17 19.61
C LYS D 51 20.40 -1.54 20.65
N ALA D 52 19.79 -0.40 20.32
CA ALA D 52 18.92 0.27 21.25
C ALA D 52 17.61 -0.49 21.34
N LYS D 53 16.87 -0.26 22.40
CA LYS D 53 15.51 -0.74 22.53
C LYS D 53 14.62 0.34 21.92
N VAL D 54 13.72 -0.09 21.02
CA VAL D 54 12.97 0.81 20.21
C VAL D 54 11.48 0.55 20.26
N TYR D 55 10.71 1.62 20.12
CA TYR D 55 9.28 1.49 19.92
C TYR D 55 8.77 2.74 19.27
N ALA D 56 7.72 2.62 18.49
CA ALA D 56 7.14 3.78 17.92
C ALA D 56 5.93 4.17 18.75
N VAL D 57 5.63 5.47 18.77
CA VAL D 57 4.42 6.02 19.43
C VAL D 57 3.65 6.80 18.37
N GLU D 58 2.43 6.37 18.12
CA GLU D 58 1.57 7.06 17.16
C GLU D 58 0.47 7.79 17.88
N LEU D 59 0.42 9.10 17.67
CA LEU D 59 -0.65 9.92 18.17
C LEU D 59 -1.59 10.35 17.08
N PRO D 60 -2.85 10.55 17.44
CA PRO D 60 -3.73 11.14 16.45
C PRO D 60 -3.31 12.60 16.17
N ALA D 61 -3.33 13.05 14.93
CA ALA D 61 -3.10 14.49 14.66
C ALA D 61 -3.94 15.49 15.49
N PHE D 62 -3.37 16.68 15.65
CA PHE D 62 -4.02 17.77 16.31
C PHE D 62 -4.22 18.86 15.29
N ASN D 63 -5.43 19.35 15.18
CA ASN D 63 -5.72 20.44 14.27
C ASN D 63 -6.16 21.74 14.98
N HIS D 64 -5.54 22.85 14.61
CA HIS D 64 -6.00 24.18 15.03
C HIS D 64 -7.00 24.66 13.99
N PRO D 65 -8.27 24.89 14.39
CA PRO D 65 -9.31 25.08 13.35
C PRO D 65 -9.05 26.26 12.43
N THR D 66 -8.57 27.35 13.03
CA THR D 66 -8.29 28.57 12.31
C THR D 66 -6.91 28.59 11.63
N ALA D 67 -6.06 27.60 11.89
CA ALA D 67 -4.72 27.60 11.23
C ALA D 67 -4.81 27.45 9.69
N MSE D 68 -3.96 28.19 8.98
CA MSE D 68 -3.92 28.13 7.51
C MSE D 68 -2.62 27.54 6.99
O MSE D 68 -1.62 27.54 7.70
CB MSE D 68 -4.13 29.49 6.88
CG MSE D 68 -5.10 30.39 7.65
SE MSE D 68 -5.65 31.79 6.39
CE MSE D 68 -4.73 33.20 7.39
N GLY D 69 -2.64 27.05 5.74
CA GLY D 69 -1.53 26.29 5.14
C GLY D 69 -1.23 24.95 5.82
N ASN D 70 -0.12 24.32 5.43
CA ASN D 70 0.30 23.03 6.01
C ASN D 70 1.57 23.07 6.88
N ASP D 71 2.19 24.25 6.96
CA ASP D 71 3.33 24.47 7.87
C ASP D 71 2.82 24.64 9.29
N MSE D 72 3.19 23.74 10.18
CA MSE D 72 2.66 23.72 11.55
C MSE D 72 3.32 24.72 12.49
O MSE D 72 2.71 25.09 13.52
CB MSE D 72 2.75 22.33 12.18
CG MSE D 72 2.07 21.27 11.30
SE MSE D 72 2.25 19.49 12.13
CE MSE D 72 1.66 19.93 13.97
N THR D 73 4.53 25.18 12.15
CA THR D 73 5.17 26.35 12.81
C THR D 73 4.34 27.64 12.72
N ALA D 74 3.43 27.70 11.73
CA ALA D 74 2.57 28.87 11.45
C ALA D 74 1.61 29.23 12.58
N TYR D 75 1.17 28.21 13.31
CA TYR D 75 0.18 28.37 14.37
C TYR D 75 0.67 27.65 15.64
N CYS D 76 1.14 28.43 16.60
CA CYS D 76 1.70 27.91 17.85
C CYS D 76 0.64 27.92 18.95
N GLY D 77 0.08 26.74 19.24
CA GLY D 77 -0.91 26.61 20.30
C GLY D 77 -0.82 25.28 21.03
N ASP D 78 -1.98 24.72 21.36
CA ASP D 78 -2.08 23.34 21.81
C ASP D 78 -1.38 22.40 20.81
N THR D 79 -1.18 21.16 21.25
CA THR D 79 -0.48 20.11 20.48
C THR D 79 -1.18 18.76 20.74
N ALA D 80 -0.66 17.72 20.09
CA ALA D 80 -1.19 16.37 20.24
C ALA D 80 -1.08 15.89 21.68
N LEU D 81 -0.13 16.46 22.43
CA LEU D 81 0.14 16.04 23.80
C LEU D 81 -0.78 16.75 24.79
N THR D 82 -1.33 17.88 24.39
CA THR D 82 -2.22 18.62 25.25
C THR D 82 -3.39 17.73 25.68
N GLY D 83 -3.53 17.54 26.99
CA GLY D 83 -4.56 16.66 27.54
C GLY D 83 -4.30 15.15 27.47
N ASN D 84 -3.18 14.73 26.89
CA ASN D 84 -2.89 13.29 26.73
C ASN D 84 -1.64 12.97 27.51
N LEU D 85 -1.87 12.80 28.81
CA LEU D 85 -0.78 12.68 29.78
C LEU D 85 -0.16 11.28 29.68
N ALA D 86 -0.99 10.27 29.39
CA ALA D 86 -0.46 8.92 29.14
C ALA D 86 0.63 8.88 27.98
N ALA D 87 0.33 9.55 26.89
CA ALA D 87 1.20 9.50 25.73
C ALA D 87 2.48 10.19 26.03
N GLN D 88 2.42 11.29 26.77
CA GLN D 88 3.60 12.02 27.25
C GLN D 88 4.44 11.14 28.15
N ARG D 89 3.82 10.55 29.14
CA ARG D 89 4.54 9.53 29.94
C ARG D 89 5.13 8.46 29.02
N ALA D 90 4.42 8.05 27.97
CA ALA D 90 4.98 7.03 27.09
C ALA D 90 6.29 7.48 26.42
N LEU D 91 6.43 8.79 26.19
CA LEU D 91 7.63 9.39 25.62
C LEU D 91 8.70 9.71 26.69
N GLU D 92 8.28 10.11 27.90
CA GLU D 92 9.24 10.31 29.00
C GLU D 92 9.98 9.04 29.29
N ALA D 93 9.31 7.90 29.11
CA ALA D 93 9.93 6.62 29.41
C ALA D 93 11.18 6.39 28.60
N ALA D 94 11.36 7.13 27.51
CA ALA D 94 12.47 6.92 26.63
C ALA D 94 13.64 7.90 26.86
N ASP D 95 14.84 7.46 26.47
CA ASP D 95 16.03 8.25 26.54
C ASP D 95 16.05 9.27 25.41
N LEU D 96 15.69 8.83 24.20
CA LEU D 96 15.74 9.63 23.05
C LEU D 96 14.44 9.48 22.31
N VAL D 97 13.84 10.60 21.94
CA VAL D 97 12.68 10.59 21.11
C VAL D 97 13.04 11.12 19.76
N VAL D 98 12.73 10.37 18.74
CA VAL D 98 12.89 10.88 17.38
C VAL D 98 11.54 11.35 16.95
N ASP D 99 11.38 12.68 16.82
CA ASP D 99 10.10 13.29 16.53
C ASP D 99 9.94 13.55 14.99
N THR D 100 8.99 12.84 14.40
CA THR D 100 8.72 12.94 12.97
C THR D 100 7.36 13.55 12.72
N MSE D 101 6.72 14.00 13.77
CA MSE D 101 5.38 14.56 13.65
C MSE D 101 5.35 16.04 13.96
O MSE D 101 4.28 16.64 13.88
CB MSE D 101 4.42 13.76 14.51
CG MSE D 101 4.44 14.17 15.97
SE MSE D 101 2.86 13.38 16.85
CE MSE D 101 1.52 14.73 16.33
N MSE D 102 6.49 16.66 14.30
CA MSE D 102 6.58 18.11 14.45
C MSE D 102 5.81 18.55 15.64
O MSE D 102 4.88 19.35 15.54
CB MSE D 102 6.01 18.75 13.17
CG MSE D 102 6.07 20.26 13.10
SE MSE D 102 7.41 21.04 14.31
CE MSE D 102 8.37 21.82 12.79
N LEU D 103 6.13 17.97 16.78
CA LEU D 103 5.58 18.43 18.04
C LEU D 103 6.06 19.83 18.40
N LEU D 104 5.13 20.73 18.64
CA LEU D 104 5.51 22.12 18.89
C LEU D 104 5.95 22.32 20.33
N HIS D 105 6.64 23.43 20.56
CA HIS D 105 7.06 23.76 21.90
C HIS D 105 5.80 23.94 22.77
N SER D 106 5.75 23.22 23.89
CA SER D 106 4.60 23.26 24.77
C SER D 106 5.08 22.94 26.18
N PRO D 107 4.29 23.31 27.22
CA PRO D 107 4.64 22.93 28.59
C PRO D 107 4.72 21.42 28.76
N GLU D 108 4.01 20.70 27.89
CA GLU D 108 4.02 19.25 27.87
C GLU D 108 5.37 18.76 27.31
N GLN D 109 5.82 19.32 26.20
CA GLN D 109 7.15 18.97 25.78
C GLN D 109 8.22 19.34 26.81
N GLU D 110 8.05 20.48 27.49
CA GLU D 110 9.12 20.98 28.36
C GLU D 110 9.23 20.01 29.52
N GLN D 111 8.09 19.44 29.89
CA GLN D 111 8.06 18.44 30.95
C GLN D 111 8.74 17.12 30.57
N ILE D 112 8.69 16.76 29.28
CA ILE D 112 9.46 15.64 28.76
C ILE D 112 10.95 15.96 28.91
N LEU D 113 11.38 17.14 28.52
CA LEU D 113 12.80 17.47 28.56
C LEU D 113 13.38 17.54 29.98
N LYS D 114 12.56 17.93 30.93
CA LYS D 114 12.96 18.00 32.33
C LYS D 114 13.24 16.63 33.00
N THR D 115 12.72 15.53 32.40
CA THR D 115 13.02 14.20 32.89
C THR D 115 14.34 13.64 32.35
N GLY D 116 15.08 14.39 31.57
CA GLY D 116 16.33 13.84 31.05
C GLY D 116 16.22 13.41 29.61
N THR D 117 15.02 13.05 29.19
CA THR D 117 14.76 12.67 27.80
C THR D 117 15.29 13.70 26.87
N ARG D 118 15.92 13.26 25.79
CA ARG D 118 16.33 14.21 24.77
C ARG D 118 15.50 14.00 23.49
N ILE D 119 15.33 15.02 22.70
CA ILE D 119 14.41 14.92 21.60
C ILE D 119 15.10 15.35 20.34
N LEU D 120 14.97 14.56 19.28
CA LEU D 120 15.52 14.97 18.01
C LEU D 120 14.41 15.08 16.96
N LEU D 121 14.21 16.28 16.42
CA LEU D 121 13.16 16.50 15.44
C LEU D 121 13.72 16.13 14.07
N ALA D 122 12.98 15.35 13.31
CA ALA D 122 13.43 15.08 11.91
C ALA D 122 12.24 14.98 10.98
N VAL D 123 11.96 16.06 10.24
CA VAL D 123 10.79 16.11 9.37
C VAL D 123 11.10 16.63 7.92
N GLU D 124 12.23 17.28 7.71
CA GLU D 124 12.61 17.67 6.37
C GLU D 124 12.68 16.43 5.46
N PRO D 125 12.47 16.65 4.18
CA PRO D 125 12.67 15.50 3.28
C PRO D 125 14.13 14.89 3.29
N PRO D 126 14.26 13.59 2.98
CA PRO D 126 15.55 12.91 2.98
C PRO D 126 16.70 13.66 2.32
N GLU D 127 16.42 14.35 1.22
CA GLU D 127 17.43 15.03 0.44
C GLU D 127 17.99 16.21 1.19
N VAL D 128 17.14 16.88 1.97
CA VAL D 128 17.58 18.06 2.76
C VAL D 128 18.41 17.52 3.90
N LEU D 129 17.88 16.47 4.52
CA LEU D 129 18.61 15.72 5.50
C LEU D 129 20.02 15.38 5.08
N ALA D 130 20.21 14.98 3.84
CA ALA D 130 21.53 14.49 3.44
C ALA D 130 22.48 15.67 3.28
N ARG D 131 22.01 16.72 2.62
CA ARG D 131 22.85 17.90 2.38
C ARG D 131 23.32 18.53 3.69
N MSE D 132 22.49 18.45 4.72
CA MSE D 132 22.83 19.09 5.96
C MSE D 132 23.11 18.09 7.01
O MSE D 132 22.96 18.37 8.17
CB MSE D 132 21.71 20.08 6.33
CG MSE D 132 21.94 21.39 5.56
SE MSE D 132 20.49 22.67 5.88
CE MSE D 132 19.19 21.90 4.68
N LEU D 133 23.64 16.94 6.62
CA LEU D 133 23.98 15.85 7.57
C LEU D 133 24.88 16.33 8.74
N PRO D 134 24.41 16.20 9.99
CA PRO D 134 25.14 16.74 11.13
C PRO D 134 26.62 16.32 11.27
N THR D 135 27.45 17.25 11.73
CA THR D 135 28.81 16.92 12.14
C THR D 135 29.18 17.52 13.48
N GLU D 136 30.15 16.88 14.11
CA GLU D 136 30.76 17.40 15.33
C GLU D 136 31.39 18.77 15.06
N ASP D 137 31.98 18.98 13.90
CA ASP D 137 32.51 20.31 13.63
C ASP D 137 31.41 21.36 13.82
N ASP D 138 30.22 21.09 13.28
CA ASP D 138 29.10 22.03 13.39
C ASP D 138 28.76 22.29 14.86
N LYS D 139 28.83 21.27 15.70
CA LYS D 139 28.60 21.45 17.12
C LYS D 139 29.66 22.42 17.71
N ARG D 140 30.95 22.20 17.43
CA ARG D 140 32.03 23.05 18.02
C ARG D 140 31.84 24.51 17.60
N ARG D 141 31.60 24.73 16.32
CA ARG D 141 31.37 26.07 15.82
C ARG D 141 30.16 26.69 16.50
N VAL D 142 29.04 25.96 16.59
CA VAL D 142 27.86 26.54 17.21
C VAL D 142 28.13 26.89 18.66
N LEU D 143 28.73 25.97 19.38
CA LEU D 143 29.11 26.22 20.77
C LEU D 143 30.15 27.37 20.99
N ALA D 144 31.12 27.54 20.10
CA ALA D 144 32.02 28.70 20.21
C ALA D 144 31.17 29.97 20.16
N ALA D 145 30.19 30.03 19.28
CA ALA D 145 29.37 31.24 19.17
C ALA D 145 28.47 31.48 20.40
N GLU D 146 27.96 30.39 20.96
CA GLU D 146 27.10 30.45 22.14
C GLU D 146 27.80 31.08 23.37
N THR D 147 29.03 30.65 23.65
CA THR D 147 29.94 31.26 24.61
C THR D 147 30.02 32.76 24.47
N LEU D 148 30.30 33.22 23.25
CA LEU D 148 30.29 34.63 22.99
C LEU D 148 28.92 35.30 23.21
N LEU D 149 27.81 34.59 22.93
CA LEU D 149 26.47 35.22 23.06
C LEU D 149 25.98 35.28 24.50
N LYS D 150 26.29 34.29 25.32
CA LYS D 150 25.85 34.27 26.73
C LYS D 150 26.52 35.34 27.59
N GLN D 151 27.68 35.87 27.15
CA GLN D 151 28.39 37.01 27.77
C GLN D 151 27.99 38.39 27.19
N ALA D 152 27.18 38.43 26.15
CA ALA D 152 26.75 39.69 25.55
C ALA D 152 25.65 40.39 26.36
N ARG D 153 25.69 41.71 26.32
CA ARG D 153 24.72 42.52 27.06
C ARG D 153 23.76 43.18 26.09
N SER D 154 24.20 43.29 24.84
CA SER D 154 23.39 43.90 23.80
C SER D 154 23.62 43.32 22.41
N LEU D 155 22.62 43.46 21.56
CA LEU D 155 22.70 42.99 20.21
C LEU D 155 22.33 44.15 19.30
N HIS D 156 23.17 44.41 18.31
CA HIS D 156 22.88 45.45 17.35
C HIS D 156 22.87 44.89 15.91
N VAL D 157 21.86 45.26 15.13
CA VAL D 157 21.84 44.93 13.69
C VAL D 157 21.77 46.15 12.76
N ARG D 158 22.66 46.19 11.77
CA ARG D 158 22.65 47.24 10.74
C ARG D 158 22.75 46.62 9.35
N SER D 159 22.12 47.27 8.39
CA SER D 159 22.23 46.87 6.97
C SER D 159 22.17 48.11 6.11
N LYS D 160 22.83 48.06 4.96
CA LYS D 160 22.81 49.14 3.97
C LYS D 160 21.41 49.42 3.47
N ALA D 161 20.58 48.39 3.46
CA ALA D 161 19.16 48.54 3.15
C ALA D 161 18.34 49.37 4.20
N GLY D 162 18.92 49.64 5.38
CA GLY D 162 18.20 50.45 6.42
C GLY D 162 17.87 49.82 7.77
N SER D 163 18.22 48.56 7.98
CA SER D 163 18.01 47.96 9.28
C SER D 163 18.88 48.74 10.28
N ASP D 164 18.28 49.18 11.40
CA ASP D 164 19.06 49.70 12.54
C ASP D 164 18.33 49.32 13.77
N PHE D 165 18.77 48.22 14.37
CA PHE D 165 18.00 47.51 15.40
C PHE D 165 18.85 47.18 16.63
N HIS D 166 18.35 47.52 17.82
CA HIS D 166 19.12 47.32 19.04
C HIS D 166 18.29 46.51 20.03
N ALA D 167 18.94 45.54 20.65
CA ALA D 167 18.28 44.64 21.59
C ALA D 167 19.14 44.38 22.83
N PRO D 168 18.72 44.91 23.98
CA PRO D 168 19.36 44.53 25.22
C PRO D 168 19.10 43.06 25.50
N LEU D 169 20.12 42.39 26.02
CA LEU D 169 20.08 40.99 26.33
C LEU D 169 20.45 40.78 27.79
N GLY D 170 20.48 39.53 28.22
CA GLY D 170 20.91 39.16 29.56
C GLY D 170 19.78 38.58 30.36
N GLN D 171 18.55 38.96 30.03
CA GLN D 171 17.41 38.55 30.83
C GLN D 171 17.01 37.12 30.53
N TYR D 172 17.51 36.58 29.41
CA TYR D 172 17.11 35.25 28.90
C TYR D 172 18.29 34.46 28.32
N PRO D 173 18.18 33.13 28.32
CA PRO D 173 19.30 32.31 27.88
C PRO D 173 19.51 32.25 26.35
N ALA D 174 20.62 31.65 25.95
CA ALA D 174 21.00 31.46 24.57
C ALA D 174 20.61 30.03 24.17
N VAL D 175 20.04 29.85 23.00
CA VAL D 175 19.69 28.51 22.51
C VAL D 175 20.51 28.21 21.27
N THR D 176 20.98 26.97 21.20
CA THR D 176 21.76 26.48 20.08
C THR D 176 21.08 25.29 19.43
N GLU D 177 21.33 25.07 18.15
CA GLU D 177 20.80 23.91 17.41
C GLU D 177 21.88 23.59 16.41
N TYR D 178 22.56 22.49 16.65
CA TYR D 178 23.64 22.02 15.78
C TYR D 178 23.30 20.64 15.18
N GLY D 179 22.04 20.19 15.30
CA GLY D 179 21.51 19.11 14.47
C GLY D 179 21.49 17.72 15.09
N TYR D 180 21.82 17.61 16.38
CA TYR D 180 21.76 16.33 17.05
C TYR D 180 21.57 16.46 18.55
N ALA D 181 21.05 15.41 19.15
CA ALA D 181 20.55 15.44 20.51
C ALA D 181 21.38 14.53 21.45
N ASP D 182 22.63 14.93 21.67
CA ASP D 182 23.62 14.16 22.46
C ASP D 182 23.51 14.30 23.99
N GLU D 183 23.12 15.49 24.43
CA GLU D 183 23.07 15.83 25.84
C GLU D 183 21.67 15.62 26.38
N PRO D 184 21.55 15.03 27.57
CA PRO D 184 20.22 14.86 28.19
C PRO D 184 19.44 16.16 28.36
N GLY D 185 18.12 16.09 28.27
CA GLY D 185 17.28 17.25 28.42
C GLY D 185 17.42 18.27 27.29
N ARG D 186 18.11 17.89 26.22
CA ARG D 186 18.29 18.76 25.06
C ARG D 186 17.29 18.42 23.97
N TRP D 187 16.75 19.43 23.30
CA TRP D 187 15.97 19.30 22.06
C TRP D 187 16.89 19.76 20.95
N ASP D 188 16.83 19.13 19.78
CA ASP D 188 17.55 19.65 18.62
C ASP D 188 16.84 19.23 17.38
N HIS D 189 17.36 19.60 16.21
CA HIS D 189 16.66 19.40 14.98
C HIS D 189 17.64 19.10 13.89
N TRP D 190 17.50 17.93 13.31
CA TRP D 190 18.24 17.61 12.10
C TRP D 190 17.36 17.96 10.89
N PRO D 191 17.81 18.94 10.10
CA PRO D 191 19.07 19.67 10.16
C PRO D 191 18.97 21.05 10.83
N SER D 192 20.10 21.62 11.27
CA SER D 192 20.09 22.97 11.79
C SER D 192 21.46 23.54 11.69
N GLY D 193 21.85 24.33 12.65
CA GLY D 193 23.22 24.85 12.71
C GLY D 193 23.15 26.35 12.90
N PHE D 194 22.51 26.79 13.99
CA PHE D 194 22.35 28.22 14.28
C PHE D 194 22.05 28.48 15.76
N LEU D 195 22.00 29.75 16.14
CA LEU D 195 21.77 30.08 17.54
C LEU D 195 21.00 31.35 17.70
N PHE D 196 20.31 31.44 18.84
CA PHE D 196 19.52 32.61 19.15
C PHE D 196 19.30 32.81 20.63
N THR D 197 18.81 33.98 20.97
CA THR D 197 18.25 34.28 22.28
C THR D 197 17.05 35.20 22.08
N TRP D 198 16.51 35.68 23.20
CA TRP D 198 15.42 36.68 23.20
C TRP D 198 15.85 38.01 23.79
N PRO D 199 15.31 39.13 23.24
CA PRO D 199 15.64 40.43 23.79
C PRO D 199 15.00 40.63 25.18
N ASN D 200 15.68 41.38 26.05
CA ASN D 200 15.07 41.72 27.36
C ASN D 200 13.64 42.24 27.12
N GLU D 201 12.73 41.98 28.04
CA GLU D 201 11.31 42.37 27.84
C GLU D 201 11.12 43.85 27.52
N ASP D 202 10.26 44.12 26.54
CA ASP D 202 9.80 45.47 26.26
C ASP D 202 10.92 46.44 25.92
N SER D 203 12.03 45.93 25.38
CA SER D 203 13.19 46.77 25.17
C SER D 203 13.67 46.89 23.72
N ALA D 204 13.43 45.89 22.87
CA ALA D 204 13.94 45.93 21.47
C ALA D 204 13.42 47.18 20.76
N GLU D 205 14.34 47.90 20.08
CA GLU D 205 14.06 49.22 19.47
C GLU D 205 14.66 49.36 18.08
N GLY D 206 13.92 50.02 17.20
CA GLY D 206 14.53 50.44 15.97
C GLY D 206 13.73 50.08 14.75
N THR D 207 14.45 49.80 13.67
CA THR D 207 13.81 49.37 12.45
C THR D 207 14.59 48.20 11.89
N LEU D 208 13.82 47.26 11.33
CA LEU D 208 14.33 46.12 10.57
C LEU D 208 13.67 46.20 9.19
N VAL D 209 14.50 45.99 8.17
CA VAL D 209 14.15 46.20 6.78
C VAL D 209 14.35 44.88 6.08
N LEU D 210 13.26 44.27 5.63
CA LEU D 210 13.32 43.12 4.74
C LEU D 210 13.60 43.63 3.34
N ASP D 211 14.81 43.45 2.87
CA ASP D 211 15.24 43.92 1.55
C ASP D 211 14.54 43.08 0.53
N VAL D 212 14.68 43.48 -0.71
CA VAL D 212 14.40 42.60 -1.83
C VAL D 212 15.26 41.36 -1.63
N GLY D 213 14.63 40.19 -1.63
CA GLY D 213 15.37 38.94 -1.56
C GLY D 213 15.37 38.36 -0.18
N ASP D 214 14.84 39.09 0.79
CA ASP D 214 14.75 38.55 2.14
C ASP D 214 13.48 37.73 2.20
N ILE D 215 13.34 36.92 3.24
CA ILE D 215 12.33 35.84 3.27
C ILE D 215 11.40 35.93 4.48
N ILE D 216 10.12 35.62 4.29
CA ILE D 216 9.26 35.48 5.44
C ILE D 216 8.74 34.10 5.45
N LEU D 217 8.91 33.44 6.59
CA LEU D 217 8.34 32.14 6.81
C LEU D 217 7.19 32.34 7.79
N PRO D 218 6.10 31.61 7.58
CA PRO D 218 5.90 30.49 6.68
C PRO D 218 5.38 30.83 5.28
N PHE D 219 5.38 32.09 4.87
CA PHE D 219 4.96 32.44 3.51
C PHE D 219 5.86 31.78 2.42
N LYS D 220 7.11 31.59 2.76
CA LYS D 220 8.14 31.07 1.84
C LYS D 220 8.26 31.83 0.53
N ASN D 221 8.36 33.15 0.60
CA ASN D 221 8.65 33.95 -0.58
C ASN D 221 9.92 34.78 -0.39
N TYR D 222 10.59 35.04 -1.51
CA TYR D 222 11.60 36.03 -1.58
C TYR D 222 10.84 37.33 -1.80
N CYS D 223 11.03 38.30 -0.91
CA CYS D 223 10.36 39.60 -1.07
C CYS D 223 10.85 40.26 -2.34
N ARG D 224 9.90 40.79 -3.11
CA ARG D 224 10.19 41.54 -4.33
C ARG D 224 10.17 43.06 -4.15
N GLU D 225 9.50 43.50 -3.08
CA GLU D 225 9.61 44.87 -2.58
C GLU D 225 10.05 44.87 -1.10
N ARG D 226 10.63 45.99 -0.66
CA ARG D 226 11.07 46.19 0.71
C ARG D 226 9.86 46.22 1.65
N ILE D 227 10.04 45.69 2.84
CA ILE D 227 9.11 45.94 3.93
C ILE D 227 9.92 46.54 5.06
N THR D 228 9.49 47.69 5.56
CA THR D 228 10.11 48.27 6.73
C THR D 228 9.28 48.01 7.99
N LEU D 229 9.93 47.41 8.97
CA LEU D 229 9.32 47.17 10.27
C LEU D 229 9.84 48.19 11.30
N GLU D 230 8.92 48.93 11.92
CA GLU D 230 9.23 49.89 13.00
C GLU D 230 8.90 49.21 14.33
N ILE D 231 9.86 49.18 15.22
CA ILE D 231 9.70 48.44 16.46
C ILE D 231 9.99 49.39 17.62
N GLU D 232 9.15 49.33 18.65
CA GLU D 232 9.32 50.14 19.85
C GLU D 232 9.00 49.30 21.08
N LYS D 233 9.89 49.30 22.07
CA LYS D 233 9.65 48.57 23.28
C LYS D 233 9.18 47.18 22.92
N GLY D 234 9.98 46.54 22.06
CA GLY D 234 9.82 45.14 21.69
C GLY D 234 8.58 44.72 20.91
N PHE D 235 7.94 45.65 20.23
CA PHE D 235 6.73 45.33 19.46
C PHE D 235 6.82 46.06 18.15
N ILE D 236 6.39 45.39 17.08
CA ILE D 236 6.23 45.99 15.78
C ILE D 236 5.08 46.98 15.90
N THR D 237 5.34 48.24 15.62
CA THR D 237 4.31 49.30 15.62
C THR D 237 3.93 49.89 14.24
N GLY D 238 4.83 49.71 13.27
CA GLY D 238 4.58 50.01 11.85
C GLY D 238 5.19 48.97 10.90
N ILE D 239 4.39 48.62 9.87
CA ILE D 239 4.73 47.72 8.78
C ILE D 239 4.44 48.49 7.49
N HIS D 240 5.46 48.74 6.69
CA HIS D 240 5.35 49.63 5.53
C HIS D 240 6.04 49.04 4.31
N GLY D 241 5.61 49.46 3.13
CA GLY D 241 6.21 49.02 1.88
C GLY D 241 5.14 48.77 0.86
N GLY D 242 5.33 47.78 -0.02
CA GLY D 242 4.33 47.50 -1.06
C GLY D 242 3.38 46.34 -0.78
N PHE D 243 3.22 45.47 -1.76
CA PHE D 243 2.22 44.43 -1.69
C PHE D 243 2.53 43.43 -0.60
N GLU D 244 3.79 43.06 -0.44
CA GLU D 244 4.20 42.20 0.66
C GLU D 244 3.80 42.78 2.03
N ALA D 245 4.01 44.08 2.19
CA ALA D 245 3.69 44.80 3.41
C ALA D 245 2.23 44.61 3.75
N GLU D 246 1.35 44.78 2.75
CA GLU D 246 -0.10 44.71 2.96
C GLU D 246 -0.51 43.29 3.24
N TYR D 247 0.11 42.36 2.53
CA TYR D 247 -0.22 40.97 2.72
C TYR D 247 0.19 40.62 4.16
N LEU D 248 1.34 41.11 4.58
CA LEU D 248 1.82 40.86 5.95
C LEU D 248 0.86 41.43 7.00
N ARG D 249 0.52 42.70 6.81
CA ARG D 249 -0.39 43.40 7.71
C ARG D 249 -1.69 42.63 7.82
N ASP D 250 -2.25 42.24 6.67
CA ASP D 250 -3.53 41.51 6.63
C ASP D 250 -3.42 40.15 7.33
N TYR D 251 -2.26 39.52 7.20
CA TYR D 251 -2.06 38.20 7.75
C TYR D 251 -2.00 38.27 9.27
N MSE D 252 -1.29 39.24 9.79
CA MSE D 252 -1.17 39.45 11.25
C MSE D 252 -2.48 39.90 11.92
O MSE D 252 -2.76 39.49 13.05
CB MSE D 252 -0.01 40.43 11.52
CG MSE D 252 1.31 39.72 11.18
SE MSE D 252 2.87 40.89 11.36
CE MSE D 252 3.65 40.07 12.97
N LYS D 253 -3.27 40.73 11.23
CA LYS D 253 -4.60 41.18 11.71
C LYS D 253 -5.61 40.04 11.92
N TYR D 254 -5.54 39.01 11.07
CA TYR D 254 -6.51 37.92 11.11
C TYR D 254 -6.51 37.22 12.45
N PHE D 255 -5.36 37.21 13.09
CA PHE D 255 -5.25 36.64 14.42
C PHE D 255 -5.87 37.49 15.53
N ASN D 256 -6.11 38.78 15.26
CA ASN D 256 -6.95 39.61 16.12
C ASN D 256 -6.41 39.60 17.56
N ASP D 257 -5.15 39.97 17.66
CA ASP D 257 -4.39 39.87 18.89
C ASP D 257 -3.19 40.81 18.77
N PRO D 258 -3.05 41.80 19.67
CA PRO D 258 -1.85 42.68 19.68
C PRO D 258 -0.54 42.00 20.10
N GLU D 259 -0.62 40.76 20.58
CA GLU D 259 0.58 39.96 20.88
C GLU D 259 1.41 39.46 19.67
N VAL D 260 0.81 39.34 18.49
CA VAL D 260 1.51 38.85 17.29
C VAL D 260 2.74 39.70 16.93
N TYR D 261 2.68 40.95 17.36
CA TYR D 261 3.62 41.97 16.93
C TYR D 261 4.85 42.01 17.80
N GLY D 262 4.91 41.18 18.83
CA GLY D 262 6.11 41.13 19.63
C GLY D 262 7.30 40.51 18.92
N ILE D 263 8.51 40.94 19.27
CA ILE D 263 9.72 40.33 18.72
C ILE D 263 10.10 39.25 19.70
N SER D 264 10.32 38.06 19.16
CA SER D 264 10.72 36.92 19.97
C SER D 264 12.19 36.66 19.68
N HIS D 265 12.55 35.50 19.13
CA HIS D 265 13.98 35.21 19.09
C HIS D 265 14.77 36.02 18.10
N ILE D 266 16.07 36.06 18.36
CA ILE D 266 16.95 36.84 17.58
C ILE D 266 18.30 36.16 17.64
N GLY D 267 18.99 36.11 16.51
CA GLY D 267 20.12 35.22 16.34
C GLY D 267 20.71 35.26 14.95
N TRP D 268 21.76 34.47 14.73
CA TRP D 268 22.39 34.36 13.44
C TRP D 268 22.64 32.92 13.04
N GLY D 269 22.68 32.69 11.73
CA GLY D 269 22.91 31.38 11.15
C GLY D 269 24.36 31.01 11.02
N LEU D 270 24.67 29.72 11.25
CA LEU D 270 26.07 29.19 11.15
C LEU D 270 26.24 27.96 10.27
N GLN D 271 25.32 27.75 9.33
CA GLN D 271 25.30 26.53 8.53
C GLN D 271 25.65 26.80 7.07
N PRO D 272 26.93 26.62 6.71
CA PRO D 272 27.32 26.92 5.34
C PRO D 272 26.74 25.98 4.28
N ARG D 273 26.33 24.78 4.67
CA ARG D 273 25.67 23.86 3.74
C ARG D 273 24.23 24.21 3.46
N ALA D 274 23.65 25.08 4.28
CA ALA D 274 22.35 25.66 3.99
C ALA D 274 22.57 26.82 3.04
N GLN D 275 21.64 27.03 2.11
CA GLN D 275 21.74 28.03 1.05
C GLN D 275 20.48 28.90 0.96
N TRP D 276 20.69 30.19 0.78
CA TRP D 276 19.62 31.10 0.65
C TRP D 276 18.76 30.83 -0.57
N THR D 277 19.40 30.34 -1.62
CA THR D 277 18.69 29.97 -2.86
C THR D 277 17.88 28.70 -2.77
N ALA D 278 18.06 27.91 -1.73
CA ALA D 278 17.39 26.58 -1.70
C ALA D 278 15.88 26.62 -1.80
N MSE D 279 15.29 27.50 -0.98
CA MSE D 279 13.85 27.62 -0.90
C MSE D 279 13.18 27.75 -2.23
O MSE D 279 12.09 27.22 -2.41
CB MSE D 279 13.52 28.87 -0.13
CG MSE D 279 12.05 28.83 0.23
SE MSE D 279 11.72 30.39 1.34
CE MSE D 279 11.74 31.73 -0.11
N GLY D 280 13.84 28.45 -3.17
CA GLY D 280 13.31 28.66 -4.54
C GLY D 280 13.15 27.36 -5.34
N LEU D 281 13.72 26.25 -4.86
CA LEU D 281 13.72 24.99 -5.62
C LEU D 281 12.80 23.98 -4.98
N HIS D 282 12.02 24.42 -4.00
CA HIS D 282 11.11 23.53 -3.28
C HIS D 282 9.71 24.02 -3.35
N ASP D 283 8.78 23.09 -3.17
CA ASP D 283 7.38 23.44 -2.98
C ASP D 283 7.17 23.84 -1.53
N ARG D 284 6.17 24.67 -1.30
CA ARG D 284 5.69 25.03 0.04
C ARG D 284 5.50 23.82 0.98
N ASN D 285 4.92 22.74 0.45
CA ASN D 285 4.59 21.58 1.27
C ASN D 285 5.70 20.56 1.42
N ASP D 286 6.87 20.84 0.89
CA ASP D 286 8.01 19.95 1.09
C ASP D 286 8.37 19.89 2.56
N GLY D 287 8.54 21.05 3.16
CA GLY D 287 8.77 21.17 4.60
C GLY D 287 8.79 22.61 5.04
N MSE D 288 9.37 22.84 6.21
CA MSE D 288 9.48 24.20 6.80
C MSE D 288 10.73 25.01 6.39
O MSE D 288 10.92 26.13 6.86
CB MSE D 288 9.38 24.03 8.32
CG MSE D 288 10.53 23.18 8.90
SE MSE D 288 10.20 22.85 10.81
CE MSE D 288 11.14 24.44 11.52
N CYS D 289 11.59 24.47 5.54
CA CYS D 289 12.70 25.27 5.01
C CYS D 289 13.75 25.70 6.05
N MSE D 290 14.46 24.72 6.58
CA MSE D 290 15.61 24.99 7.44
C MSE D 290 16.74 25.72 6.76
O MSE D 290 17.49 26.44 7.44
CB MSE D 290 16.17 23.72 8.03
CG MSE D 290 15.17 23.11 9.00
SE MSE D 290 14.48 24.44 10.31
CE MSE D 290 16.21 24.77 11.17
N ASP D 291 16.86 25.61 5.43
CA ASP D 291 17.85 26.44 4.71
C ASP D 291 17.72 27.93 4.99
N ALA D 292 16.49 28.44 4.92
CA ALA D 292 16.24 29.86 5.20
C ALA D 292 16.58 30.22 6.64
N ARG D 293 16.25 29.34 7.55
CA ARG D 293 16.52 29.65 8.93
C ARG D 293 17.97 29.65 9.26
N ALA D 294 18.72 28.78 8.63
CA ALA D 294 20.02 28.49 9.16
C ALA D 294 21.18 28.99 8.34
N PHE D 295 20.93 29.54 7.16
CA PHE D 295 22.09 29.74 6.26
C PHE D 295 23.12 30.69 6.87
N TYR D 296 24.37 30.39 6.58
CA TYR D 296 25.53 31.04 7.17
C TYR D 296 25.46 32.54 7.09
N GLY D 297 25.52 33.20 8.24
CA GLY D 297 25.65 34.64 8.24
C GLY D 297 24.35 35.42 8.11
N ASN D 298 23.20 34.72 8.07
CA ASN D 298 21.91 35.43 8.21
C ASN D 298 21.75 36.05 9.58
N PHE D 299 20.83 37.01 9.64
CA PHE D 299 20.23 37.45 10.86
C PHE D 299 18.80 36.98 10.82
N LEU D 300 18.41 36.25 11.85
CA LEU D 300 17.10 35.65 11.91
C LEU D 300 16.43 36.25 13.10
N PHE D 301 15.25 36.78 12.86
CA PHE D 301 14.44 37.22 13.94
C PHE D 301 13.02 36.77 13.75
N SER D 302 12.25 36.85 14.82
CA SER D 302 10.98 36.19 14.84
C SER D 302 9.96 36.98 15.61
N THR D 303 8.69 36.73 15.28
CA THR D 303 7.59 37.38 15.96
C THR D 303 6.70 36.40 16.70
N GLY D 304 5.84 36.95 17.56
CA GLY D 304 4.77 36.19 18.23
C GLY D 304 5.09 35.61 19.61
N PRO D 305 4.77 34.32 19.83
CA PRO D 305 4.86 33.76 21.17
C PRO D 305 6.29 33.75 21.72
N ASN D 306 6.42 33.90 23.03
CA ASN D 306 7.68 33.69 23.72
C ASN D 306 7.48 32.90 25.03
N THR D 307 6.40 32.14 25.10
CA THR D 307 6.08 31.30 26.28
C THR D 307 7.15 30.24 26.54
N GLU D 308 7.85 29.80 25.50
CA GLU D 308 8.97 28.86 25.64
C GLU D 308 9.97 29.21 26.74
N VAL D 309 10.16 30.51 27.01
CA VAL D 309 11.15 30.96 28.02
C VAL D 309 10.54 31.75 29.18
N GLY D 310 9.21 31.67 29.33
CA GLY D 310 8.52 32.35 30.42
C GLY D 310 8.14 33.78 30.07
N GLY D 311 8.05 34.05 28.78
CA GLY D 311 7.53 35.32 28.30
C GLY D 311 6.01 35.37 28.40
N LYS D 312 5.47 36.57 28.22
CA LYS D 312 4.05 36.82 28.47
C LYS D 312 3.14 36.28 27.37
N ARG D 313 3.69 36.17 26.16
CA ARG D 313 2.90 35.99 24.94
C ARG D 313 2.74 34.52 24.55
N LYS D 314 1.48 34.11 24.35
CA LYS D 314 1.11 32.73 24.06
C LYS D 314 0.35 32.64 22.72
N THR D 315 0.45 33.69 21.90
CA THR D 315 -0.33 33.79 20.67
C THR D 315 0.14 32.81 19.60
N PRO D 316 -0.81 32.27 18.78
CA PRO D 316 -0.45 31.30 17.73
C PRO D 316 0.31 31.90 16.52
N CYS D 317 0.03 33.14 16.16
CA CYS D 317 0.72 33.75 15.01
C CYS D 317 2.24 33.77 15.18
N HIS D 318 2.97 33.24 14.22
CA HIS D 318 4.40 33.11 14.39
C HIS D 318 5.16 33.14 13.10
N LEU D 319 6.04 34.14 12.98
CA LEU D 319 6.83 34.39 11.79
C LEU D 319 8.31 34.22 12.10
N ASP D 320 9.04 33.74 11.09
CA ASP D 320 10.51 33.70 11.11
C ASP D 320 10.97 34.37 9.82
N ILE D 321 11.84 35.34 9.98
CA ILE D 321 12.24 36.22 8.93
C ILE D 321 13.75 36.28 8.97
N PRO D 322 14.41 35.61 8.04
CA PRO D 322 15.85 35.78 7.88
C PRO D 322 16.26 36.96 6.99
N LEU D 323 17.28 37.68 7.42
CA LEU D 323 17.81 38.83 6.67
C LEU D 323 19.21 38.55 6.17
N ARG D 324 19.46 38.87 4.90
CA ARG D 324 20.80 38.78 4.28
C ARG D 324 21.57 40.10 4.49
N ASN D 325 22.89 40.04 4.26
CA ASN D 325 23.73 41.20 4.14
C ASN D 325 23.77 42.13 5.36
N CYS D 326 23.41 41.62 6.52
CA CYS D 326 23.50 42.41 7.72
C CYS D 326 24.91 42.45 8.35
N ASP D 327 25.13 43.49 9.17
CA ASP D 327 26.25 43.57 10.07
C ASP D 327 25.60 43.27 11.39
N ILE D 328 26.17 42.33 12.16
CA ILE D 328 25.60 41.97 13.45
C ILE D 328 26.66 42.18 14.50
N TYR D 329 26.28 42.81 15.61
CA TYR D 329 27.21 43.15 16.69
C TYR D 329 26.70 42.68 18.04
N LEU D 330 27.63 42.09 18.80
CA LEU D 330 27.43 41.79 20.21
C LEU D 330 28.27 42.76 21.04
N ASP D 331 27.61 43.66 21.77
CA ASP D 331 28.27 44.76 22.44
C ASP D 331 29.04 45.59 21.40
N ASP D 332 30.34 45.75 21.59
CA ASP D 332 31.16 46.54 20.69
C ASP D 332 31.56 45.73 19.47
N LYS D 333 31.71 44.42 19.64
CA LYS D 333 32.33 43.52 18.64
C LYS D 333 31.36 42.95 17.56
N ALA D 334 31.87 42.80 16.34
CA ALA D 334 31.10 42.27 15.22
C ALA D 334 31.26 40.76 15.12
N VAL D 335 30.14 40.02 15.22
CA VAL D 335 30.10 38.56 14.87
C VAL D 335 29.88 38.31 13.36
N VAL D 336 29.08 39.18 12.72
CA VAL D 336 28.80 39.10 11.26
C VAL D 336 28.98 40.47 10.62
N LEU D 337 29.62 40.51 9.45
CA LEU D 337 29.80 41.73 8.65
C LEU D 337 29.47 41.44 7.21
N ALA D 338 28.63 42.28 6.62
CA ALA D 338 28.08 42.09 5.28
C ALA D 338 27.56 40.67 5.08
N GLY D 339 26.93 40.10 6.10
CA GLY D 339 26.48 38.71 6.01
C GLY D 339 27.59 37.67 5.87
N ASP D 340 28.82 38.04 6.20
CA ASP D 340 29.90 37.07 6.37
C ASP D 340 30.17 36.98 7.85
N VAL D 341 30.29 35.75 8.31
CA VAL D 341 30.61 35.45 9.68
C VAL D 341 32.09 35.77 9.95
N VAL D 342 32.35 36.61 10.97
CA VAL D 342 33.70 37.13 11.25
C VAL D 342 34.20 36.79 12.63
N ALA D 343 33.30 36.59 13.58
CA ALA D 343 33.73 36.16 14.92
C ALA D 343 32.68 35.34 15.68
N PRO D 344 33.14 34.43 16.55
CA PRO D 344 34.55 34.03 16.85
C PRO D 344 35.27 33.36 15.68
N GLU D 345 36.58 33.41 15.70
CA GLU D 345 37.37 32.83 14.62
C GLU D 345 37.08 31.32 14.54
N GLU D 346 36.88 30.70 15.71
CA GLU D 346 36.53 29.28 15.82
C GLU D 346 35.16 28.91 15.23
N SER D 347 34.26 29.87 15.16
CA SER D 347 32.93 29.61 14.59
C SER D 347 32.94 29.60 13.05
N ARG D 348 33.97 30.17 12.43
CA ARG D 348 33.98 30.34 10.97
C ARG D 348 34.17 29.03 10.16
N ALA D 349 33.54 28.98 8.98
CA ALA D 349 33.54 27.80 8.11
C ALA D 349 34.91 27.11 7.98
N PRO E 2 -18.45 -11.71 5.83
CA PRO E 2 -17.32 -11.20 6.62
C PRO E 2 -17.67 -9.90 7.34
N VAL E 3 -16.75 -9.38 8.15
CA VAL E 3 -17.04 -8.26 9.02
C VAL E 3 -16.52 -6.98 8.45
N SER E 4 -17.42 -6.05 8.15
CA SER E 4 -17.02 -4.70 7.67
C SER E 4 -16.30 -3.84 8.71
N ASN E 5 -15.75 -2.71 8.27
CA ASN E 5 -15.01 -1.76 9.14
C ASN E 5 -15.93 -1.04 10.12
N ALA E 6 -17.13 -0.70 9.69
CA ALA E 6 -18.13 -0.14 10.60
C ALA E 6 -18.50 -1.15 11.67
N GLN E 7 -18.79 -2.38 11.29
CA GLN E 7 -19.18 -3.38 12.30
C GLN E 7 -18.01 -3.69 13.23
N LEU E 8 -16.80 -3.74 12.71
CA LEU E 8 -15.68 -4.00 13.58
C LEU E 8 -15.48 -2.93 14.69
N THR E 9 -15.68 -1.67 14.31
CA THR E 9 -15.46 -0.54 15.19
C THR E 9 -16.51 -0.64 16.26
N GLN E 10 -17.74 -0.89 15.83
CA GLN E 10 -18.85 -0.99 16.76
C GLN E 10 -18.65 -2.16 17.75
N MSE E 11 -17.99 -3.20 17.31
CA MSE E 11 -17.83 -4.33 18.18
C MSE E 11 -16.78 -3.92 19.15
O MSE E 11 -16.89 -4.23 20.33
CB MSE E 11 -17.40 -5.60 17.49
CG MSE E 11 -18.55 -6.33 16.78
SE MSE E 11 -17.82 -7.51 15.37
CE MSE E 11 -16.04 -8.02 16.03
N PHE E 12 -15.76 -3.20 18.70
CA PHE E 12 -14.78 -2.74 19.68
C PHE E 12 -15.28 -1.68 20.62
N GLU E 13 -16.26 -0.91 20.21
CA GLU E 13 -16.92 0.03 21.13
C GLU E 13 -17.60 -0.76 22.26
N HIS E 14 -18.38 -1.76 21.83
CA HIS E 14 -19.08 -2.64 22.74
C HIS E 14 -18.13 -3.24 23.80
N VAL E 15 -17.04 -3.85 23.36
CA VAL E 15 -16.14 -4.53 24.28
C VAL E 15 -15.32 -3.55 25.18
N LEU E 16 -15.02 -2.38 24.66
CA LEU E 16 -14.29 -1.37 25.41
C LEU E 16 -15.24 -0.71 26.42
N LYS E 17 -16.51 -0.55 26.09
CA LYS E 17 -17.49 -0.12 27.09
C LYS E 17 -17.50 -1.10 28.27
N LEU E 18 -17.73 -2.36 27.96
CA LEU E 18 -17.72 -3.40 28.95
C LEU E 18 -16.41 -3.42 29.70
N SER E 19 -15.32 -3.03 29.08
CA SER E 19 -14.04 -2.95 29.80
C SER E 19 -13.84 -1.60 30.51
N ARG E 20 -14.89 -0.80 30.62
CA ARG E 20 -14.90 0.43 31.42
C ARG E 20 -14.05 1.50 30.85
N VAL E 21 -14.05 1.60 29.54
CA VAL E 21 -13.32 2.66 28.87
C VAL E 21 -14.33 3.78 28.75
N ASP E 22 -13.93 4.99 29.16
CA ASP E 22 -14.75 6.22 29.01
C ASP E 22 -13.78 7.41 29.07
N GLU E 23 -14.29 8.62 29.25
CA GLU E 23 -13.44 9.86 29.15
C GLU E 23 -12.34 9.98 30.22
N THR E 24 -12.41 9.18 31.27
CA THR E 24 -11.36 9.27 32.27
C THR E 24 -10.18 8.35 31.90
N GLN E 25 -10.36 7.57 30.84
CA GLN E 25 -9.40 6.53 30.55
C GLN E 25 -8.46 6.84 29.38
N SER E 26 -7.26 6.29 29.50
CA SER E 26 -6.27 6.25 28.41
C SER E 26 -6.07 4.84 27.87
N VAL E 27 -6.18 4.73 26.56
CA VAL E 27 -6.04 3.45 25.89
C VAL E 27 -4.75 3.40 25.06
N ALA E 28 -4.03 2.32 25.21
CA ALA E 28 -2.86 2.09 24.41
C ALA E 28 -3.16 0.90 23.52
N VAL E 29 -2.98 1.06 22.22
CA VAL E 29 -3.17 -0.05 21.29
C VAL E 29 -1.79 -0.51 20.91
N LEU E 30 -1.46 -1.74 21.31
CA LEU E 30 -0.14 -2.32 21.19
C LEU E 30 -0.10 -3.18 19.94
N LYS E 31 0.88 -2.97 19.11
CA LYS E 31 0.94 -3.66 17.85
C LYS E 31 2.36 -3.86 17.38
N SER E 32 2.51 -4.69 16.35
CA SER E 32 3.78 -5.01 15.73
C SER E 32 3.47 -5.22 14.28
N HIS E 33 4.46 -5.53 13.47
CA HIS E 33 4.26 -5.51 11.98
C HIS E 33 3.28 -6.54 11.41
N TYR E 34 3.03 -7.62 12.16
CA TYR E 34 2.07 -8.65 11.75
C TYR E 34 0.69 -8.42 12.39
N SER E 35 0.46 -7.31 13.07
CA SER E 35 -0.88 -7.05 13.60
C SER E 35 -1.79 -6.69 12.44
N ASP E 36 -3.03 -7.16 12.50
CA ASP E 36 -4.05 -6.82 11.50
C ASP E 36 -4.42 -5.34 11.57
N PRO E 37 -4.16 -4.61 10.47
CA PRO E 37 -4.42 -3.16 10.52
C PRO E 37 -5.89 -2.75 10.75
N ARG E 38 -6.82 -3.58 10.32
CA ARG E 38 -8.23 -3.24 10.45
C ARG E 38 -8.59 -3.28 11.95
N THR E 39 -8.07 -4.31 12.63
CA THR E 39 -8.32 -4.47 14.04
C THR E 39 -7.70 -3.32 14.87
N VAL E 40 -6.44 -3.00 14.58
CA VAL E 40 -5.78 -1.84 15.19
C VAL E 40 -6.54 -0.51 15.00
N ASN E 41 -6.98 -0.25 13.79
CA ASN E 41 -7.71 0.95 13.44
C ASN E 41 -9.10 0.96 14.08
N ALA E 42 -9.79 -0.18 14.14
CA ALA E 42 -11.08 -0.26 14.85
C ALA E 42 -10.96 -0.01 16.34
N ALA E 43 -9.82 -0.45 16.91
CA ALA E 43 -9.61 -0.27 18.35
C ALA E 43 -9.34 1.19 18.65
N MSE E 44 -8.49 1.82 17.83
CA MSE E 44 -8.13 3.21 17.99
C MSE E 44 -9.38 4.03 17.80
O MSE E 44 -9.61 4.99 18.54
CB MSE E 44 -7.15 3.64 16.89
CG MSE E 44 -5.68 3.20 17.02
SE MSE E 44 -4.78 4.03 18.59
CE MSE E 44 -4.00 5.65 17.76
N GLU E 45 -10.18 3.72 16.76
CA GLU E 45 -11.39 4.51 16.45
C GLU E 45 -12.44 4.39 17.53
N ALA E 46 -12.72 3.16 17.96
CA ALA E 46 -13.65 2.90 19.03
C ALA E 46 -13.29 3.61 20.34
N ALA E 47 -12.03 3.54 20.73
CA ALA E 47 -11.59 4.21 21.95
C ALA E 47 -11.77 5.70 21.90
N GLN E 48 -11.59 6.29 20.73
CA GLN E 48 -11.86 7.71 20.60
C GLN E 48 -13.37 8.08 20.62
N ARG E 49 -14.21 7.20 20.05
CA ARG E 49 -15.64 7.36 20.14
C ARG E 49 -16.11 7.40 21.58
N LEU E 50 -15.46 6.64 22.46
CA LEU E 50 -15.81 6.64 23.89
C LEU E 50 -15.09 7.74 24.66
N LYS E 51 -14.34 8.60 23.95
CA LYS E 51 -13.79 9.87 24.48
C LYS E 51 -12.57 9.62 25.35
N ALA E 52 -12.10 8.40 25.33
CA ALA E 52 -10.78 8.11 25.86
C ALA E 52 -9.65 8.74 25.01
N LYS E 53 -8.59 9.09 25.67
CA LYS E 53 -7.36 9.43 24.99
C LYS E 53 -6.74 8.11 24.50
N VAL E 54 -6.00 8.18 23.41
CA VAL E 54 -5.44 7.00 22.79
C VAL E 54 -4.09 7.30 22.21
N TYR E 55 -3.29 6.25 22.09
CA TYR E 55 -2.09 6.28 21.28
C TYR E 55 -1.79 4.82 20.98
N ALA E 56 -1.01 4.62 19.93
CA ALA E 56 -0.59 3.28 19.52
C ALA E 56 0.87 3.03 19.92
N VAL E 57 1.18 1.80 20.29
CA VAL E 57 2.54 1.44 20.59
C VAL E 57 2.98 0.31 19.66
N GLU E 58 3.95 0.58 18.82
CA GLU E 58 4.49 -0.43 17.94
C GLU E 58 5.84 -0.90 18.47
N LEU E 59 5.97 -2.21 18.61
CA LEU E 59 7.22 -2.84 19.02
C LEU E 59 7.69 -3.67 17.89
N PRO E 60 9.01 -3.75 17.67
CA PRO E 60 9.56 -4.74 16.74
C PRO E 60 9.25 -6.19 17.15
N ALA E 61 9.02 -7.07 16.17
CA ALA E 61 8.78 -8.52 16.42
C ALA E 61 9.91 -9.22 17.13
N PHE E 62 9.55 -10.05 18.11
CA PHE E 62 10.54 -10.87 18.75
C PHE E 62 10.51 -12.25 18.12
N ASN E 63 11.67 -12.73 17.62
CA ASN E 63 11.80 -14.12 17.14
C ASN E 63 12.62 -15.06 18.05
N HIS E 64 12.03 -16.22 18.36
CA HIS E 64 12.74 -17.36 18.99
C HIS E 64 13.20 -18.31 17.88
N PRO E 65 14.52 -18.39 17.65
CA PRO E 65 14.97 -19.04 16.39
C PRO E 65 14.59 -20.55 16.25
N THR E 66 14.35 -21.28 17.34
CA THR E 66 14.05 -22.73 17.23
C THR E 66 12.56 -23.04 17.01
N ALA E 67 11.73 -22.02 17.18
CA ALA E 67 10.28 -22.18 17.15
C ALA E 67 9.80 -22.58 15.74
N MSE E 68 8.80 -23.44 15.66
CA MSE E 68 8.18 -23.80 14.38
C MSE E 68 6.73 -23.37 14.29
O MSE E 68 6.05 -23.20 15.29
CB MSE E 68 8.26 -25.30 14.18
CG MSE E 68 9.51 -25.91 14.81
SE MSE E 68 9.69 -27.71 14.06
CE MSE E 68 8.97 -28.82 15.49
N GLY E 69 6.25 -23.22 13.07
CA GLY E 69 4.90 -22.76 12.80
C GLY E 69 4.82 -21.26 12.97
N ASN E 70 3.63 -20.71 12.78
CA ASN E 70 3.36 -19.27 13.02
C ASN E 70 2.51 -18.98 14.27
N ASP E 71 2.08 -20.03 14.97
CA ASP E 71 1.29 -19.86 16.19
C ASP E 71 2.22 -19.47 17.35
N MSE E 72 1.88 -18.41 18.06
CA MSE E 72 2.83 -17.86 19.05
C MSE E 72 2.67 -18.46 20.42
O MSE E 72 3.56 -18.29 21.24
CB MSE E 72 2.70 -16.37 19.09
CG MSE E 72 3.11 -15.82 17.73
SE MSE E 72 2.94 -13.88 17.78
CE MSE E 72 4.12 -13.52 19.34
N THR E 73 1.56 -19.15 20.65
CA THR E 73 1.38 -19.95 21.89
C THR E 73 2.34 -21.15 21.98
N ALA E 74 2.67 -21.72 20.81
CA ALA E 74 3.60 -22.85 20.67
C ALA E 74 4.95 -22.70 21.37
N TYR E 75 5.49 -21.47 21.39
CA TYR E 75 6.84 -21.21 21.97
C TYR E 75 6.86 -20.11 23.03
N CYS E 76 6.89 -20.54 24.28
CA CYS E 76 6.84 -19.65 25.44
C CYS E 76 8.24 -19.32 25.97
N GLY E 77 8.83 -18.25 25.42
CA GLY E 77 10.08 -17.75 25.98
C GLY E 77 10.00 -16.28 26.35
N ASP E 78 11.09 -15.59 26.09
CA ASP E 78 11.16 -14.15 26.10
C ASP E 78 10.20 -13.55 25.10
N THR E 79 9.99 -12.24 25.23
CA THR E 79 9.06 -11.49 24.36
C THR E 79 9.71 -10.16 24.05
N ALA E 80 9.04 -9.34 23.27
CA ALA E 80 9.59 -8.06 22.86
C ALA E 80 9.68 -7.12 24.06
N LEU E 81 8.99 -7.42 25.14
CA LEU E 81 9.20 -6.67 26.39
C LEU E 81 10.45 -7.07 27.15
N THR E 82 11.09 -8.18 26.79
CA THR E 82 12.24 -8.64 27.57
C THR E 82 13.35 -7.60 27.46
N GLY E 83 13.82 -7.18 28.66
CA GLY E 83 14.81 -6.12 28.86
C GLY E 83 14.47 -4.76 28.26
N ASN E 84 13.18 -4.48 28.08
CA ASN E 84 12.73 -3.27 27.35
C ASN E 84 11.78 -2.48 28.25
N LEU E 85 12.38 -1.92 29.28
CA LEU E 85 11.63 -1.22 30.30
C LEU E 85 10.89 0.03 29.77
N ALA E 86 11.51 0.78 28.88
CA ALA E 86 10.86 1.99 28.42
C ALA E 86 9.52 1.60 27.78
N ALA E 87 9.59 0.64 26.86
CA ALA E 87 8.37 0.05 26.24
C ALA E 87 7.35 -0.41 27.29
N GLN E 88 7.83 -1.03 28.35
CA GLN E 88 6.89 -1.52 29.36
C GLN E 88 6.23 -0.32 30.05
N ARG E 89 7.01 0.74 30.28
CA ARG E 89 6.48 1.93 30.94
C ARG E 89 5.47 2.63 30.04
N ALA E 90 5.65 2.47 28.74
CA ALA E 90 4.78 3.08 27.74
C ALA E 90 3.44 2.43 27.80
N LEU E 91 3.42 1.14 28.11
CA LEU E 91 2.13 0.48 28.29
C LEU E 91 1.51 0.78 29.67
N GLU E 92 2.36 0.91 30.68
CA GLU E 92 1.96 1.08 32.09
C GLU E 92 1.29 2.45 32.28
N ALA E 93 1.69 3.42 31.48
CA ALA E 93 1.03 4.75 31.38
C ALA E 93 -0.46 4.69 31.11
N ALA E 94 -0.88 3.71 30.33
CA ALA E 94 -2.24 3.65 29.89
C ALA E 94 -3.10 2.95 30.91
N ASP E 95 -4.41 3.15 30.89
CA ASP E 95 -5.27 2.45 31.78
C ASP E 95 -5.57 1.11 31.14
N LEU E 96 -5.66 1.06 29.83
CA LEU E 96 -6.06 -0.19 29.19
C LEU E 96 -5.24 -0.38 27.95
N VAL E 97 -4.67 -1.57 27.82
CA VAL E 97 -3.87 -1.91 26.64
C VAL E 97 -4.66 -2.88 25.82
N VAL E 98 -4.82 -2.60 24.54
CA VAL E 98 -5.48 -3.54 23.65
C VAL E 98 -4.33 -4.22 22.97
N ASP E 99 -4.16 -5.49 23.22
CA ASP E 99 -3.01 -6.15 22.64
C ASP E 99 -3.35 -6.83 21.32
N THR E 100 -2.77 -6.36 20.23
CA THR E 100 -3.02 -6.97 18.92
C THR E 100 -1.79 -7.69 18.42
N MSE E 101 -0.81 -7.91 19.30
CA MSE E 101 0.44 -8.60 18.92
C MSE E 101 0.72 -9.85 19.70
O MSE E 101 1.72 -10.53 19.44
CB MSE E 101 1.70 -7.72 18.98
CG MSE E 101 2.28 -7.57 20.39
SE MSE E 101 3.84 -6.36 20.38
CE MSE E 101 5.21 -7.65 19.77
N MSE E 102 -0.14 -10.19 20.68
CA MSE E 102 0.00 -11.47 21.40
C MSE E 102 1.27 -11.44 22.22
O MSE E 102 2.22 -12.12 21.93
CB MSE E 102 -0.05 -12.63 20.39
CG MSE E 102 0.34 -14.01 20.89
SE MSE E 102 -1.07 -14.75 22.02
CE MSE E 102 -1.77 -15.68 20.43
N LEU E 103 1.31 -10.58 23.22
CA LEU E 103 2.37 -10.63 24.18
C LEU E 103 2.07 -11.79 25.09
N LEU E 104 3.03 -12.69 25.18
CA LEU E 104 2.93 -13.88 26.03
C LEU E 104 3.20 -13.52 27.48
N HIS E 105 2.65 -14.32 28.38
CA HIS E 105 2.78 -14.09 29.83
C HIS E 105 4.26 -13.98 30.18
N SER E 106 4.59 -12.96 30.96
CA SER E 106 5.98 -12.65 31.20
C SER E 106 6.06 -11.90 32.51
N PRO E 107 7.25 -11.88 33.12
CA PRO E 107 7.39 -11.10 34.35
C PRO E 107 7.12 -9.64 34.04
N GLU E 108 7.59 -9.20 32.88
CA GLU E 108 7.38 -7.82 32.47
C GLU E 108 5.89 -7.50 32.29
N GLN E 109 5.11 -8.44 31.78
CA GLN E 109 3.67 -8.21 31.64
C GLN E 109 2.99 -8.26 32.99
N GLU E 110 3.51 -9.09 33.90
CA GLU E 110 2.93 -9.16 35.20
C GLU E 110 3.08 -7.85 35.94
N GLN E 111 4.27 -7.25 35.81
CA GLN E 111 4.54 -5.90 36.31
C GLN E 111 3.52 -4.84 35.81
N ILE E 112 3.25 -4.85 34.50
CA ILE E 112 2.22 -3.95 33.95
C ILE E 112 0.89 -4.09 34.69
N LEU E 113 0.47 -5.31 34.93
CA LEU E 113 -0.84 -5.53 35.57
C LEU E 113 -0.83 -5.11 37.03
N LYS E 114 0.35 -5.26 37.64
CA LYS E 114 0.55 -4.88 39.04
C LYS E 114 0.24 -3.41 39.23
N THR E 115 0.73 -2.56 38.32
CA THR E 115 0.41 -1.13 38.37
C THR E 115 -1.11 -0.76 38.32
N GLY E 116 -2.05 -1.72 38.14
CA GLY E 116 -3.48 -1.41 37.90
C GLY E 116 -3.92 -1.32 36.41
N THR E 117 -2.96 -1.25 35.50
CA THR E 117 -3.25 -1.31 34.07
C THR E 117 -3.93 -2.65 33.74
N ARG E 118 -4.96 -2.56 32.90
CA ARG E 118 -5.70 -3.66 32.31
C ARG E 118 -5.14 -4.07 30.88
N ILE E 119 -5.27 -5.34 30.53
CA ILE E 119 -4.87 -5.80 29.21
C ILE E 119 -5.92 -6.70 28.59
N LEU E 120 -6.46 -6.25 27.44
CA LEU E 120 -7.32 -7.06 26.58
C LEU E 120 -6.55 -7.57 25.39
N LEU E 121 -6.47 -8.88 25.28
CA LEU E 121 -5.89 -9.47 24.10
C LEU E 121 -7.01 -9.55 23.02
N ALA E 122 -6.64 -9.15 21.79
CA ALA E 122 -7.55 -9.19 20.62
C ALA E 122 -6.79 -9.44 19.30
N VAL E 123 -6.71 -10.70 18.92
CA VAL E 123 -5.88 -11.08 17.77
C VAL E 123 -6.55 -12.05 16.80
N GLU E 124 -7.59 -12.73 17.24
CA GLU E 124 -8.37 -13.60 16.35
C GLU E 124 -9.00 -12.79 15.21
N PRO E 125 -9.32 -13.48 14.11
CA PRO E 125 -9.94 -12.78 12.97
C PRO E 125 -11.36 -12.23 13.31
N PRO E 126 -11.72 -11.08 12.73
CA PRO E 126 -12.98 -10.39 13.03
C PRO E 126 -14.25 -11.28 13.06
N GLU E 127 -14.35 -12.23 12.15
CA GLU E 127 -15.49 -13.13 12.08
C GLU E 127 -15.61 -13.97 13.38
N VAL E 128 -14.46 -14.32 13.93
CA VAL E 128 -14.39 -15.13 15.14
C VAL E 128 -14.77 -14.24 16.30
N LEU E 129 -14.21 -13.03 16.26
CA LEU E 129 -14.47 -12.00 17.24
C LEU E 129 -15.94 -11.68 17.39
N ALA E 130 -16.65 -11.69 16.26
CA ALA E 130 -18.06 -11.36 16.19
C ALA E 130 -18.96 -12.47 16.65
N ARG E 131 -18.59 -13.70 16.31
CA ARG E 131 -19.34 -14.87 16.73
C ARG E 131 -19.30 -15.06 18.25
N MSE E 132 -18.16 -14.74 18.87
CA MSE E 132 -18.03 -14.83 20.35
C MSE E 132 -17.90 -13.46 20.99
O MSE E 132 -17.05 -13.24 21.81
CB MSE E 132 -16.87 -15.77 20.69
CG MSE E 132 -17.25 -17.22 20.37
SE MSE E 132 -15.65 -18.33 20.67
CE MSE E 132 -14.58 -17.98 19.05
N LEU E 133 -18.69 -12.50 20.52
CA LEU E 133 -18.69 -11.19 21.14
C LEU E 133 -19.00 -11.37 22.68
N PRO E 134 -18.17 -10.79 23.53
CA PRO E 134 -18.33 -10.95 24.96
C PRO E 134 -19.64 -10.30 25.50
N THR E 135 -20.22 -10.87 26.56
CA THR E 135 -21.45 -10.37 27.22
C THR E 135 -21.28 -10.32 28.75
N GLU E 136 -22.13 -9.56 29.46
CA GLU E 136 -22.06 -9.59 30.94
C GLU E 136 -22.58 -10.92 31.50
N ASP E 137 -23.43 -11.59 30.73
CA ASP E 137 -23.93 -12.91 31.10
C ASP E 137 -22.82 -13.99 31.09
N ASP E 138 -21.96 -13.98 30.08
CA ASP E 138 -20.78 -14.83 30.06
C ASP E 138 -19.94 -14.61 31.32
N LYS E 139 -19.79 -13.37 31.74
CA LYS E 139 -18.97 -13.11 32.94
C LYS E 139 -19.65 -13.71 34.16
N ARG E 140 -20.96 -13.57 34.21
CA ARG E 140 -21.67 -14.03 35.37
C ARG E 140 -21.44 -15.52 35.48
N ARG E 141 -21.76 -16.25 34.41
CA ARG E 141 -21.68 -17.74 34.45
C ARG E 141 -20.24 -18.17 34.76
N VAL E 142 -19.26 -17.55 34.12
CA VAL E 142 -17.87 -17.90 34.36
C VAL E 142 -17.44 -17.62 35.79
N LEU E 143 -17.97 -16.56 36.38
CA LEU E 143 -17.54 -16.21 37.73
C LEU E 143 -18.24 -17.13 38.72
N ALA E 144 -19.44 -17.60 38.38
CA ALA E 144 -20.13 -18.61 39.19
C ALA E 144 -19.32 -19.91 39.32
N ALA E 145 -18.65 -20.27 38.24
CA ALA E 145 -17.84 -21.46 38.20
C ALA E 145 -16.56 -21.26 38.97
N GLU E 146 -16.07 -20.03 39.00
CA GLU E 146 -14.82 -19.68 39.66
C GLU E 146 -14.94 -19.94 41.16
N THR E 147 -16.10 -19.58 41.71
CA THR E 147 -16.41 -19.77 43.13
C THR E 147 -16.14 -21.24 43.54
N LEU E 148 -16.89 -22.14 42.91
CA LEU E 148 -16.75 -23.57 43.09
C LEU E 148 -15.30 -24.04 42.98
N LEU E 149 -14.65 -23.66 41.89
CA LEU E 149 -13.29 -24.08 41.64
C LEU E 149 -12.30 -23.71 42.78
N LYS E 150 -12.46 -22.53 43.38
CA LYS E 150 -11.48 -22.03 44.37
C LYS E 150 -11.57 -22.78 45.70
N GLN E 151 -12.78 -23.22 46.05
CA GLN E 151 -13.03 -24.13 47.19
C GLN E 151 -12.40 -25.52 47.02
N ALA E 152 -12.55 -26.05 45.80
CA ALA E 152 -12.20 -27.44 45.48
C ALA E 152 -10.83 -27.88 45.98
N ARG E 153 -10.80 -29.02 46.66
CA ARG E 153 -9.54 -29.60 47.11
C ARG E 153 -8.85 -30.41 46.00
N SER E 154 -9.66 -31.13 45.21
CA SER E 154 -9.16 -32.01 44.15
C SER E 154 -9.97 -31.94 42.83
N LEU E 155 -9.28 -32.18 41.72
CA LEU E 155 -9.98 -32.38 40.45
C LEU E 155 -9.76 -33.81 39.98
N HIS E 156 -10.80 -34.33 39.31
CA HIS E 156 -10.80 -35.69 38.76
C HIS E 156 -11.52 -35.76 37.39
N VAL E 157 -10.94 -36.46 36.41
CA VAL E 157 -11.61 -36.58 35.11
C VAL E 157 -11.77 -38.02 34.64
N ARG E 158 -12.99 -38.39 34.22
CA ARG E 158 -13.24 -39.68 33.56
C ARG E 158 -13.80 -39.56 32.13
N SER E 159 -13.47 -40.53 31.28
CA SER E 159 -14.22 -40.70 30.01
C SER E 159 -14.40 -42.16 29.67
N LYS E 160 -15.45 -42.45 28.90
CA LYS E 160 -15.66 -43.81 28.36
C LYS E 160 -14.48 -44.28 27.52
N ALA E 161 -13.77 -43.35 26.90
CA ALA E 161 -12.58 -43.68 26.12
C ALA E 161 -11.42 -44.10 27.03
N GLY E 162 -11.59 -43.91 28.34
CA GLY E 162 -10.64 -44.44 29.32
C GLY E 162 -9.82 -43.40 30.06
N SER E 163 -10.24 -42.14 30.04
CA SER E 163 -9.52 -41.13 30.80
C SER E 163 -9.85 -41.38 32.28
N ASP E 164 -8.83 -41.37 33.14
CA ASP E 164 -9.00 -41.57 34.58
C ASP E 164 -7.86 -40.81 35.30
N PHE E 165 -8.14 -39.58 35.68
CA PHE E 165 -7.11 -38.63 35.97
C PHE E 165 -7.45 -37.90 37.27
N HIS E 166 -6.46 -37.83 38.15
CA HIS E 166 -6.62 -37.14 39.42
C HIS E 166 -5.60 -35.99 39.51
N ALA E 167 -6.06 -34.87 40.06
CA ALA E 167 -5.21 -33.74 40.34
C ALA E 167 -5.60 -33.07 41.67
N PRO E 168 -4.66 -33.05 42.64
CA PRO E 168 -4.81 -32.23 43.84
C PRO E 168 -4.58 -30.71 43.62
N LEU E 169 -5.55 -29.94 44.12
CA LEU E 169 -5.60 -28.49 44.00
C LEU E 169 -5.21 -27.79 45.30
N GLY E 170 -5.43 -26.47 45.38
CA GLY E 170 -5.23 -25.69 46.62
C GLY E 170 -3.98 -24.82 46.59
N GLN E 171 -2.86 -25.40 46.19
CA GLN E 171 -1.58 -24.70 46.11
C GLN E 171 -1.54 -23.53 45.10
N TYR E 172 -2.48 -23.48 44.17
CA TYR E 172 -2.45 -22.48 43.09
C TYR E 172 -3.82 -21.88 42.80
N PRO E 173 -3.86 -20.62 42.30
CA PRO E 173 -5.17 -19.99 42.14
C PRO E 173 -5.98 -20.44 40.91
N ALA E 174 -7.30 -20.22 40.97
CA ALA E 174 -8.20 -20.20 39.83
C ALA E 174 -7.96 -18.97 38.95
N VAL E 175 -8.15 -19.13 37.63
CA VAL E 175 -7.93 -18.05 36.66
C VAL E 175 -9.03 -18.13 35.64
N THR E 176 -9.62 -17.00 35.31
CA THR E 176 -10.79 -17.01 34.46
C THR E 176 -10.55 -16.21 33.20
N GLU E 177 -11.28 -16.52 32.14
CA GLU E 177 -11.26 -15.66 30.99
C GLU E 177 -12.66 -15.59 30.54
N TYR E 178 -13.22 -14.39 30.48
CA TYR E 178 -14.65 -14.19 30.03
C TYR E 178 -14.83 -13.10 28.95
N GLY E 179 -13.70 -12.59 28.50
CA GLY E 179 -13.66 -11.92 27.22
C GLY E 179 -13.46 -10.43 27.29
N TYR E 180 -13.36 -9.86 28.49
CA TYR E 180 -13.13 -8.41 28.56
C TYR E 180 -12.34 -8.05 29.80
N ALA E 181 -11.73 -6.86 29.77
CA ALA E 181 -10.81 -6.40 30.82
C ALA E 181 -11.31 -5.18 31.62
N ASP E 182 -12.36 -5.38 32.41
CA ASP E 182 -12.99 -4.34 33.25
C ASP E 182 -12.29 -4.04 34.62
N GLU E 183 -11.78 -5.04 35.32
CA GLU E 183 -11.14 -4.75 36.60
C GLU E 183 -9.67 -4.32 36.55
N PRO E 184 -9.25 -3.43 37.45
CA PRO E 184 -7.86 -3.05 37.36
C PRO E 184 -6.91 -4.26 37.50
N GLY E 185 -5.73 -4.17 36.88
CA GLY E 185 -4.76 -5.24 36.89
C GLY E 185 -5.25 -6.54 36.28
N ARG E 186 -6.33 -6.51 35.48
CA ARG E 186 -6.83 -7.76 34.86
C ARG E 186 -6.34 -8.00 33.39
N TRP E 187 -6.14 -9.27 33.09
CA TRP E 187 -5.88 -9.72 31.74
C TRP E 187 -7.05 -10.58 31.33
N ASP E 188 -7.60 -10.28 30.16
CA ASP E 188 -8.50 -11.22 29.54
C ASP E 188 -8.33 -11.18 28.01
N HIS E 189 -9.12 -12.00 27.31
CA HIS E 189 -8.88 -12.26 25.92
C HIS E 189 -10.18 -12.25 25.22
N TRP E 190 -10.35 -11.38 24.23
CA TRP E 190 -11.57 -11.44 23.46
C TRP E 190 -11.24 -12.27 22.21
N PRO E 191 -11.88 -13.45 22.03
CA PRO E 191 -12.98 -14.03 22.77
C PRO E 191 -12.51 -15.12 23.69
N SER E 192 -13.28 -15.45 24.72
CA SER E 192 -12.95 -16.55 25.65
C SER E 192 -14.24 -17.00 26.32
N GLY E 193 -14.21 -17.36 27.61
CA GLY E 193 -15.38 -18.02 28.26
C GLY E 193 -15.01 -19.38 28.82
N PHE E 194 -14.03 -19.42 29.73
CA PHE E 194 -13.60 -20.66 30.37
C PHE E 194 -12.73 -20.37 31.56
N LEU E 195 -12.22 -21.41 32.18
CA LEU E 195 -11.41 -21.27 33.37
C LEU E 195 -10.58 -22.51 33.62
N PHE E 196 -9.48 -22.30 34.28
CA PHE E 196 -8.56 -23.34 34.60
C PHE E 196 -7.85 -23.02 35.89
N THR E 197 -7.18 -24.00 36.47
CA THR E 197 -6.24 -23.77 37.56
C THR E 197 -4.99 -24.57 37.25
N TRP E 198 -4.16 -24.86 38.26
CA TRP E 198 -3.02 -25.75 38.12
C TRP E 198 -3.01 -26.74 39.27
N PRO E 199 -2.62 -27.99 39.02
CA PRO E 199 -2.57 -29.02 40.05
C PRO E 199 -1.39 -28.80 41.01
N ASN E 200 -1.44 -29.39 42.20
CA ASN E 200 -0.33 -29.24 43.15
C ASN E 200 1.01 -29.76 42.62
N GLU E 201 2.11 -29.23 43.16
CA GLU E 201 3.42 -29.64 42.66
C GLU E 201 3.53 -31.18 42.67
N ASP E 202 4.15 -31.72 41.61
CA ASP E 202 4.46 -33.15 41.47
C ASP E 202 3.37 -34.12 41.91
N SER E 203 2.12 -33.75 41.69
CA SER E 203 1.02 -34.47 42.31
C SER E 203 0.04 -35.15 41.36
N ALA E 204 -0.05 -34.75 40.10
CA ALA E 204 -1.14 -35.25 39.25
C ALA E 204 -0.89 -36.68 38.81
N GLU E 205 -1.96 -37.48 38.78
CA GLU E 205 -1.86 -38.93 38.59
C GLU E 205 -2.97 -39.44 37.67
N GLY E 206 -2.59 -40.43 36.85
CA GLY E 206 -3.54 -41.28 36.12
C GLY E 206 -3.35 -41.29 34.61
N THR E 207 -4.46 -41.46 33.89
CA THR E 207 -4.42 -41.52 32.43
C THR E 207 -5.40 -40.54 31.75
N LEU E 208 -4.89 -39.85 30.73
CA LEU E 208 -5.69 -39.06 29.80
C LEU E 208 -5.60 -39.67 28.41
N VAL E 209 -6.78 -39.94 27.83
CA VAL E 209 -6.93 -40.51 26.50
C VAL E 209 -7.49 -39.44 25.57
N LEU E 210 -6.74 -39.06 24.54
CA LEU E 210 -7.33 -38.26 23.51
C LEU E 210 -8.01 -39.24 22.64
N ASP E 211 -9.33 -39.21 22.70
CA ASP E 211 -10.14 -39.96 21.80
C ASP E 211 -10.01 -39.46 20.35
N VAL E 212 -10.54 -40.28 19.45
CA VAL E 212 -10.80 -39.88 18.07
C VAL E 212 -11.63 -38.61 18.13
N GLY E 213 -11.11 -37.53 17.53
CA GLY E 213 -11.83 -36.25 17.44
C GLY E 213 -11.40 -35.27 18.51
N ASP E 214 -10.51 -35.69 19.40
CA ASP E 214 -10.00 -34.78 20.39
C ASP E 214 -8.86 -33.97 19.79
N ILE E 215 -8.52 -32.85 20.41
CA ILE E 215 -7.70 -31.88 19.71
C ILE E 215 -6.39 -31.55 20.38
N ILE E 216 -5.30 -31.58 19.60
CA ILE E 216 -4.06 -31.00 20.08
C ILE E 216 -3.74 -29.64 19.45
N LEU E 217 -3.52 -28.63 20.31
CA LEU E 217 -3.02 -27.32 19.90
C LEU E 217 -1.56 -27.17 20.31
N PRO E 218 -0.70 -26.59 19.45
CA PRO E 218 -0.95 -25.91 18.18
C PRO E 218 -0.98 -26.75 16.90
N PHE E 219 -1.15 -28.07 16.98
CA PHE E 219 -1.15 -28.90 15.73
C PHE E 219 -2.40 -28.70 14.94
N LYS E 220 -3.52 -28.47 15.65
CA LYS E 220 -4.84 -28.18 15.05
C LYS E 220 -5.36 -29.32 14.21
N ASN E 221 -5.19 -30.52 14.73
CA ASN E 221 -5.72 -31.73 14.11
C ASN E 221 -6.80 -32.33 14.99
N TYR E 222 -7.87 -32.84 14.36
CA TYR E 222 -8.75 -33.80 15.01
C TYR E 222 -8.04 -35.14 14.98
N CYS E 223 -7.81 -35.75 16.15
CA CYS E 223 -7.13 -37.04 16.19
C CYS E 223 -7.98 -38.10 15.51
N ARG E 224 -7.34 -38.90 14.68
CA ARG E 224 -8.02 -39.98 13.97
C ARG E 224 -7.80 -41.35 14.66
N GLU E 225 -6.80 -41.42 15.53
CA GLU E 225 -6.58 -42.58 16.38
C GLU E 225 -6.43 -42.05 17.79
N ARG E 226 -6.61 -42.94 18.77
CA ARG E 226 -6.40 -42.62 20.18
C ARG E 226 -4.95 -42.37 20.59
N ILE E 227 -4.76 -41.45 21.52
CA ILE E 227 -3.47 -41.19 22.12
C ILE E 227 -3.73 -41.42 23.58
N THR E 228 -2.88 -42.21 24.22
CA THR E 228 -3.01 -42.51 25.63
C THR E 228 -1.77 -41.88 26.30
N LEU E 229 -2.01 -41.07 27.31
CA LEU E 229 -0.96 -40.46 28.06
C LEU E 229 -0.99 -40.96 29.48
N GLU E 230 0.17 -41.37 29.94
CA GLU E 230 0.32 -41.92 31.30
C GLU E 230 1.02 -40.89 32.14
N ILE E 231 0.41 -40.55 33.27
CA ILE E 231 0.86 -39.46 34.12
C ILE E 231 1.21 -39.87 35.56
N GLU E 232 2.48 -39.68 35.93
CA GLU E 232 2.95 -39.95 37.28
C GLU E 232 3.60 -38.71 37.92
N LYS E 233 3.12 -38.34 39.11
CA LYS E 233 3.67 -37.21 39.86
C LYS E 233 3.78 -36.02 38.95
N GLY E 234 2.63 -35.66 38.37
CA GLY E 234 2.49 -34.46 37.56
C GLY E 234 3.13 -34.43 36.18
N PHE E 235 3.78 -35.50 35.76
CA PHE E 235 4.47 -35.52 34.46
C PHE E 235 3.99 -36.67 33.56
N ILE E 236 4.00 -36.43 32.26
CA ILE E 236 3.69 -37.47 31.30
C ILE E 236 4.93 -38.34 31.25
N THR E 237 4.72 -39.64 31.45
CA THR E 237 5.83 -40.58 31.43
C THR E 237 5.69 -41.54 30.26
N GLY E 238 4.47 -41.69 29.76
CA GLY E 238 4.24 -42.55 28.64
C GLY E 238 3.20 -42.01 27.67
N ILE E 239 3.56 -41.94 26.39
CA ILE E 239 2.64 -41.52 25.37
C ILE E 239 2.47 -42.66 24.40
N HIS E 240 1.25 -43.22 24.35
CA HIS E 240 1.03 -44.38 23.50
C HIS E 240 -0.09 -44.28 22.46
N GLY E 241 0.17 -44.86 21.29
CA GLY E 241 -0.84 -45.06 20.24
C GLY E 241 -0.21 -45.38 18.89
N GLY E 242 -0.89 -44.96 17.82
CA GLY E 242 -0.38 -45.03 16.44
C GLY E 242 0.40 -43.81 15.95
N PHE E 243 -0.07 -43.16 14.87
CA PHE E 243 0.68 -42.10 14.21
C PHE E 243 0.67 -40.78 14.98
N GLU E 244 -0.50 -40.35 15.49
CA GLU E 244 -0.55 -39.11 16.24
C GLU E 244 0.42 -39.17 17.42
N ALA E 245 0.51 -40.33 18.07
CA ALA E 245 1.37 -40.50 19.25
C ALA E 245 2.81 -40.32 18.90
N GLU E 246 3.24 -40.94 17.81
CA GLU E 246 4.61 -40.78 17.38
C GLU E 246 4.87 -39.35 16.92
N TYR E 247 3.88 -38.73 16.29
CA TYR E 247 4.04 -37.37 15.86
C TYR E 247 4.22 -36.51 17.12
N LEU E 248 3.38 -36.75 18.13
CA LEU E 248 3.45 -36.01 19.41
C LEU E 248 4.76 -36.24 20.17
N ARG E 249 5.21 -37.47 20.28
CA ARG E 249 6.47 -37.74 20.98
C ARG E 249 7.62 -37.03 20.32
N ASP E 250 7.66 -37.05 18.99
CA ASP E 250 8.76 -36.48 18.28
C ASP E 250 8.76 -34.97 18.48
N TYR E 251 7.58 -34.36 18.47
CA TYR E 251 7.45 -32.92 18.71
C TYR E 251 8.00 -32.58 20.07
N MSE E 252 7.59 -33.34 21.06
CA MSE E 252 8.10 -33.11 22.40
C MSE E 252 9.60 -33.36 22.51
O MSE E 252 10.32 -32.57 23.09
CB MSE E 252 7.25 -33.94 23.30
CG MSE E 252 5.96 -33.11 23.46
SE MSE E 252 4.65 -34.03 24.61
CE MSE E 252 4.68 -32.72 26.08
N LYS E 253 10.10 -34.42 21.92
CA LYS E 253 11.54 -34.64 22.01
C LYS E 253 12.34 -33.45 21.50
N TYR E 254 11.90 -32.82 20.41
CA TYR E 254 12.67 -31.74 19.77
C TYR E 254 13.20 -30.73 20.77
N PHE E 255 12.39 -30.46 21.76
CA PHE E 255 12.70 -29.42 22.72
C PHE E 255 13.81 -29.86 23.66
N ASN E 256 14.06 -31.16 23.73
CA ASN E 256 15.22 -31.72 24.41
C ASN E 256 15.24 -31.32 25.87
N ASP E 257 14.13 -31.56 26.58
CA ASP E 257 13.91 -30.97 27.91
C ASP E 257 12.79 -31.73 28.67
N PRO E 258 13.07 -32.19 29.90
CA PRO E 258 12.05 -32.94 30.65
C PRO E 258 10.91 -32.08 31.15
N GLU E 259 11.12 -30.77 31.15
CA GLU E 259 10.08 -29.85 31.58
C GLU E 259 8.82 -29.90 30.72
N VAL E 260 8.93 -30.39 29.48
CA VAL E 260 7.82 -30.31 28.48
C VAL E 260 6.72 -31.26 28.85
N TYR E 261 7.07 -32.34 29.54
CA TYR E 261 6.10 -33.37 29.93
C TYR E 261 5.28 -32.98 31.15
N GLY E 262 5.70 -31.95 31.86
CA GLY E 262 4.91 -31.53 33.00
C GLY E 262 3.54 -31.01 32.63
N ILE E 263 2.54 -31.34 33.45
CA ILE E 263 1.18 -30.84 33.29
C ILE E 263 1.08 -29.44 33.87
N SER E 264 0.49 -28.53 33.09
CA SER E 264 0.27 -27.13 33.54
C SER E 264 -1.23 -26.95 33.80
N HIS E 265 -1.91 -26.02 33.14
CA HIS E 265 -3.30 -25.77 33.55
C HIS E 265 -4.26 -26.85 33.14
N ILE E 266 -5.33 -26.94 33.94
CA ILE E 266 -6.42 -27.89 33.79
C ILE E 266 -7.70 -27.14 34.09
N GLY E 267 -8.78 -27.47 33.42
CA GLY E 267 -9.99 -26.68 33.61
C GLY E 267 -10.95 -26.99 32.52
N TRP E 268 -12.07 -26.28 32.50
CA TRP E 268 -13.16 -26.63 31.60
C TRP E 268 -13.74 -25.41 30.89
N GLY E 269 -14.49 -25.64 29.84
CA GLY E 269 -14.91 -24.56 28.95
C GLY E 269 -16.33 -24.20 29.17
N LEU E 270 -16.71 -22.93 29.03
CA LEU E 270 -18.12 -22.50 29.28
C LEU E 270 -18.67 -21.61 28.21
N GLN E 271 -18.18 -21.78 26.99
CA GLN E 271 -18.54 -20.89 25.90
C GLN E 271 -19.39 -21.63 24.85
N PRO E 272 -20.72 -21.58 24.99
CA PRO E 272 -21.58 -22.29 24.08
C PRO E 272 -21.60 -21.74 22.66
N ARG E 273 -21.11 -20.52 22.45
CA ARG E 273 -21.06 -19.95 21.11
C ARG E 273 -19.79 -20.42 20.35
N ALA E 274 -18.82 -20.96 21.09
CA ALA E 274 -17.68 -21.61 20.51
C ALA E 274 -18.15 -23.01 20.17
N GLN E 275 -17.46 -23.66 19.24
CA GLN E 275 -17.94 -24.88 18.62
C GLN E 275 -16.74 -25.76 18.26
N TRP E 276 -16.81 -26.99 18.70
CA TRP E 276 -15.76 -27.96 18.47
C TRP E 276 -15.49 -28.21 16.97
N THR E 277 -16.49 -27.98 16.12
CA THR E 277 -16.43 -28.21 14.67
C THR E 277 -15.74 -27.05 13.95
N ALA E 278 -15.67 -25.92 14.65
CA ALA E 278 -15.14 -24.69 14.09
C ALA E 278 -13.71 -24.84 13.51
N MSE E 279 -12.90 -25.71 14.08
CA MSE E 279 -11.50 -25.75 13.70
C MSE E 279 -11.34 -26.24 12.28
O MSE E 279 -10.51 -25.70 11.55
CB MSE E 279 -10.73 -26.62 14.68
CG MSE E 279 -9.23 -26.50 14.44
SE MSE E 279 -8.38 -27.57 15.84
CE MSE E 279 -8.68 -29.43 15.33
N GLY E 280 -12.16 -27.21 11.89
CA GLY E 280 -12.13 -27.75 10.55
C GLY E 280 -12.77 -26.89 9.45
N LEU E 281 -12.97 -25.62 9.73
CA LEU E 281 -13.44 -24.71 8.71
C LEU E 281 -12.41 -23.62 8.49
N HIS E 282 -11.33 -23.70 9.27
CA HIS E 282 -10.25 -22.72 9.27
C HIS E 282 -8.90 -23.33 8.91
N ASP E 283 -8.04 -22.48 8.35
CA ASP E 283 -6.62 -22.77 8.18
C ASP E 283 -5.88 -22.61 9.52
N ARG E 284 -4.64 -23.11 9.58
CA ARG E 284 -3.82 -23.01 10.79
C ARG E 284 -3.51 -21.54 11.13
N ASN E 285 -2.97 -20.80 10.17
CA ASN E 285 -2.50 -19.44 10.39
C ASN E 285 -3.61 -18.41 10.53
N ASP E 286 -4.88 -18.85 10.45
CA ASP E 286 -6.02 -17.98 10.76
C ASP E 286 -5.93 -17.36 12.16
N GLY E 287 -5.63 -18.21 13.14
CA GLY E 287 -5.27 -17.75 14.49
C GLY E 287 -4.90 -18.90 15.40
N MSE E 288 -5.31 -18.81 16.66
CA MSE E 288 -5.00 -19.85 17.64
C MSE E 288 -6.16 -20.74 18.04
O MSE E 288 -6.01 -21.64 18.85
CB MSE E 288 -4.48 -19.14 18.85
CG MSE E 288 -5.52 -18.35 19.61
SE MSE E 288 -4.32 -17.20 20.63
CE MSE E 288 -4.44 -18.20 22.33
N CYS E 289 -7.33 -20.49 17.48
CA CYS E 289 -8.46 -21.36 17.60
C CYS E 289 -9.04 -21.40 19.02
N MSE E 290 -9.49 -20.23 19.49
CA MSE E 290 -10.22 -20.16 20.78
C MSE E 290 -11.47 -20.99 20.92
O MSE E 290 -11.85 -21.30 22.04
CB MSE E 290 -10.58 -18.73 21.08
CG MSE E 290 -9.30 -17.90 21.27
SE MSE E 290 -8.08 -18.62 22.62
CE MSE E 290 -9.43 -18.49 24.08
N ASP E 291 -12.12 -21.37 19.81
CA ASP E 291 -13.25 -22.29 19.80
C ASP E 291 -12.88 -23.67 20.41
N ALA E 292 -11.72 -24.20 20.05
CA ALA E 292 -11.31 -25.47 20.60
C ALA E 292 -11.05 -25.37 22.10
N ARG E 293 -10.47 -24.25 22.52
CA ARG E 293 -10.14 -24.06 23.93
C ARG E 293 -11.37 -23.80 24.76
N ALA E 294 -12.39 -23.16 24.23
CA ALA E 294 -13.43 -22.67 25.14
C ALA E 294 -14.76 -23.33 25.00
N PHE E 295 -14.94 -24.17 23.99
CA PHE E 295 -16.26 -24.72 23.76
C PHE E 295 -16.86 -25.35 25.03
N TYR E 296 -18.15 -25.10 25.21
CA TYR E 296 -18.93 -25.52 26.36
C TYR E 296 -18.75 -27.00 26.74
N GLY E 297 -18.15 -27.24 27.91
CA GLY E 297 -18.12 -28.57 28.52
C GLY E 297 -16.89 -29.39 28.14
N ASN E 298 -15.97 -28.78 27.43
CA ASN E 298 -14.74 -29.45 27.14
C ASN E 298 -13.95 -29.63 28.44
N PHE E 299 -12.99 -30.54 28.45
CA PHE E 299 -11.94 -30.50 29.46
C PHE E 299 -10.68 -30.07 28.72
N LEU E 300 -10.03 -29.04 29.22
CA LEU E 300 -8.82 -28.54 28.63
C LEU E 300 -7.73 -28.66 29.65
N PHE E 301 -6.71 -29.42 29.28
CA PHE E 301 -5.49 -29.44 30.05
C PHE E 301 -4.29 -29.00 29.23
N SER E 302 -3.20 -28.70 29.92
CA SER E 302 -2.09 -28.08 29.23
C SER E 302 -0.78 -28.71 29.66
N THR E 303 0.26 -28.53 28.86
CA THR E 303 1.60 -28.92 29.26
C THR E 303 2.64 -27.79 29.28
N GLY E 304 3.80 -28.10 29.86
CA GLY E 304 4.96 -27.25 29.79
C GLY E 304 5.05 -26.18 30.86
N PRO E 305 5.22 -24.91 30.45
CA PRO E 305 5.52 -23.89 31.43
C PRO E 305 4.38 -23.55 32.38
N ASN E 306 4.76 -23.29 33.63
CA ASN E 306 3.87 -22.84 34.70
C ASN E 306 4.52 -21.74 35.57
N THR E 307 5.56 -21.07 35.04
CA THR E 307 6.15 -19.91 35.70
C THR E 307 5.13 -18.77 35.85
N GLU E 308 4.13 -18.73 34.98
CA GLU E 308 2.94 -17.88 35.15
C GLU E 308 2.50 -17.71 36.61
N VAL E 309 2.56 -18.80 37.38
CA VAL E 309 2.08 -18.79 38.76
C VAL E 309 3.12 -19.23 39.79
N GLY E 310 4.39 -18.96 39.50
CA GLY E 310 5.49 -19.31 40.41
C GLY E 310 5.78 -20.80 40.44
N GLY E 311 5.63 -21.45 39.30
CA GLY E 311 6.02 -22.84 39.14
C GLY E 311 7.46 -22.86 38.69
N LYS E 312 8.05 -24.06 38.73
CA LYS E 312 9.46 -24.28 38.39
C LYS E 312 9.72 -24.20 36.90
N ARG E 313 8.71 -24.52 36.10
CA ARG E 313 8.98 -24.79 34.69
C ARG E 313 8.92 -23.54 33.79
N LYS E 314 10.02 -23.29 33.04
CA LYS E 314 10.21 -22.08 32.18
C LYS E 314 10.46 -22.44 30.69
N THR E 315 10.15 -23.68 30.35
CA THR E 315 10.43 -24.27 29.04
C THR E 315 9.47 -23.75 27.95
N PRO E 316 9.99 -23.57 26.73
CA PRO E 316 9.14 -23.02 25.66
C PRO E 316 7.98 -23.91 25.22
N CYS E 317 8.12 -25.22 25.40
CA CYS E 317 7.21 -26.19 24.79
C CYS E 317 5.85 -26.30 25.45
N HIS E 318 4.79 -26.03 24.70
CA HIS E 318 3.49 -25.85 25.30
C HIS E 318 2.36 -26.34 24.39
N LEU E 319 1.57 -27.28 24.91
CA LEU E 319 0.41 -27.79 24.19
C LEU E 319 -0.85 -27.56 25.01
N ASP E 320 -1.94 -27.33 24.30
CA ASP E 320 -3.25 -27.29 24.93
C ASP E 320 -4.03 -28.28 24.18
N ILE E 321 -4.80 -29.01 24.99
CA ILE E 321 -5.48 -30.20 24.57
C ILE E 321 -6.84 -30.27 25.19
N PRO E 322 -7.86 -30.04 24.38
CA PRO E 322 -9.18 -30.23 24.88
C PRO E 322 -9.72 -31.61 24.55
N LEU E 323 -10.63 -32.06 25.40
CA LEU E 323 -11.23 -33.37 25.29
C LEU E 323 -12.73 -33.19 25.41
N ARG E 324 -13.44 -33.98 24.59
CA ARG E 324 -14.88 -33.99 24.54
C ARG E 324 -15.41 -35.09 25.45
N ASN E 325 -16.71 -35.06 25.72
CA ASN E 325 -17.41 -36.19 26.35
C ASN E 325 -16.83 -36.61 27.71
N CYS E 326 -16.16 -35.70 28.39
CA CYS E 326 -15.59 -36.01 29.68
C CYS E 326 -16.58 -35.73 30.78
N ASP E 327 -16.47 -36.51 31.86
CA ASP E 327 -17.08 -36.19 33.14
C ASP E 327 -15.97 -35.56 33.99
N ILE E 328 -16.25 -34.41 34.59
CA ILE E 328 -15.22 -33.77 35.43
C ILE E 328 -15.83 -33.60 36.82
N TYR E 329 -15.04 -33.95 37.84
CA TYR E 329 -15.48 -33.85 39.25
C TYR E 329 -14.56 -32.95 40.08
N LEU E 330 -15.17 -31.99 40.76
CA LEU E 330 -14.49 -31.18 41.77
C LEU E 330 -14.82 -31.77 43.12
N ASP E 331 -13.79 -32.27 43.79
CA ASP E 331 -13.97 -33.04 45.02
C ASP E 331 -14.97 -34.17 44.72
N ASP E 332 -16.12 -34.20 45.35
CA ASP E 332 -17.06 -35.29 45.08
C ASP E 332 -18.08 -34.90 44.02
N LYS E 333 -18.16 -33.61 43.71
CA LYS E 333 -19.21 -33.06 42.85
C LYS E 333 -18.76 -32.80 41.39
N ALA E 334 -19.64 -33.17 40.46
CA ALA E 334 -19.37 -33.09 39.02
C ALA E 334 -19.71 -31.73 38.42
N VAL E 335 -18.76 -31.10 37.73
CA VAL E 335 -19.02 -29.86 36.95
C VAL E 335 -19.61 -30.21 35.58
N VAL E 336 -19.00 -31.19 34.93
CA VAL E 336 -19.43 -31.59 33.59
C VAL E 336 -19.71 -33.09 33.63
N LEU E 337 -20.75 -33.52 32.91
CA LEU E 337 -21.06 -34.95 32.67
C LEU E 337 -21.28 -35.27 31.21
N ALA E 338 -20.42 -36.12 30.64
CA ALA E 338 -20.51 -36.48 29.22
C ALA E 338 -20.50 -35.21 28.36
N GLY E 339 -19.53 -34.34 28.63
CA GLY E 339 -19.39 -33.10 27.88
C GLY E 339 -20.48 -32.06 28.06
N ASP E 340 -21.44 -32.30 28.96
CA ASP E 340 -22.42 -31.24 29.28
C ASP E 340 -22.17 -30.64 30.68
N VAL E 341 -22.22 -29.31 30.72
CA VAL E 341 -22.12 -28.55 31.94
C VAL E 341 -23.38 -28.78 32.77
N VAL E 342 -23.18 -29.20 34.03
CA VAL E 342 -24.29 -29.47 34.97
C VAL E 342 -24.22 -28.67 36.26
N ALA E 343 -23.02 -28.20 36.63
CA ALA E 343 -22.89 -27.44 37.86
C ALA E 343 -21.70 -26.48 37.83
N PRO E 344 -21.86 -25.28 38.43
CA PRO E 344 -23.08 -24.74 39.07
C PRO E 344 -24.21 -24.49 38.10
N GLU E 345 -25.43 -24.48 38.61
CA GLU E 345 -26.61 -24.17 37.82
C GLU E 345 -26.49 -22.81 37.16
N GLU E 346 -26.14 -21.79 37.94
CA GLU E 346 -26.03 -20.44 37.42
C GLU E 346 -25.15 -20.40 36.20
N SER E 347 -24.07 -21.20 36.23
CA SER E 347 -23.07 -21.24 35.18
C SER E 347 -23.54 -21.88 33.88
N ARG E 348 -24.68 -22.55 33.90
CA ARG E 348 -25.20 -23.22 32.71
C ARG E 348 -25.74 -22.24 31.67
N ALA E 349 -25.77 -22.71 30.41
CA ALA E 349 -26.20 -21.90 29.26
C ALA E 349 -27.63 -21.41 29.38
N PRO F 2 -2.65 19.19 11.79
CA PRO F 2 -3.52 18.62 10.78
C PRO F 2 -4.65 17.81 11.35
N VAL F 3 -5.51 17.30 10.46
CA VAL F 3 -6.77 16.67 10.83
C VAL F 3 -6.66 15.14 10.95
N SER F 4 -6.90 14.58 12.15
CA SER F 4 -6.98 13.12 12.36
C SER F 4 -8.16 12.44 11.69
N ASN F 5 -8.11 11.11 11.62
CA ASN F 5 -9.23 10.31 11.10
C ASN F 5 -10.48 10.46 11.93
N ALA F 6 -10.33 10.55 13.25
CA ALA F 6 -11.51 10.74 14.09
C ALA F 6 -12.17 12.11 13.81
N GLN F 7 -11.39 13.15 13.71
CA GLN F 7 -11.94 14.46 13.50
C GLN F 7 -12.53 14.55 12.12
N LEU F 8 -11.89 13.90 11.14
CA LEU F 8 -12.39 13.91 9.77
C LEU F 8 -13.77 13.26 9.63
N THR F 9 -13.94 12.10 10.23
CA THR F 9 -15.24 11.40 10.31
C THR F 9 -16.30 12.23 11.07
N GLN F 10 -15.92 12.81 12.19
CA GLN F 10 -16.82 13.73 12.91
C GLN F 10 -17.23 14.97 12.13
N MSE F 11 -16.34 15.52 11.32
CA MSE F 11 -16.73 16.67 10.51
C MSE F 11 -17.70 16.16 9.53
O MSE F 11 -18.69 16.83 9.26
CB MSE F 11 -15.56 17.28 9.83
CG MSE F 11 -14.80 18.10 10.87
SE MSE F 11 -12.94 18.31 10.17
CE MSE F 11 -13.14 18.20 8.21
N PHE F 12 -17.48 14.95 9.00
CA PHE F 12 -18.37 14.48 7.97
C PHE F 12 -19.75 14.19 8.56
N GLU F 13 -19.80 13.64 9.78
CA GLU F 13 -21.09 13.44 10.51
C GLU F 13 -21.88 14.74 10.60
N HIS F 14 -21.19 15.79 11.00
CA HIS F 14 -21.75 17.14 11.13
C HIS F 14 -22.29 17.68 9.81
N VAL F 15 -21.54 17.50 8.74
CA VAL F 15 -22.01 18.04 7.48
C VAL F 15 -23.13 17.21 6.87
N LEU F 16 -23.08 15.91 7.08
CA LEU F 16 -24.05 15.04 6.50
C LEU F 16 -25.40 15.17 7.24
N LYS F 17 -25.34 15.36 8.54
CA LYS F 17 -26.54 15.65 9.34
C LYS F 17 -27.19 16.92 8.82
N LEU F 18 -26.42 17.98 8.64
CA LEU F 18 -26.97 19.20 8.13
C LEU F 18 -27.52 18.98 6.74
N SER F 19 -26.90 18.05 5.99
CA SER F 19 -27.40 17.65 4.66
C SER F 19 -28.54 16.61 4.73
N ARG F 20 -29.11 16.42 5.93
CA ARG F 20 -30.30 15.58 6.16
C ARG F 20 -30.08 14.11 5.90
N VAL F 21 -28.90 13.61 6.25
CA VAL F 21 -28.68 12.20 6.17
C VAL F 21 -29.08 11.53 7.47
N ASP F 22 -29.93 10.51 7.37
CA ASP F 22 -30.26 9.73 8.58
C ASP F 22 -30.66 8.37 8.08
N GLU F 23 -31.36 7.59 8.89
CA GLU F 23 -31.67 6.16 8.54
C GLU F 23 -32.68 5.99 7.42
N THR F 24 -33.31 7.06 6.98
CA THR F 24 -34.20 6.91 5.82
C THR F 24 -33.40 7.07 4.49
N GLN F 25 -32.15 7.51 4.59
CA GLN F 25 -31.42 7.89 3.40
C GLN F 25 -30.44 6.86 2.89
N SER F 26 -30.12 6.96 1.59
CA SER F 26 -28.98 6.25 0.99
C SER F 26 -27.95 7.20 0.41
N VAL F 27 -26.70 6.91 0.74
CA VAL F 27 -25.58 7.73 0.40
C VAL F 27 -24.63 6.97 -0.57
N ALA F 28 -24.29 7.62 -1.66
CA ALA F 28 -23.30 7.07 -2.58
C ALA F 28 -22.10 7.93 -2.48
N VAL F 29 -20.95 7.34 -2.19
CA VAL F 29 -19.71 8.08 -2.18
C VAL F 29 -19.03 7.81 -3.55
N LEU F 30 -18.83 8.85 -4.33
CA LEU F 30 -18.37 8.77 -5.68
C LEU F 30 -16.91 9.12 -5.63
N LYS F 31 -16.12 8.26 -6.20
CA LYS F 31 -14.68 8.48 -6.26
C LYS F 31 -14.06 7.98 -7.56
N SER F 32 -12.84 8.44 -7.79
CA SER F 32 -11.98 7.93 -8.82
C SER F 32 -10.58 7.72 -8.19
N HIS F 33 -9.61 7.37 -9.06
CA HIS F 33 -8.30 6.85 -8.57
C HIS F 33 -7.52 7.91 -7.86
N TYR F 34 -7.77 9.17 -8.23
CA TYR F 34 -7.11 10.33 -7.55
C TYR F 34 -7.85 10.90 -6.35
N SER F 35 -8.99 10.33 -5.96
CA SER F 35 -9.69 10.80 -4.75
C SER F 35 -8.88 10.49 -3.47
N ASP F 36 -8.89 11.41 -2.50
CA ASP F 36 -8.20 11.20 -1.24
C ASP F 36 -8.91 10.06 -0.50
N PRO F 37 -8.18 8.95 -0.27
CA PRO F 37 -8.81 7.81 0.41
C PRO F 37 -9.23 8.08 1.87
N ARG F 38 -8.58 9.01 2.55
CA ARG F 38 -9.05 9.42 3.92
C ARG F 38 -10.43 10.14 3.92
N THR F 39 -10.64 10.95 2.91
CA THR F 39 -11.89 11.65 2.82
C THR F 39 -12.97 10.67 2.41
N VAL F 40 -12.68 9.78 1.48
CA VAL F 40 -13.66 8.76 1.08
C VAL F 40 -14.14 7.92 2.29
N ASN F 41 -13.16 7.46 3.05
CA ASN F 41 -13.35 6.57 4.22
C ASN F 41 -14.16 7.30 5.33
N ALA F 42 -13.85 8.57 5.55
CA ALA F 42 -14.54 9.38 6.53
C ALA F 42 -15.94 9.58 6.10
N ALA F 43 -16.15 9.69 4.79
CA ALA F 43 -17.50 9.86 4.27
C ALA F 43 -18.28 8.58 4.40
N MSE F 44 -17.64 7.48 4.05
CA MSE F 44 -18.34 6.20 4.20
C MSE F 44 -18.70 5.97 5.66
O MSE F 44 -19.82 5.57 5.95
CB MSE F 44 -17.52 5.02 3.64
CG MSE F 44 -17.38 4.93 2.11
SE MSE F 44 -19.09 4.49 1.19
CE MSE F 44 -18.55 2.59 1.11
N GLU F 45 -17.75 6.15 6.59
CA GLU F 45 -17.97 5.82 8.02
C GLU F 45 -19.01 6.76 8.65
N ALA F 46 -18.92 8.07 8.39
CA ALA F 46 -19.87 9.02 8.90
C ALA F 46 -21.31 8.67 8.46
N ALA F 47 -21.51 8.28 7.21
CA ALA F 47 -22.88 7.98 6.72
C ALA F 47 -23.49 6.84 7.48
N GLN F 48 -22.70 5.80 7.71
CA GLN F 48 -23.11 4.65 8.50
C GLN F 48 -23.37 4.95 9.99
N ARG F 49 -22.55 5.82 10.60
CA ARG F 49 -22.84 6.27 11.95
C ARG F 49 -24.24 6.92 12.07
N LEU F 50 -24.64 7.64 11.03
CA LEU F 50 -25.95 8.22 10.94
C LEU F 50 -27.03 7.25 10.52
N LYS F 51 -26.68 5.99 10.24
CA LYS F 51 -27.64 4.90 9.92
C LYS F 51 -28.12 4.86 8.45
N ALA F 52 -27.52 5.67 7.62
CA ALA F 52 -27.79 5.64 6.20
C ALA F 52 -27.22 4.36 5.64
N LYS F 53 -27.86 3.86 4.60
CA LYS F 53 -27.25 2.84 3.70
C LYS F 53 -26.24 3.55 2.78
N VAL F 54 -25.16 2.85 2.50
CA VAL F 54 -24.09 3.47 1.74
C VAL F 54 -23.53 2.47 0.75
N TYR F 55 -22.98 3.03 -0.32
CA TYR F 55 -22.12 2.32 -1.18
C TYR F 55 -21.15 3.34 -1.80
N ALA F 56 -20.08 2.81 -2.40
CA ALA F 56 -19.09 3.66 -3.08
C ALA F 56 -19.18 3.38 -4.57
N VAL F 57 -19.20 4.42 -5.37
CA VAL F 57 -19.21 4.25 -6.80
C VAL F 57 -17.85 4.76 -7.29
N GLU F 58 -17.12 3.92 -8.02
CA GLU F 58 -15.81 4.30 -8.55
C GLU F 58 -15.81 4.35 -10.07
N LEU F 59 -15.59 5.53 -10.62
CA LEU F 59 -15.54 5.76 -12.05
C LEU F 59 -14.11 5.92 -12.51
N PRO F 60 -13.80 5.39 -13.70
CA PRO F 60 -12.53 5.69 -14.27
C PRO F 60 -12.36 7.18 -14.56
N ALA F 61 -11.18 7.70 -14.30
CA ALA F 61 -10.87 9.09 -14.64
C ALA F 61 -11.12 9.48 -16.11
N PHE F 62 -11.56 10.70 -16.32
CA PHE F 62 -11.80 11.18 -17.65
C PHE F 62 -10.73 12.21 -17.95
N ASN F 63 -9.95 12.04 -19.03
CA ASN F 63 -8.95 13.06 -19.39
C ASN F 63 -9.31 13.84 -20.63
N HIS F 64 -9.17 15.17 -20.55
CA HIS F 64 -9.22 16.06 -21.72
C HIS F 64 -7.77 16.32 -22.13
N PRO F 65 -7.33 15.80 -23.31
CA PRO F 65 -5.90 15.91 -23.72
C PRO F 65 -5.33 17.36 -23.65
N THR F 66 -6.08 18.37 -24.11
CA THR F 66 -5.53 19.72 -24.20
C THR F 66 -5.51 20.47 -22.86
N ALA F 67 -6.13 19.89 -21.83
CA ALA F 67 -6.17 20.56 -20.51
C ALA F 67 -4.74 20.64 -19.94
N MSE F 68 -4.38 21.79 -19.39
CA MSE F 68 -3.10 21.96 -18.71
C MSE F 68 -3.27 22.02 -17.22
O MSE F 68 -4.30 22.42 -16.69
CB MSE F 68 -2.49 23.28 -19.13
CG MSE F 68 -2.73 23.51 -20.62
SE MSE F 68 -1.28 24.69 -21.23
CE MSE F 68 -1.98 26.47 -20.93
N GLY F 69 -2.21 21.63 -16.52
CA GLY F 69 -2.19 21.67 -15.06
C GLY F 69 -3.12 20.63 -14.47
N ASN F 70 -3.23 20.63 -13.15
CA ASN F 70 -4.07 19.63 -12.46
C ASN F 70 -5.40 20.15 -11.89
N ASP F 71 -5.67 21.44 -12.05
CA ASP F 71 -6.93 22.03 -11.62
C ASP F 71 -8.07 21.59 -12.55
N MSE F 72 -9.15 21.02 -11.99
CA MSE F 72 -10.21 20.48 -12.85
C MSE F 72 -11.24 21.50 -13.29
O MSE F 72 -11.94 21.26 -14.28
CB MSE F 72 -10.83 19.25 -12.20
CG MSE F 72 -9.78 18.13 -12.18
SE MSE F 72 -10.56 16.45 -11.54
CE MSE F 72 -12.06 16.26 -12.82
N THR F 73 -11.33 22.64 -12.60
CA THR F 73 -12.14 23.80 -13.07
C THR F 73 -11.59 24.49 -14.35
N ALA F 74 -10.28 24.42 -14.58
CA ALA F 74 -9.64 24.99 -15.79
C ALA F 74 -10.29 24.55 -17.09
N TYR F 75 -10.65 23.27 -17.19
CA TYR F 75 -11.14 22.70 -18.43
C TYR F 75 -12.54 22.10 -18.33
N CYS F 76 -13.52 22.88 -18.69
CA CYS F 76 -14.86 22.38 -18.58
C CYS F 76 -15.27 21.68 -19.85
N GLY F 77 -15.18 20.37 -19.84
CA GLY F 77 -15.56 19.55 -20.98
C GLY F 77 -16.59 18.51 -20.61
N ASP F 78 -16.50 17.38 -21.27
CA ASP F 78 -17.28 16.22 -20.96
C ASP F 78 -16.75 15.69 -19.66
N THR F 79 -17.45 14.75 -19.07
CA THR F 79 -17.01 14.18 -17.82
C THR F 79 -17.08 12.70 -17.91
N ALA F 80 -16.62 12.03 -16.88
CA ALA F 80 -16.80 10.59 -16.80
C ALA F 80 -18.26 10.13 -16.90
N LEU F 81 -19.22 10.99 -16.67
CA LEU F 81 -20.62 10.56 -16.89
C LEU F 81 -21.04 10.61 -18.33
N THR F 82 -20.35 11.39 -19.16
CA THR F 82 -20.79 11.62 -20.52
C THR F 82 -20.89 10.27 -21.23
N GLY F 83 -22.04 10.05 -21.90
CA GLY F 83 -22.47 8.76 -22.45
C GLY F 83 -22.47 7.55 -21.52
N ASN F 84 -22.51 7.76 -20.20
CA ASN F 84 -22.41 6.64 -19.25
C ASN F 84 -23.65 6.63 -18.37
N LEU F 85 -24.75 6.23 -18.99
CA LEU F 85 -26.07 6.23 -18.39
C LEU F 85 -26.14 5.34 -17.14
N ALA F 86 -25.51 4.18 -17.21
CA ALA F 86 -25.58 3.29 -16.08
C ALA F 86 -24.93 3.88 -14.79
N ALA F 87 -23.88 4.66 -14.98
CA ALA F 87 -23.15 5.25 -13.89
C ALA F 87 -23.99 6.34 -13.34
N GLN F 88 -24.64 7.05 -14.25
CA GLN F 88 -25.52 8.12 -13.85
C GLN F 88 -26.66 7.57 -13.02
N ARG F 89 -27.30 6.49 -13.48
CA ARG F 89 -28.35 5.84 -12.67
C ARG F 89 -27.79 5.29 -11.37
N ALA F 90 -26.53 4.87 -11.36
CA ALA F 90 -26.00 4.33 -10.13
C ALA F 90 -25.99 5.46 -9.07
N LEU F 91 -25.85 6.71 -9.51
CA LEU F 91 -25.84 7.85 -8.58
C LEU F 91 -27.25 8.38 -8.29
N GLU F 92 -28.15 8.31 -9.28
CA GLU F 92 -29.58 8.68 -9.10
C GLU F 92 -30.30 7.79 -8.09
N ALA F 93 -29.84 6.54 -7.96
CA ALA F 93 -30.36 5.60 -6.94
C ALA F 93 -30.24 6.08 -5.51
N ALA F 94 -29.25 6.92 -5.24
CA ALA F 94 -28.97 7.40 -3.92
C ALA F 94 -29.75 8.66 -3.71
N ASP F 95 -30.00 8.99 -2.43
CA ASP F 95 -30.61 10.25 -2.05
C ASP F 95 -29.53 11.32 -2.05
N LEU F 96 -28.32 11.00 -1.64
CA LEU F 96 -27.26 12.01 -1.56
C LEU F 96 -25.99 11.34 -2.07
N VAL F 97 -25.27 12.09 -2.88
CA VAL F 97 -24.01 11.66 -3.42
C VAL F 97 -22.94 12.50 -2.76
N VAL F 98 -21.92 11.87 -2.20
CA VAL F 98 -20.80 12.68 -1.72
C VAL F 98 -19.76 12.64 -2.83
N ASP F 99 -19.53 13.76 -3.47
CA ASP F 99 -18.66 13.74 -4.65
C ASP F 99 -17.20 14.03 -4.26
N THR F 100 -16.34 13.00 -4.34
CA THR F 100 -14.92 13.21 -4.04
C THR F 100 -14.02 13.18 -5.25
N MSE F 101 -14.61 13.17 -6.44
CA MSE F 101 -13.79 13.24 -7.65
C MSE F 101 -14.03 14.46 -8.44
O MSE F 101 -13.36 14.62 -9.45
CB MSE F 101 -14.01 12.08 -8.58
CG MSE F 101 -15.42 12.07 -9.14
SE MSE F 101 -15.60 10.60 -10.40
CE MSE F 101 -14.24 11.16 -11.64
N MSE F 102 -14.91 15.34 -8.00
CA MSE F 102 -15.25 16.55 -8.71
C MSE F 102 -15.83 16.43 -10.09
O MSE F 102 -15.17 16.68 -11.09
CB MSE F 102 -13.99 17.40 -8.61
CG MSE F 102 -13.69 18.43 -9.67
SE MSE F 102 -14.29 20.19 -9.12
CE MSE F 102 -12.57 20.76 -8.44
N LEU F 103 -17.07 15.97 -10.19
CA LEU F 103 -17.79 16.05 -11.45
C LEU F 103 -18.11 17.47 -11.82
N LEU F 104 -17.86 17.83 -13.07
CA LEU F 104 -18.11 19.20 -13.55
C LEU F 104 -19.57 19.32 -13.92
N HIS F 105 -20.07 20.56 -13.97
CA HIS F 105 -21.47 20.75 -14.23
C HIS F 105 -21.74 20.18 -15.59
N SER F 106 -22.83 19.45 -15.73
CA SER F 106 -23.07 18.81 -17.00
C SER F 106 -24.55 18.45 -17.15
N PRO F 107 -24.98 18.20 -18.39
CA PRO F 107 -26.38 17.83 -18.55
C PRO F 107 -26.72 16.60 -17.72
N GLU F 108 -25.78 15.66 -17.68
CA GLU F 108 -25.97 14.41 -16.98
C GLU F 108 -26.02 14.65 -15.47
N GLN F 109 -25.14 15.48 -14.93
CA GLN F 109 -25.29 15.86 -13.56
C GLN F 109 -26.63 16.61 -13.31
N GLU F 110 -27.12 17.38 -14.27
CA GLU F 110 -28.31 18.11 -14.02
C GLU F 110 -29.49 17.17 -13.91
N GLN F 111 -29.46 16.11 -14.73
CA GLN F 111 -30.44 15.07 -14.66
C GLN F 111 -30.40 14.31 -13.33
N ILE F 112 -29.20 14.09 -12.79
CA ILE F 112 -29.17 13.47 -11.48
C ILE F 112 -29.93 14.33 -10.44
N LEU F 113 -29.62 15.62 -10.40
CA LEU F 113 -30.27 16.57 -9.48
C LEU F 113 -31.79 16.61 -9.66
N LYS F 114 -32.23 16.54 -10.92
CA LYS F 114 -33.63 16.62 -11.31
C LYS F 114 -34.48 15.51 -10.71
N THR F 115 -33.97 14.28 -10.65
CA THR F 115 -34.69 13.20 -9.95
C THR F 115 -34.88 13.45 -8.43
N GLY F 116 -34.30 14.50 -7.86
CA GLY F 116 -34.32 14.68 -6.38
C GLY F 116 -33.06 14.30 -5.57
N THR F 117 -32.18 13.50 -6.17
CA THR F 117 -30.88 13.23 -5.54
C THR F 117 -30.17 14.52 -5.28
N ARG F 118 -29.45 14.59 -4.19
CA ARG F 118 -28.66 15.79 -3.94
C ARG F 118 -27.19 15.45 -3.95
N ILE F 119 -26.37 16.45 -4.18
CA ILE F 119 -24.95 16.24 -4.40
C ILE F 119 -24.11 17.19 -3.56
N LEU F 120 -23.22 16.63 -2.74
CA LEU F 120 -22.26 17.43 -2.03
C LEU F 120 -20.80 17.17 -2.51
N LEU F 121 -20.20 18.21 -3.05
CA LEU F 121 -18.80 18.20 -3.39
C LEU F 121 -17.87 18.35 -2.16
N ALA F 122 -16.92 17.45 -2.06
CA ALA F 122 -16.01 17.48 -0.97
C ALA F 122 -14.63 17.04 -1.51
N VAL F 123 -13.79 17.98 -1.89
CA VAL F 123 -12.46 17.57 -2.47
C VAL F 123 -11.28 18.41 -1.98
N GLU F 124 -11.54 19.54 -1.35
CA GLU F 124 -10.49 20.33 -0.69
C GLU F 124 -9.85 19.50 0.41
N PRO F 125 -8.61 19.80 0.72
CA PRO F 125 -7.93 19.02 1.75
C PRO F 125 -8.59 19.22 3.14
N PRO F 126 -8.48 18.21 4.03
CA PRO F 126 -9.14 18.19 5.35
C PRO F 126 -8.95 19.45 6.21
N GLU F 127 -7.77 20.07 6.20
CA GLU F 127 -7.56 21.32 6.98
C GLU F 127 -8.46 22.47 6.49
N VAL F 128 -8.63 22.54 5.18
CA VAL F 128 -9.45 23.57 4.56
C VAL F 128 -10.89 23.24 4.92
N LEU F 129 -11.25 21.96 4.89
CA LEU F 129 -12.62 21.56 5.20
C LEU F 129 -13.01 21.91 6.65
N ALA F 130 -12.03 21.87 7.55
CA ALA F 130 -12.24 22.12 8.98
C ALA F 130 -12.32 23.59 9.27
N ARG F 131 -11.40 24.35 8.67
CA ARG F 131 -11.38 25.77 8.83
C ARG F 131 -12.71 26.45 8.39
N MSE F 132 -13.39 25.81 7.42
CA MSE F 132 -14.61 26.33 6.79
C MSE F 132 -15.76 25.37 6.95
O MSE F 132 -16.60 25.22 6.04
CB MSE F 132 -14.30 26.70 5.36
CG MSE F 132 -13.57 28.05 5.29
SE MSE F 132 -13.31 28.55 3.39
CE MSE F 132 -11.82 27.39 2.93
N LEU F 133 -15.81 24.71 8.11
CA LEU F 133 -16.86 23.75 8.42
C LEU F 133 -18.19 24.51 8.32
N PRO F 134 -19.16 23.97 7.56
CA PRO F 134 -20.40 24.70 7.27
C PRO F 134 -21.30 24.88 8.50
N THR F 135 -22.08 25.97 8.53
CA THR F 135 -23.00 26.20 9.64
C THR F 135 -24.35 26.58 9.13
N GLU F 136 -25.33 26.40 9.98
CA GLU F 136 -26.71 26.84 9.72
C GLU F 136 -26.74 28.37 9.60
N ASP F 137 -25.85 29.01 10.31
CA ASP F 137 -25.78 30.42 10.25
C ASP F 137 -25.25 30.93 8.87
N ASP F 138 -24.22 30.29 8.32
CA ASP F 138 -23.76 30.68 7.00
C ASP F 138 -24.93 30.53 6.01
N LYS F 139 -25.72 29.46 6.13
CA LYS F 139 -26.82 29.26 5.19
C LYS F 139 -27.82 30.39 5.33
N ARG F 140 -28.15 30.78 6.57
CA ARG F 140 -29.10 31.88 6.75
C ARG F 140 -28.60 33.10 5.99
N ARG F 141 -27.36 33.46 6.24
CA ARG F 141 -26.82 34.69 5.70
C ARG F 141 -26.80 34.67 4.18
N VAL F 142 -26.55 33.51 3.59
CA VAL F 142 -26.47 33.46 2.15
C VAL F 142 -27.86 33.53 1.55
N LEU F 143 -28.83 32.90 2.22
CA LEU F 143 -30.21 32.90 1.70
C LEU F 143 -30.78 34.30 1.77
N ALA F 144 -30.38 35.03 2.79
CA ALA F 144 -30.77 36.44 2.86
C ALA F 144 -30.29 37.21 1.63
N ALA F 145 -29.00 37.10 1.33
CA ALA F 145 -28.43 37.77 0.16
C ALA F 145 -29.12 37.33 -1.11
N GLU F 146 -29.47 36.05 -1.18
CA GLU F 146 -30.05 35.52 -2.41
C GLU F 146 -31.35 36.26 -2.73
N THR F 147 -32.13 36.53 -1.69
CA THR F 147 -33.43 37.19 -1.81
C THR F 147 -33.30 38.54 -2.52
N LEU F 148 -32.34 39.35 -2.05
CA LEU F 148 -31.95 40.59 -2.74
C LEU F 148 -31.41 40.41 -4.16
N LEU F 149 -30.77 39.28 -4.45
CA LEU F 149 -30.13 39.10 -5.75
C LEU F 149 -31.16 38.71 -6.83
N LYS F 150 -32.08 37.79 -6.51
CA LYS F 150 -33.06 37.31 -7.48
C LYS F 150 -33.98 38.42 -8.00
N GLN F 151 -34.41 39.31 -7.12
CA GLN F 151 -35.30 40.39 -7.50
C GLN F 151 -34.57 41.42 -8.37
N ALA F 152 -33.27 41.60 -8.14
CA ALA F 152 -32.47 42.71 -8.70
C ALA F 152 -32.44 42.84 -10.24
N ARG F 153 -32.48 44.09 -10.70
CA ARG F 153 -32.56 44.43 -12.12
C ARG F 153 -31.17 44.54 -12.76
N SER F 154 -30.18 45.00 -12.01
CA SER F 154 -28.85 45.27 -12.56
C SER F 154 -27.78 45.17 -11.47
N LEU F 155 -26.56 44.82 -11.88
CA LEU F 155 -25.47 44.86 -10.91
C LEU F 155 -24.41 45.81 -11.40
N HIS F 156 -23.76 46.49 -10.46
CA HIS F 156 -22.71 47.44 -10.78
C HIS F 156 -21.52 47.32 -9.83
N VAL F 157 -20.31 47.43 -10.38
CA VAL F 157 -19.09 47.30 -9.58
C VAL F 157 -18.13 48.45 -9.90
N ARG F 158 -17.59 49.04 -8.84
CA ARG F 158 -16.63 50.14 -8.92
C ARG F 158 -15.45 49.85 -8.02
N SER F 159 -14.27 50.33 -8.39
CA SER F 159 -13.16 50.39 -7.42
C SER F 159 -12.26 51.59 -7.69
N LYS F 160 -11.51 51.97 -6.67
CA LYS F 160 -10.59 53.08 -6.79
C LYS F 160 -9.52 52.74 -7.82
N ALA F 161 -9.29 51.45 -8.01
CA ALA F 161 -8.32 50.99 -8.98
C ALA F 161 -8.83 51.15 -10.39
N GLY F 162 -10.10 51.44 -10.53
CA GLY F 162 -10.62 51.85 -11.85
C GLY F 162 -11.64 50.92 -12.45
N SER F 163 -12.14 49.98 -11.64
CA SER F 163 -13.24 49.12 -12.09
C SER F 163 -14.52 49.99 -12.25
N ASP F 164 -15.24 49.78 -13.35
CA ASP F 164 -16.48 50.51 -13.65
C ASP F 164 -17.28 49.65 -14.64
N PHE F 165 -18.20 48.86 -14.09
CA PHE F 165 -18.73 47.68 -14.71
C PHE F 165 -20.22 47.58 -14.41
N HIS F 166 -20.98 47.24 -15.44
CA HIS F 166 -22.41 47.20 -15.33
C HIS F 166 -22.91 45.93 -15.97
N ALA F 167 -23.90 45.30 -15.35
CA ALA F 167 -24.49 44.08 -15.88
C ALA F 167 -25.99 44.03 -15.60
N PRO F 168 -26.79 44.10 -16.64
CA PRO F 168 -28.20 43.78 -16.57
C PRO F 168 -28.46 42.35 -16.14
N LEU F 169 -29.48 42.17 -15.32
CA LEU F 169 -29.86 40.91 -14.73
C LEU F 169 -31.34 40.64 -15.04
N GLY F 170 -31.86 39.54 -14.51
CA GLY F 170 -33.27 39.20 -14.70
C GLY F 170 -33.41 37.91 -15.47
N GLN F 171 -32.68 37.85 -16.57
CA GLN F 171 -32.74 36.71 -17.49
C GLN F 171 -32.29 35.39 -16.85
N TYR F 172 -31.38 35.44 -15.90
CA TYR F 172 -30.89 34.21 -15.33
C TYR F 172 -31.10 34.06 -13.85
N PRO F 173 -31.14 32.83 -13.35
CA PRO F 173 -31.33 32.67 -11.91
C PRO F 173 -30.11 33.03 -11.07
N ALA F 174 -30.32 33.05 -9.77
CA ALA F 174 -29.25 33.20 -8.82
C ALA F 174 -28.91 31.81 -8.31
N VAL F 175 -27.67 31.63 -7.89
CA VAL F 175 -27.23 30.36 -7.32
C VAL F 175 -26.46 30.68 -6.05
N THR F 176 -26.52 29.77 -5.09
CA THR F 176 -25.88 29.97 -3.78
C THR F 176 -25.06 28.77 -3.43
N GLU F 177 -24.02 28.98 -2.64
CA GLU F 177 -23.37 27.86 -2.06
C GLU F 177 -23.12 28.18 -0.63
N TYR F 178 -23.64 27.36 0.27
CA TYR F 178 -23.44 27.58 1.72
C TYR F 178 -22.85 26.36 2.43
N GLY F 179 -22.64 25.31 1.68
CA GLY F 179 -21.72 24.26 2.08
C GLY F 179 -22.34 22.95 2.44
N TYR F 180 -23.65 22.80 2.22
CA TYR F 180 -24.26 21.47 2.43
C TYR F 180 -25.46 21.35 1.56
N ALA F 181 -25.95 20.11 1.40
CA ALA F 181 -26.89 19.77 0.34
C ALA F 181 -28.07 19.13 1.03
N ASP F 182 -28.88 20.00 1.61
CA ASP F 182 -30.02 19.64 2.44
C ASP F 182 -31.32 19.47 1.67
N GLU F 183 -31.54 20.26 0.64
CA GLU F 183 -32.75 20.13 -0.14
C GLU F 183 -32.67 19.15 -1.34
N PRO F 184 -33.79 18.47 -1.64
CA PRO F 184 -33.78 17.64 -2.83
C PRO F 184 -33.33 18.40 -4.09
N GLY F 185 -32.59 17.71 -4.96
CA GLY F 185 -32.02 18.33 -6.12
C GLY F 185 -31.01 19.42 -5.89
N ARG F 186 -30.45 19.50 -4.70
CA ARG F 186 -29.52 20.61 -4.47
C ARG F 186 -28.07 20.11 -4.61
N TRP F 187 -27.24 20.95 -5.24
CA TRP F 187 -25.82 20.76 -5.34
C TRP F 187 -25.16 21.80 -4.48
N ASP F 188 -24.19 21.39 -3.68
CA ASP F 188 -23.45 22.36 -2.96
C ASP F 188 -22.04 21.81 -2.72
N HIS F 189 -21.20 22.63 -2.11
CA HIS F 189 -19.78 22.36 -2.05
C HIS F 189 -19.27 22.73 -0.71
N TRP F 190 -18.78 21.74 0.04
CA TRP F 190 -18.11 22.03 1.31
C TRP F 190 -16.59 22.18 0.99
N PRO F 191 -16.00 23.36 1.18
CA PRO F 191 -16.58 24.58 1.76
C PRO F 191 -16.93 25.61 0.70
N SER F 192 -17.86 26.48 1.01
CA SER F 192 -18.29 27.56 0.13
C SER F 192 -18.79 28.72 1.02
N GLY F 193 -19.92 29.35 0.70
CA GLY F 193 -20.35 30.58 1.40
C GLY F 193 -20.30 31.77 0.49
N PHE F 194 -21.03 31.67 -0.61
CA PHE F 194 -21.15 32.79 -1.50
C PHE F 194 -22.31 32.58 -2.47
N LEU F 195 -22.57 33.58 -3.30
CA LEU F 195 -23.60 33.45 -4.28
C LEU F 195 -23.26 34.24 -5.49
N PHE F 196 -23.99 33.92 -6.55
CA PHE F 196 -23.72 34.56 -7.81
C PHE F 196 -24.89 34.42 -8.75
N THR F 197 -24.95 35.28 -9.76
CA THR F 197 -25.85 35.04 -10.88
C THR F 197 -25.02 35.23 -12.17
N TRP F 198 -25.75 35.29 -13.31
CA TRP F 198 -25.22 35.65 -14.64
C TRP F 198 -25.88 36.91 -15.21
N PRO F 199 -25.12 37.71 -15.96
CA PRO F 199 -25.63 38.88 -16.64
C PRO F 199 -26.51 38.47 -17.82
N ASN F 200 -27.36 39.36 -18.32
CA ASN F 200 -28.21 39.03 -19.45
C ASN F 200 -27.38 38.91 -20.69
N GLU F 201 -27.83 38.10 -21.65
CA GLU F 201 -27.03 37.84 -22.86
C GLU F 201 -26.54 39.17 -23.51
N ASP F 202 -25.26 39.20 -23.86
CA ASP F 202 -24.69 40.26 -24.70
C ASP F 202 -24.83 41.66 -24.12
N SER F 203 -24.71 41.80 -22.81
CA SER F 203 -25.11 43.05 -22.19
C SER F 203 -24.15 43.65 -21.18
N ALA F 204 -23.27 42.86 -20.57
CA ALA F 204 -22.36 43.49 -19.61
C ALA F 204 -21.39 44.48 -20.31
N GLU F 205 -20.93 45.47 -19.58
CA GLU F 205 -20.25 46.63 -20.16
C GLU F 205 -19.31 47.27 -19.16
N GLY F 206 -18.15 47.72 -19.66
CA GLY F 206 -17.25 48.60 -18.91
C GLY F 206 -15.83 48.07 -18.70
N THR F 207 -15.24 48.42 -17.57
CA THR F 207 -13.88 48.03 -17.26
C THR F 207 -13.84 47.34 -15.89
N LEU F 208 -13.12 46.23 -15.83
CA LEU F 208 -12.77 45.57 -14.59
C LEU F 208 -11.23 45.60 -14.49
N VAL F 209 -10.73 46.07 -13.35
CA VAL F 209 -9.30 46.24 -13.14
C VAL F 209 -8.88 45.18 -12.13
N LEU F 210 -7.93 44.34 -12.50
CA LEU F 210 -7.33 43.47 -11.49
C LEU F 210 -6.21 44.29 -10.94
N ASP F 211 -6.37 44.70 -9.70
CA ASP F 211 -5.40 45.51 -9.03
C ASP F 211 -4.31 44.60 -8.55
N VAL F 212 -3.27 45.23 -8.02
CA VAL F 212 -2.23 44.56 -7.27
C VAL F 212 -2.87 43.75 -6.13
N GLY F 213 -2.51 42.47 -6.06
CA GLY F 213 -3.01 41.58 -5.03
C GLY F 213 -4.29 40.85 -5.38
N ASP F 214 -4.99 41.27 -6.43
CA ASP F 214 -6.13 40.50 -6.90
C ASP F 214 -5.67 39.21 -7.60
N ILE F 215 -6.59 38.25 -7.74
CA ILE F 215 -6.21 36.86 -8.06
C ILE F 215 -6.89 36.34 -9.30
N ILE F 216 -6.13 35.56 -10.07
CA ILE F 216 -6.68 34.78 -11.15
C ILE F 216 -6.54 33.30 -10.85
N LEU F 217 -7.67 32.59 -10.98
CA LEU F 217 -7.74 31.14 -10.85
C LEU F 217 -8.04 30.63 -12.26
N PRO F 218 -7.36 29.58 -12.72
CA PRO F 218 -6.57 28.67 -11.95
C PRO F 218 -5.09 29.02 -11.83
N PHE F 219 -4.67 30.24 -12.19
CA PHE F 219 -3.23 30.55 -12.11
C PHE F 219 -2.72 30.60 -10.68
N LYS F 220 -3.61 30.94 -9.75
CA LYS F 220 -3.30 31.04 -8.32
C LYS F 220 -2.17 31.98 -7.95
N ASN F 221 -2.11 33.11 -8.65
CA ASN F 221 -1.17 34.19 -8.30
C ASN F 221 -1.82 35.46 -7.85
N TYR F 222 -1.16 36.12 -6.89
CA TYR F 222 -1.49 37.48 -6.54
C TYR F 222 -0.94 38.36 -7.64
N CYS F 223 -1.79 39.03 -8.40
CA CYS F 223 -1.28 40.00 -9.38
C CYS F 223 -0.32 41.01 -8.74
N ARG F 224 0.79 41.27 -9.44
CA ARG F 224 1.77 42.27 -8.94
C ARG F 224 1.72 43.56 -9.78
N GLU F 225 1.05 43.46 -10.93
CA GLU F 225 0.85 44.60 -11.84
C GLU F 225 -0.58 44.51 -12.30
N ARG F 226 -1.17 45.68 -12.49
CA ARG F 226 -2.55 45.80 -12.91
C ARG F 226 -2.82 45.14 -14.22
N ILE F 227 -4.00 44.54 -14.33
CA ILE F 227 -4.57 44.11 -15.59
C ILE F 227 -5.90 44.81 -15.74
N THR F 228 -6.10 45.42 -16.88
CA THR F 228 -7.34 46.13 -17.15
C THR F 228 -8.04 45.31 -18.23
N LEU F 229 -9.29 44.97 -17.94
CA LEU F 229 -10.16 44.32 -18.86
C LEU F 229 -11.21 45.27 -19.32
N GLU F 230 -11.40 45.32 -20.64
CA GLU F 230 -12.41 46.14 -21.25
C GLU F 230 -13.44 45.21 -21.80
N ILE F 231 -14.71 45.54 -21.53
CA ILE F 231 -15.80 44.63 -21.88
C ILE F 231 -16.91 45.35 -22.66
N GLU F 232 -17.36 44.68 -23.72
CA GLU F 232 -18.44 45.17 -24.58
C GLU F 232 -19.44 44.08 -24.95
N LYS F 233 -20.72 44.37 -24.73
CA LYS F 233 -21.82 43.42 -25.00
C LYS F 233 -21.45 42.04 -24.42
N GLY F 234 -21.03 42.04 -23.14
CA GLY F 234 -20.71 40.80 -22.40
C GLY F 234 -19.44 40.02 -22.70
N PHE F 235 -18.55 40.60 -23.50
CA PHE F 235 -17.29 39.93 -23.91
C PHE F 235 -16.08 40.79 -23.59
N ILE F 236 -15.06 40.20 -22.98
CA ILE F 236 -13.81 40.91 -22.83
C ILE F 236 -13.35 41.20 -24.27
N THR F 237 -12.98 42.42 -24.57
CA THR F 237 -12.47 42.75 -25.92
C THR F 237 -11.08 43.34 -25.85
N GLY F 238 -10.65 43.65 -24.65
CA GLY F 238 -9.36 44.24 -24.43
C GLY F 238 -8.80 43.81 -23.10
N ILE F 239 -7.59 43.25 -23.12
CA ILE F 239 -6.83 42.92 -21.92
C ILE F 239 -5.51 43.69 -21.95
N HIS F 240 -5.28 44.53 -20.94
CA HIS F 240 -4.14 45.44 -20.97
C HIS F 240 -3.40 45.42 -19.68
N GLY F 241 -2.08 45.46 -19.80
CA GLY F 241 -1.20 45.70 -18.65
C GLY F 241 0.24 45.35 -19.00
N GLY F 242 0.96 44.85 -17.97
CA GLY F 242 2.29 44.27 -18.12
C GLY F 242 2.31 42.77 -18.41
N PHE F 243 3.08 42.02 -17.63
CA PHE F 243 3.32 40.60 -17.87
C PHE F 243 2.14 39.69 -17.52
N GLU F 244 1.42 40.02 -16.45
CA GLU F 244 0.25 39.17 -16.13
C GLU F 244 -0.76 39.27 -17.25
N ALA F 245 -0.88 40.43 -17.85
CA ALA F 245 -1.80 40.60 -18.94
C ALA F 245 -1.35 39.79 -20.17
N GLU F 246 -0.06 39.79 -20.47
CA GLU F 246 0.42 38.99 -21.62
C GLU F 246 0.27 37.50 -21.36
N TYR F 247 0.52 37.10 -20.12
CA TYR F 247 0.35 35.72 -19.75
C TYR F 247 -1.11 35.34 -19.88
N LEU F 248 -1.98 36.24 -19.44
CA LEU F 248 -3.43 36.01 -19.58
C LEU F 248 -3.84 35.93 -21.03
N ARG F 249 -3.46 36.90 -21.84
CA ARG F 249 -3.75 36.84 -23.30
C ARG F 249 -3.33 35.53 -23.96
N ASP F 250 -2.16 35.02 -23.61
CA ASP F 250 -1.59 33.83 -24.26
C ASP F 250 -2.35 32.57 -23.85
N TYR F 251 -2.60 32.44 -22.55
CA TYR F 251 -3.52 31.43 -22.03
C TYR F 251 -4.85 31.42 -22.77
N MSE F 252 -5.44 32.57 -22.94
CA MSE F 252 -6.77 32.61 -23.56
C MSE F 252 -6.68 32.19 -25.01
O MSE F 252 -7.45 31.34 -25.45
CB MSE F 252 -7.44 33.97 -23.31
CG MSE F 252 -8.07 33.87 -21.92
SE MSE F 252 -8.79 35.57 -21.26
CE MSE F 252 -10.68 35.11 -21.50
N LYS F 253 -5.71 32.74 -25.76
CA LYS F 253 -5.52 32.41 -27.20
C LYS F 253 -5.37 30.90 -27.44
N TYR F 254 -4.61 30.23 -26.58
CA TYR F 254 -4.42 28.77 -26.69
C TYR F 254 -5.68 27.98 -27.05
N PHE F 255 -6.81 28.40 -26.50
CA PHE F 255 -8.08 27.69 -26.70
C PHE F 255 -8.64 27.97 -28.09
N ASN F 256 -8.12 29.01 -28.73
CA ASN F 256 -8.49 29.34 -30.10
C ASN F 256 -10.00 29.36 -30.25
N ASP F 257 -10.66 30.19 -29.45
CA ASP F 257 -12.13 30.19 -29.37
C ASP F 257 -12.55 31.58 -28.89
N PRO F 258 -13.45 32.27 -29.62
CA PRO F 258 -13.93 33.59 -29.18
C PRO F 258 -14.84 33.49 -27.95
N GLU F 259 -15.38 32.31 -27.68
CA GLU F 259 -16.27 32.10 -26.53
C GLU F 259 -15.59 32.31 -25.18
N VAL F 260 -14.25 32.23 -25.15
CA VAL F 260 -13.51 32.28 -23.88
C VAL F 260 -13.56 33.66 -23.26
N TYR F 261 -13.77 34.67 -24.08
CA TYR F 261 -13.77 36.01 -23.59
C TYR F 261 -15.15 36.38 -22.94
N GLY F 262 -16.17 35.54 -23.08
CA GLY F 262 -17.48 35.88 -22.54
C GLY F 262 -17.48 35.94 -21.02
N ILE F 263 -18.06 36.98 -20.43
CA ILE F 263 -18.24 37.02 -18.97
C ILE F 263 -19.39 36.07 -18.59
N SER F 264 -19.16 35.18 -17.62
CA SER F 264 -20.19 34.24 -17.17
C SER F 264 -20.65 34.71 -15.79
N HIS F 265 -20.47 33.95 -14.71
CA HIS F 265 -21.04 34.38 -13.45
C HIS F 265 -20.38 35.54 -12.77
N ILE F 266 -21.20 36.24 -11.99
CA ILE F 266 -20.85 37.44 -11.20
C ILE F 266 -21.59 37.35 -9.85
N GLY F 267 -21.01 37.90 -8.79
CA GLY F 267 -21.54 37.71 -7.45
C GLY F 267 -20.49 38.05 -6.44
N TRP F 268 -20.75 37.73 -5.18
CA TRP F 268 -19.89 38.17 -4.11
C TRP F 268 -19.83 37.15 -3.03
N GLY F 269 -18.87 37.35 -2.15
CA GLY F 269 -18.47 36.37 -1.21
C GLY F 269 -18.93 36.74 0.17
N LEU F 270 -19.35 35.70 0.89
CA LEU F 270 -19.99 35.85 2.20
C LEU F 270 -19.33 35.01 3.27
N GLN F 271 -18.10 34.55 3.01
CA GLN F 271 -17.46 33.61 3.91
C GLN F 271 -16.32 34.23 4.69
N PRO F 272 -16.60 34.66 5.92
CA PRO F 272 -15.58 35.35 6.68
C PRO F 272 -14.45 34.44 7.20
N ARG F 273 -14.63 33.14 7.19
CA ARG F 273 -13.58 32.23 7.65
C ARG F 273 -12.61 31.88 6.48
N ALA F 274 -13.00 32.27 5.28
CA ALA F 274 -12.15 32.16 4.11
C ALA F 274 -11.34 33.42 4.18
N GLN F 275 -10.09 33.32 3.75
CA GLN F 275 -9.12 34.41 3.82
C GLN F 275 -8.38 34.56 2.49
N TRP F 276 -8.29 35.82 2.08
CA TRP F 276 -7.67 36.23 0.88
C TRP F 276 -6.20 35.86 0.93
N THR F 277 -5.61 35.74 2.12
CA THR F 277 -4.18 35.47 2.28
C THR F 277 -3.89 33.97 2.27
N ALA F 278 -4.91 33.15 2.27
CA ALA F 278 -4.69 31.71 2.39
C ALA F 278 -3.95 31.16 1.17
N MSE F 279 -4.17 31.71 0.00
CA MSE F 279 -3.67 31.09 -1.20
C MSE F 279 -2.16 31.03 -1.17
O MSE F 279 -1.60 30.03 -1.57
CB MSE F 279 -4.15 31.84 -2.41
CG MSE F 279 -3.68 31.20 -3.71
SE MSE F 279 -4.60 32.10 -5.20
CE MSE F 279 -3.65 33.82 -5.24
N GLY F 280 -1.51 32.07 -0.63
CA GLY F 280 -0.04 32.12 -0.51
C GLY F 280 0.59 31.25 0.58
N LEU F 281 -0.19 30.34 1.18
CA LEU F 281 0.32 29.36 2.13
C LEU F 281 0.21 27.93 1.60
N HIS F 282 -0.39 27.79 0.42
CA HIS F 282 -0.67 26.51 -0.20
C HIS F 282 0.06 26.37 -1.53
N ASP F 283 0.23 25.13 -1.96
CA ASP F 283 0.70 24.82 -3.31
C ASP F 283 -0.48 24.69 -4.25
N ARG F 284 -0.21 24.85 -5.54
CA ARG F 284 -1.25 24.80 -6.58
C ARG F 284 -2.04 23.49 -6.60
N ASN F 285 -1.39 22.35 -6.37
CA ASN F 285 -2.09 21.09 -6.45
C ASN F 285 -2.76 20.70 -5.14
N ASP F 286 -2.71 21.59 -4.13
CA ASP F 286 -3.42 21.32 -2.86
C ASP F 286 -4.93 21.24 -3.05
N GLY F 287 -5.44 22.16 -3.86
CA GLY F 287 -6.81 22.08 -4.34
C GLY F 287 -7.12 23.26 -5.26
N MSE F 288 -8.36 23.73 -5.18
CA MSE F 288 -8.84 24.82 -6.03
C MSE F 288 -9.07 26.19 -5.36
O MSE F 288 -9.53 27.14 -5.97
CB MSE F 288 -10.08 24.24 -6.64
CG MSE F 288 -11.26 24.28 -5.71
SE MSE F 288 -12.52 23.25 -6.79
CE MSE F 288 -13.71 24.76 -7.15
N CYS F 289 -8.68 26.32 -4.11
CA CYS F 289 -8.66 27.61 -3.46
C CYS F 289 -10.08 28.23 -3.29
N MSE F 290 -10.93 27.48 -2.63
CA MSE F 290 -12.20 28.04 -2.16
C MSE F 290 -12.01 29.32 -1.37
O MSE F 290 -12.82 30.20 -1.48
CB MSE F 290 -13.01 26.96 -1.45
CG MSE F 290 -13.38 25.85 -2.40
SE MSE F 290 -14.19 26.52 -4.06
CE MSE F 290 -15.69 27.40 -3.06
N ASP F 291 -10.91 29.47 -0.61
CA ASP F 291 -10.64 30.74 0.11
C ASP F 291 -10.69 31.97 -0.82
N ALA F 292 -10.21 31.81 -2.04
CA ALA F 292 -10.07 32.94 -2.95
C ALA F 292 -11.44 33.27 -3.50
N ARG F 293 -12.25 32.23 -3.72
CA ARG F 293 -13.56 32.40 -4.32
C ARG F 293 -14.60 32.92 -3.33
N ALA F 294 -14.45 32.57 -2.06
CA ALA F 294 -15.54 32.80 -1.13
C ALA F 294 -15.29 33.92 -0.14
N PHE F 295 -14.08 34.46 -0.06
CA PHE F 295 -13.82 35.38 1.03
C PHE F 295 -14.80 36.57 1.03
N TYR F 296 -15.09 36.99 2.26
CA TYR F 296 -16.10 38.01 2.62
C TYR F 296 -15.87 39.32 1.93
N GLY F 297 -16.84 39.69 1.10
CA GLY F 297 -16.79 40.97 0.46
C GLY F 297 -15.98 41.03 -0.81
N ASN F 298 -15.52 39.89 -1.31
CA ASN F 298 -14.94 39.88 -2.64
C ASN F 298 -16.01 40.16 -3.70
N PHE F 299 -15.58 40.62 -4.87
CA PHE F 299 -16.41 40.48 -6.03
C PHE F 299 -15.75 39.44 -6.91
N LEU F 300 -16.51 38.41 -7.27
CA LEU F 300 -16.03 37.32 -8.10
C LEU F 300 -16.80 37.29 -9.40
N PHE F 301 -16.06 37.37 -10.51
CA PHE F 301 -16.63 37.17 -11.83
C PHE F 301 -15.85 36.07 -12.54
N SER F 302 -16.43 35.54 -13.59
CA SER F 302 -15.84 34.40 -14.21
C SER F 302 -15.94 34.57 -15.71
N THR F 303 -15.24 33.73 -16.46
CA THR F 303 -15.34 33.76 -17.91
C THR F 303 -15.64 32.40 -18.50
N GLY F 304 -16.07 32.42 -19.76
CA GLY F 304 -16.17 31.22 -20.60
C GLY F 304 -17.55 30.54 -20.73
N PRO F 305 -17.62 29.22 -20.40
CA PRO F 305 -18.87 28.49 -20.51
C PRO F 305 -19.98 29.02 -19.57
N ASN F 306 -21.20 29.07 -20.10
CA ASN F 306 -22.42 29.32 -19.31
C ASN F 306 -23.57 28.36 -19.73
N THR F 307 -23.20 27.19 -20.25
CA THR F 307 -24.19 26.16 -20.61
C THR F 307 -24.84 25.56 -19.35
N GLU F 308 -24.21 25.72 -18.18
CA GLU F 308 -24.86 25.44 -16.88
C GLU F 308 -26.33 25.90 -16.84
N VAL F 309 -26.58 27.10 -17.39
CA VAL F 309 -27.88 27.77 -17.28
C VAL F 309 -28.50 28.14 -18.64
N GLY F 310 -28.33 27.24 -19.61
CA GLY F 310 -28.90 27.45 -20.94
C GLY F 310 -28.33 28.66 -21.68
N GLY F 311 -27.11 29.05 -21.36
CA GLY F 311 -26.39 30.03 -22.17
C GLY F 311 -25.83 29.33 -23.42
N LYS F 312 -25.41 30.13 -24.40
CA LYS F 312 -24.82 29.60 -25.65
C LYS F 312 -23.47 28.88 -25.47
N ARG F 313 -22.64 29.37 -24.56
CA ARG F 313 -21.21 29.09 -24.60
C ARG F 313 -20.84 27.78 -23.93
N LYS F 314 -20.25 26.86 -24.72
CA LYS F 314 -19.86 25.49 -24.26
C LYS F 314 -18.33 25.29 -24.11
N THR F 315 -17.58 26.38 -24.29
CA THR F 315 -16.12 26.36 -24.31
C THR F 315 -15.43 25.85 -23.03
N PRO F 316 -14.36 25.06 -23.17
CA PRO F 316 -13.64 24.55 -21.98
C PRO F 316 -12.95 25.61 -21.10
N CYS F 317 -12.64 26.77 -21.67
CA CYS F 317 -11.75 27.70 -21.01
C CYS F 317 -12.41 28.59 -19.97
N HIS F 318 -11.92 28.50 -18.73
CA HIS F 318 -12.65 28.97 -17.55
C HIS F 318 -11.75 29.59 -16.49
N LEU F 319 -11.95 30.88 -16.21
CA LEU F 319 -11.23 31.58 -15.14
C LEU F 319 -12.24 32.07 -14.11
N ASP F 320 -11.81 32.14 -12.85
CA ASP F 320 -12.59 32.75 -11.78
C ASP F 320 -11.66 33.75 -11.15
N ILE F 321 -12.10 34.99 -11.12
CA ILE F 321 -11.24 36.08 -10.75
C ILE F 321 -11.88 36.89 -9.61
N PRO F 322 -11.35 36.76 -8.40
CA PRO F 322 -11.83 37.64 -7.30
C PRO F 322 -11.12 38.96 -7.19
N LEU F 323 -11.93 40.00 -6.95
CA LEU F 323 -11.40 41.32 -6.72
C LEU F 323 -11.68 41.82 -5.29
N ARG F 324 -10.68 42.44 -4.70
CA ARG F 324 -10.75 43.10 -3.42
C ARG F 324 -11.18 44.58 -3.50
N ASN F 325 -11.65 45.09 -2.36
CA ASN F 325 -11.85 46.53 -2.13
C ASN F 325 -12.86 47.14 -3.12
N CYS F 326 -13.78 46.31 -3.63
CA CYS F 326 -14.80 46.75 -4.56
C CYS F 326 -16.06 47.30 -3.84
N ASP F 327 -16.74 48.19 -4.54
CA ASP F 327 -18.05 48.62 -4.19
C ASP F 327 -18.97 47.85 -5.13
N ILE F 328 -19.95 47.15 -4.58
CA ILE F 328 -20.88 46.40 -5.41
C ILE F 328 -22.27 46.94 -5.15
N TYR F 329 -23.03 47.21 -6.23
CA TYR F 329 -24.39 47.75 -6.17
C TYR F 329 -25.40 46.87 -6.91
N LEU F 330 -26.45 46.47 -6.20
CA LEU F 330 -27.60 45.80 -6.83
C LEU F 330 -28.64 46.88 -7.09
N ASP F 331 -29.11 46.96 -8.33
CA ASP F 331 -29.85 48.14 -8.77
C ASP F 331 -29.00 49.33 -8.35
N ASP F 332 -29.51 50.22 -7.51
CA ASP F 332 -28.72 51.38 -7.14
C ASP F 332 -28.31 51.36 -5.69
N LYS F 333 -28.53 50.21 -5.04
CA LYS F 333 -28.22 50.03 -3.62
C LYS F 333 -27.00 49.09 -3.38
N ALA F 334 -26.09 49.55 -2.54
CA ALA F 334 -24.85 48.87 -2.29
C ALA F 334 -25.02 47.64 -1.43
N VAL F 335 -24.49 46.49 -1.87
CA VAL F 335 -24.37 45.28 -1.03
C VAL F 335 -22.98 45.17 -0.39
N VAL F 336 -21.98 45.75 -1.04
CA VAL F 336 -20.63 45.79 -0.48
C VAL F 336 -19.99 47.16 -0.75
N LEU F 337 -19.33 47.73 0.26
CA LEU F 337 -18.53 48.94 0.11
C LEU F 337 -17.10 48.79 0.58
N ALA F 338 -16.18 49.06 -0.34
CA ALA F 338 -14.73 48.88 -0.11
C ALA F 338 -14.48 47.50 0.44
N GLY F 339 -14.98 46.50 -0.28
CA GLY F 339 -14.76 45.14 0.12
C GLY F 339 -15.23 44.79 1.51
N ASP F 340 -16.25 45.52 2.03
CA ASP F 340 -17.00 45.10 3.25
C ASP F 340 -18.50 44.92 3.00
N VAL F 341 -19.05 43.83 3.51
CA VAL F 341 -20.44 43.53 3.28
C VAL F 341 -21.25 44.49 4.16
N VAL F 342 -22.26 45.15 3.56
CA VAL F 342 -23.08 46.16 4.26
C VAL F 342 -24.57 45.90 4.16
N ALA F 343 -24.99 45.09 3.19
CA ALA F 343 -26.42 44.72 3.03
C ALA F 343 -26.64 43.44 2.22
N PRO F 344 -27.68 42.65 2.54
CA PRO F 344 -28.61 42.92 3.63
C PRO F 344 -27.93 42.75 4.94
N GLU F 345 -28.42 43.45 5.96
CA GLU F 345 -27.89 43.34 7.32
C GLU F 345 -27.92 41.91 7.87
N GLU F 346 -28.98 41.15 7.57
CA GLU F 346 -29.02 39.74 7.95
C GLU F 346 -27.89 38.88 7.35
N SER F 347 -27.25 39.35 6.27
CA SER F 347 -26.22 38.57 5.59
C SER F 347 -24.82 38.85 6.14
N ARG F 348 -24.70 39.84 7.01
CA ARG F 348 -23.39 40.23 7.55
C ARG F 348 -22.90 39.26 8.61
N ALA F 349 -21.60 39.26 8.85
CA ALA F 349 -20.96 38.44 9.89
C ALA F 349 -21.51 38.75 11.29
FE FE2 G . 12.95 -33.19 -7.11
FE FE2 H . 20.20 20.75 -21.05
FE FE2 I . -25.72 -25.96 -3.11
FE FE2 J . 10.35 31.57 15.56
FE FE2 K . -1.72 -23.39 27.77
FE FE2 L . -16.47 29.88 -12.77
#